data_7K3N
# 
_entry.id   7K3N 
# 
_audit_conform.dict_name       mmcif_pdbx.dic 
_audit_conform.dict_version    5.380 
_audit_conform.dict_location   http://mmcif.pdb.org/dictionaries/ascii/mmcif_pdbx.dic 
# 
loop_
_database_2.database_id 
_database_2.database_code 
_database_2.pdbx_database_accession 
_database_2.pdbx_DOI 
PDB   7K3N         pdb_00007k3n 10.2210/pdb7k3n/pdb 
WWPDB D_1000251825 ?            ?                   
# 
_pdbx_database_status.status_code                     REL 
_pdbx_database_status.status_code_sf                  REL 
_pdbx_database_status.status_code_mr                  ? 
_pdbx_database_status.entry_id                        7K3N 
_pdbx_database_status.recvd_initial_deposition_date   2020-09-11 
_pdbx_database_status.SG_entry                        N 
_pdbx_database_status.deposit_site                    RCSB 
_pdbx_database_status.process_site                    RCSB 
_pdbx_database_status.status_code_cs                  ? 
_pdbx_database_status.status_code_nmr_data            ? 
_pdbx_database_status.methods_development_category    ? 
_pdbx_database_status.pdb_format_compatible           Y 
# 
loop_
_audit_author.name 
_audit_author.pdbx_ordinal 
_audit_author.identifier_ORCID 
'Semper, C.'                                                    1 ? 
'Watanabe, N.'                                                  2 ? 
'Chang, C.'                                                     3 ? 
'Savchenko, A.'                                                 4 ? 
'Center for Structural Genomics of Infectious Diseases (CSGID)' 5 ? 
# 
_citation.abstract                  ? 
_citation.abstract_id_CAS           ? 
_citation.book_id_ISBN              ? 
_citation.book_publisher            ? 
_citation.book_publisher_city       ? 
_citation.book_title                ? 
_citation.coordinate_linkage        ? 
_citation.country                   US 
_citation.database_id_Medline       ? 
_citation.details                   ? 
_citation.id                        primary 
_citation.journal_abbrev            Iscience 
_citation.journal_id_ASTM           ? 
_citation.journal_id_CSD            ? 
_citation.journal_id_ISSN           2589-0042 
_citation.journal_full              ? 
_citation.journal_issue             ? 
_citation.journal_volume            24 
_citation.language                  ? 
_citation.page_first                101903 
_citation.page_last                 101903 
_citation.title                     'Structural characterization of nonstructural protein 1 from SARS-CoV-2.' 
_citation.year                      2021 
_citation.database_id_CSD           ? 
_citation.pdbx_database_id_DOI      10.1016/j.isci.2020.101903 
_citation.pdbx_database_id_PubMed   33319167 
_citation.unpublished_flag          ? 
# 
loop_
_citation_author.citation_id 
_citation_author.name 
_citation_author.ordinal 
_citation_author.identifier_ORCID 
primary 'Semper, C.'    1 ? 
primary 'Watanabe, N.'  2 ? 
primary 'Savchenko, A.' 3 ? 
# 
_cell.angle_alpha                  90.000 
_cell.angle_alpha_esd              ? 
_cell.angle_beta                   90.000 
_cell.angle_beta_esd               ? 
_cell.angle_gamma                  90.000 
_cell.angle_gamma_esd              ? 
_cell.entry_id                     7K3N 
_cell.details                      ? 
_cell.formula_units_Z              ? 
_cell.length_a                     37.007 
_cell.length_a_esd                 ? 
_cell.length_b                     37.007 
_cell.length_b_esd                 ? 
_cell.length_c                     144.758 
_cell.length_c_esd                 ? 
_cell.volume                       198248.694 
_cell.volume_esd                   ? 
_cell.Z_PDB                        8 
_cell.reciprocal_angle_alpha       ? 
_cell.reciprocal_angle_beta        ? 
_cell.reciprocal_angle_gamma       ? 
_cell.reciprocal_angle_alpha_esd   ? 
_cell.reciprocal_angle_beta_esd    ? 
_cell.reciprocal_angle_gamma_esd   ? 
_cell.reciprocal_length_a          ? 
_cell.reciprocal_length_b          ? 
_cell.reciprocal_length_c          ? 
_cell.reciprocal_length_a_esd      ? 
_cell.reciprocal_length_b_esd      ? 
_cell.reciprocal_length_c_esd      ? 
_cell.pdbx_unique_axis             ? 
# 
_symmetry.entry_id                         7K3N 
_symmetry.cell_setting                     ? 
_symmetry.Int_Tables_number                96 
_symmetry.space_group_name_Hall            'P 4nw 2abw' 
_symmetry.space_group_name_H-M             'P 43 21 2' 
_symmetry.pdbx_full_space_group_name_H-M   ? 
# 
loop_
_entity.id 
_entity.type 
_entity.src_method 
_entity.pdbx_description 
_entity.formula_weight 
_entity.pdbx_number_of_molecules 
_entity.pdbx_ec 
_entity.pdbx_mutation 
_entity.pdbx_fragment 
_entity.details 
1 polymer man 'Host translation inhibitor nsp1' 19801.287 1   ? ? ? ? 
2 water   nat water                             18.015    115 ? ? ? ? 
# 
_entity_name_com.entity_id   1 
_entity_name_com.name        'Non-structural protein 1' 
# 
_entity_poly.entity_id                      1 
_entity_poly.type                           'polypeptide(L)' 
_entity_poly.nstd_linkage                   no 
_entity_poly.nstd_monomer                   no 
_entity_poly.pdbx_seq_one_letter_code       
;MESLVPGFNEKTHVQLSLPVLQVRDVLVRGFGDSVEEVLSEARQHLKDGTCGLVEVEKGVLPQLEQPYVFIKRSDARTAP
HGHVMVELVAELEGIQYGRSGETLGVLVPHVGEIPVAYRKVLLRKNGNKGAGGHSYGADLKSFDLGDELGTDPYEDFQEN
WNTKHSSGVTRELMRELNGG
;
_entity_poly.pdbx_seq_one_letter_code_can   
;MESLVPGFNEKTHVQLSLPVLQVRDVLVRGFGDSVEEVLSEARQHLKDGTCGLVEVEKGVLPQLEQPYVFIKRSDARTAP
HGHVMVELVAELEGIQYGRSGETLGVLVPHVGEIPVAYRKVLLRKNGNKGAGGHSYGADLKSFDLGDELGTDPYEDFQEN
WNTKHSSGVTRELMRELNGG
;
_entity_poly.pdbx_strand_id                 A 
_entity_poly.pdbx_target_identifier         ? 
# 
loop_
_entity_poly_seq.entity_id 
_entity_poly_seq.num 
_entity_poly_seq.mon_id 
_entity_poly_seq.hetero 
1 1   MET n 
1 2   GLU n 
1 3   SER n 
1 4   LEU n 
1 5   VAL n 
1 6   PRO n 
1 7   GLY n 
1 8   PHE n 
1 9   ASN n 
1 10  GLU n 
1 11  LYS n 
1 12  THR n 
1 13  HIS n 
1 14  VAL n 
1 15  GLN n 
1 16  LEU n 
1 17  SER n 
1 18  LEU n 
1 19  PRO n 
1 20  VAL n 
1 21  LEU n 
1 22  GLN n 
1 23  VAL n 
1 24  ARG n 
1 25  ASP n 
1 26  VAL n 
1 27  LEU n 
1 28  VAL n 
1 29  ARG n 
1 30  GLY n 
1 31  PHE n 
1 32  GLY n 
1 33  ASP n 
1 34  SER n 
1 35  VAL n 
1 36  GLU n 
1 37  GLU n 
1 38  VAL n 
1 39  LEU n 
1 40  SER n 
1 41  GLU n 
1 42  ALA n 
1 43  ARG n 
1 44  GLN n 
1 45  HIS n 
1 46  LEU n 
1 47  LYS n 
1 48  ASP n 
1 49  GLY n 
1 50  THR n 
1 51  CYS n 
1 52  GLY n 
1 53  LEU n 
1 54  VAL n 
1 55  GLU n 
1 56  VAL n 
1 57  GLU n 
1 58  LYS n 
1 59  GLY n 
1 60  VAL n 
1 61  LEU n 
1 62  PRO n 
1 63  GLN n 
1 64  LEU n 
1 65  GLU n 
1 66  GLN n 
1 67  PRO n 
1 68  TYR n 
1 69  VAL n 
1 70  PHE n 
1 71  ILE n 
1 72  LYS n 
1 73  ARG n 
1 74  SER n 
1 75  ASP n 
1 76  ALA n 
1 77  ARG n 
1 78  THR n 
1 79  ALA n 
1 80  PRO n 
1 81  HIS n 
1 82  GLY n 
1 83  HIS n 
1 84  VAL n 
1 85  MET n 
1 86  VAL n 
1 87  GLU n 
1 88  LEU n 
1 89  VAL n 
1 90  ALA n 
1 91  GLU n 
1 92  LEU n 
1 93  GLU n 
1 94  GLY n 
1 95  ILE n 
1 96  GLN n 
1 97  TYR n 
1 98  GLY n 
1 99  ARG n 
1 100 SER n 
1 101 GLY n 
1 102 GLU n 
1 103 THR n 
1 104 LEU n 
1 105 GLY n 
1 106 VAL n 
1 107 LEU n 
1 108 VAL n 
1 109 PRO n 
1 110 HIS n 
1 111 VAL n 
1 112 GLY n 
1 113 GLU n 
1 114 ILE n 
1 115 PRO n 
1 116 VAL n 
1 117 ALA n 
1 118 TYR n 
1 119 ARG n 
1 120 LYS n 
1 121 VAL n 
1 122 LEU n 
1 123 LEU n 
1 124 ARG n 
1 125 LYS n 
1 126 ASN n 
1 127 GLY n 
1 128 ASN n 
1 129 LYS n 
1 130 GLY n 
1 131 ALA n 
1 132 GLY n 
1 133 GLY n 
1 134 HIS n 
1 135 SER n 
1 136 TYR n 
1 137 GLY n 
1 138 ALA n 
1 139 ASP n 
1 140 LEU n 
1 141 LYS n 
1 142 SER n 
1 143 PHE n 
1 144 ASP n 
1 145 LEU n 
1 146 GLY n 
1 147 ASP n 
1 148 GLU n 
1 149 LEU n 
1 150 GLY n 
1 151 THR n 
1 152 ASP n 
1 153 PRO n 
1 154 TYR n 
1 155 GLU n 
1 156 ASP n 
1 157 PHE n 
1 158 GLN n 
1 159 GLU n 
1 160 ASN n 
1 161 TRP n 
1 162 ASN n 
1 163 THR n 
1 164 LYS n 
1 165 HIS n 
1 166 SER n 
1 167 SER n 
1 168 GLY n 
1 169 VAL n 
1 170 THR n 
1 171 ARG n 
1 172 GLU n 
1 173 LEU n 
1 174 MET n 
1 175 ARG n 
1 176 GLU n 
1 177 LEU n 
1 178 ASN n 
1 179 GLY n 
1 180 GLY n 
# 
_entity_src_gen.entity_id                          1 
_entity_src_gen.pdbx_src_id                        1 
_entity_src_gen.pdbx_alt_source_flag               sample 
_entity_src_gen.pdbx_seq_type                      'Biological sequence' 
_entity_src_gen.pdbx_beg_seq_num                   1 
_entity_src_gen.pdbx_end_seq_num                   180 
_entity_src_gen.gene_src_common_name               2019-nCoV 
_entity_src_gen.gene_src_genus                     ? 
_entity_src_gen.pdbx_gene_src_gene                 'rep, 1a-1b' 
_entity_src_gen.gene_src_species                   ? 
_entity_src_gen.gene_src_strain                    ? 
_entity_src_gen.gene_src_tissue                    ? 
_entity_src_gen.gene_src_tissue_fraction           ? 
_entity_src_gen.gene_src_details                   ? 
_entity_src_gen.pdbx_gene_src_fragment             ? 
_entity_src_gen.pdbx_gene_src_scientific_name      'Severe acute respiratory syndrome coronavirus 2' 
_entity_src_gen.pdbx_gene_src_ncbi_taxonomy_id     2697049 
_entity_src_gen.pdbx_gene_src_variant              ? 
_entity_src_gen.pdbx_gene_src_cell_line            ? 
_entity_src_gen.pdbx_gene_src_atcc                 ? 
_entity_src_gen.pdbx_gene_src_organ                ? 
_entity_src_gen.pdbx_gene_src_organelle            ? 
_entity_src_gen.pdbx_gene_src_cell                 ? 
_entity_src_gen.pdbx_gene_src_cellular_location    ? 
_entity_src_gen.host_org_common_name               ? 
_entity_src_gen.pdbx_host_org_scientific_name      'Escherichia coli' 
_entity_src_gen.pdbx_host_org_ncbi_taxonomy_id     562 
_entity_src_gen.host_org_genus                     ? 
_entity_src_gen.pdbx_host_org_gene                 ? 
_entity_src_gen.pdbx_host_org_organ                ? 
_entity_src_gen.host_org_species                   ? 
_entity_src_gen.pdbx_host_org_tissue               ? 
_entity_src_gen.pdbx_host_org_tissue_fraction      ? 
_entity_src_gen.pdbx_host_org_strain               ? 
_entity_src_gen.pdbx_host_org_variant              ? 
_entity_src_gen.pdbx_host_org_cell_line            ? 
_entity_src_gen.pdbx_host_org_atcc                 ? 
_entity_src_gen.pdbx_host_org_culture_collection   ? 
_entity_src_gen.pdbx_host_org_cell                 ? 
_entity_src_gen.pdbx_host_org_organelle            ? 
_entity_src_gen.pdbx_host_org_cellular_location    ? 
_entity_src_gen.pdbx_host_org_vector_type          ? 
_entity_src_gen.pdbx_host_org_vector               ? 
_entity_src_gen.host_org_details                   ? 
_entity_src_gen.expression_system_id               ? 
_entity_src_gen.plasmid_name                       ? 
_entity_src_gen.plasmid_details                    ? 
_entity_src_gen.pdbx_description                   ? 
# 
_struct_ref.id                         1 
_struct_ref.db_name                    UNP 
_struct_ref.db_code                    R1AB_SARS2 
_struct_ref.pdbx_db_accession          P0DTD1 
_struct_ref.pdbx_db_isoform            ? 
_struct_ref.entity_id                  1 
_struct_ref.pdbx_seq_one_letter_code   
;MESLVPGFNEKTHVQLSLPVLQVRDVLVRGFGDSVEEVLSEARQHLKDGTCGLVEVEKGVLPQLEQPYVFIKRSDARTAP
HGHVMVELVAELEGIQYGRSGETLGVLVPHVGEIPVAYRKVLLRKNGNKGAGGHSYGADLKSFDLGDELGTDPYEDFQEN
WNTKHSSGVTRELMRELNGG
;
_struct_ref.pdbx_align_begin           1 
# 
_struct_ref_seq.align_id                      1 
_struct_ref_seq.ref_id                        1 
_struct_ref_seq.pdbx_PDB_id_code              7K3N 
_struct_ref_seq.pdbx_strand_id                A 
_struct_ref_seq.seq_align_beg                 1 
_struct_ref_seq.pdbx_seq_align_beg_ins_code   ? 
_struct_ref_seq.seq_align_end                 180 
_struct_ref_seq.pdbx_seq_align_end_ins_code   ? 
_struct_ref_seq.pdbx_db_accession             P0DTD1 
_struct_ref_seq.db_align_beg                  1 
_struct_ref_seq.pdbx_db_align_beg_ins_code    ? 
_struct_ref_seq.db_align_end                  180 
_struct_ref_seq.pdbx_db_align_end_ins_code    ? 
_struct_ref_seq.pdbx_auth_seq_align_beg       -8 
_struct_ref_seq.pdbx_auth_seq_align_end       171 
# 
loop_
_chem_comp.id 
_chem_comp.type 
_chem_comp.mon_nstd_flag 
_chem_comp.name 
_chem_comp.pdbx_synonyms 
_chem_comp.formula 
_chem_comp.formula_weight 
ALA 'L-peptide linking' y ALANINE         ? 'C3 H7 N O2'     89.093  
ARG 'L-peptide linking' y ARGININE        ? 'C6 H15 N4 O2 1' 175.209 
ASN 'L-peptide linking' y ASPARAGINE      ? 'C4 H8 N2 O3'    132.118 
ASP 'L-peptide linking' y 'ASPARTIC ACID' ? 'C4 H7 N O4'     133.103 
CYS 'L-peptide linking' y CYSTEINE        ? 'C3 H7 N O2 S'   121.158 
GLN 'L-peptide linking' y GLUTAMINE       ? 'C5 H10 N2 O3'   146.144 
GLU 'L-peptide linking' y 'GLUTAMIC ACID' ? 'C5 H9 N O4'     147.129 
GLY 'peptide linking'   y GLYCINE         ? 'C2 H5 N O2'     75.067  
HIS 'L-peptide linking' y HISTIDINE       ? 'C6 H10 N3 O2 1' 156.162 
HOH non-polymer         . WATER           ? 'H2 O'           18.015  
ILE 'L-peptide linking' y ISOLEUCINE      ? 'C6 H13 N O2'    131.173 
LEU 'L-peptide linking' y LEUCINE         ? 'C6 H13 N O2'    131.173 
LYS 'L-peptide linking' y LYSINE          ? 'C6 H15 N2 O2 1' 147.195 
MET 'L-peptide linking' y METHIONINE      ? 'C5 H11 N O2 S'  149.211 
PHE 'L-peptide linking' y PHENYLALANINE   ? 'C9 H11 N O2'    165.189 
PRO 'L-peptide linking' y PROLINE         ? 'C5 H9 N O2'     115.130 
SER 'L-peptide linking' y SERINE          ? 'C3 H7 N O3'     105.093 
THR 'L-peptide linking' y THREONINE       ? 'C4 H9 N O3'     119.119 
TRP 'L-peptide linking' y TRYPTOPHAN      ? 'C11 H12 N2 O2'  204.225 
TYR 'L-peptide linking' y TYROSINE        ? 'C9 H11 N O3'    181.189 
VAL 'L-peptide linking' y VALINE          ? 'C5 H11 N O2'    117.146 
# 
_exptl.absorpt_coefficient_mu     ? 
_exptl.absorpt_correction_T_max   ? 
_exptl.absorpt_correction_T_min   ? 
_exptl.absorpt_correction_type    ? 
_exptl.absorpt_process_details    ? 
_exptl.entry_id                   7K3N 
_exptl.crystals_number            1 
_exptl.details                    ? 
_exptl.method                     'X-RAY DIFFRACTION' 
_exptl.method_details             ? 
# 
_exptl_crystal.colour                      ? 
_exptl_crystal.density_diffrn              ? 
_exptl_crystal.density_Matthews            ? 
_exptl_crystal.density_method              ? 
_exptl_crystal.density_percent_sol         ? 
_exptl_crystal.description                 ? 
_exptl_crystal.F_000                       ? 
_exptl_crystal.id                          1 
_exptl_crystal.preparation                 ? 
_exptl_crystal.size_max                    ? 
_exptl_crystal.size_mid                    ? 
_exptl_crystal.size_min                    ? 
_exptl_crystal.size_rad                    ? 
_exptl_crystal.colour_lustre               ? 
_exptl_crystal.colour_modifier             ? 
_exptl_crystal.colour_primary              ? 
_exptl_crystal.density_meas                ? 
_exptl_crystal.density_meas_esd            ? 
_exptl_crystal.density_meas_gt             ? 
_exptl_crystal.density_meas_lt             ? 
_exptl_crystal.density_meas_temp           ? 
_exptl_crystal.density_meas_temp_esd       ? 
_exptl_crystal.density_meas_temp_gt        ? 
_exptl_crystal.density_meas_temp_lt        ? 
_exptl_crystal.pdbx_crystal_image_url      ? 
_exptl_crystal.pdbx_crystal_image_format   ? 
_exptl_crystal.pdbx_mosaicity              ? 
_exptl_crystal.pdbx_mosaicity_esd          ? 
# 
_exptl_crystal_grow.apparatus       ? 
_exptl_crystal_grow.atmosphere      ? 
_exptl_crystal_grow.crystal_id      1 
_exptl_crystal_grow.details         ? 
_exptl_crystal_grow.method          'VAPOR DIFFUSION, SITTING DROP' 
_exptl_crystal_grow.method_ref      ? 
_exptl_crystal_grow.pH              ? 
_exptl_crystal_grow.pressure        ? 
_exptl_crystal_grow.pressure_esd    ? 
_exptl_crystal_grow.seeding         ? 
_exptl_crystal_grow.seeding_ref     ? 
_exptl_crystal_grow.temp            292.15 
_exptl_crystal_grow.temp_details    ? 
_exptl_crystal_grow.temp_esd        ? 
_exptl_crystal_grow.time            ? 
_exptl_crystal_grow.pdbx_details    '0.2 M sodium formate, 20% PEG3350' 
_exptl_crystal_grow.pdbx_pH_range   ? 
# 
_diffrn.ambient_environment              ? 
_diffrn.ambient_temp                     93.15 
_diffrn.ambient_temp_details             ? 
_diffrn.ambient_temp_esd                 ? 
_diffrn.crystal_id                       1 
_diffrn.crystal_support                  ? 
_diffrn.crystal_treatment                ? 
_diffrn.details                          ? 
_diffrn.id                               1 
_diffrn.ambient_pressure                 ? 
_diffrn.ambient_pressure_esd             ? 
_diffrn.ambient_pressure_gt              ? 
_diffrn.ambient_pressure_lt              ? 
_diffrn.ambient_temp_gt                  ? 
_diffrn.ambient_temp_lt                  ? 
_diffrn.pdbx_serial_crystal_experiment   N 
# 
_diffrn_detector.details                      ? 
_diffrn_detector.detector                     PIXEL 
_diffrn_detector.diffrn_id                    1 
_diffrn_detector.type                         'DECTRIS PILATUS3 6M' 
_diffrn_detector.area_resol_mean              ? 
_diffrn_detector.dtime                        ? 
_diffrn_detector.pdbx_frames_total            ? 
_diffrn_detector.pdbx_collection_time_total   ? 
_diffrn_detector.pdbx_collection_date         2020-07-19 
_diffrn_detector.pdbx_frequency               ? 
# 
_diffrn_radiation.collimation                      ? 
_diffrn_radiation.diffrn_id                        1 
_diffrn_radiation.filter_edge                      ? 
_diffrn_radiation.inhomogeneity                    ? 
_diffrn_radiation.monochromator                    ? 
_diffrn_radiation.polarisn_norm                    ? 
_diffrn_radiation.polarisn_ratio                   ? 
_diffrn_radiation.probe                            ? 
_diffrn_radiation.type                             ? 
_diffrn_radiation.xray_symbol                      ? 
_diffrn_radiation.wavelength_id                    1 
_diffrn_radiation.pdbx_monochromatic_or_laue_m_l   M 
_diffrn_radiation.pdbx_wavelength_list             ? 
_diffrn_radiation.pdbx_wavelength                  ? 
_diffrn_radiation.pdbx_diffrn_protocol             'SINGLE WAVELENGTH' 
_diffrn_radiation.pdbx_analyzer                    ? 
_diffrn_radiation.pdbx_scattering_type             x-ray 
# 
_diffrn_radiation_wavelength.id           1 
_diffrn_radiation_wavelength.wavelength   0.97913 
_diffrn_radiation_wavelength.wt           1.0 
# 
_diffrn_source.current                     ? 
_diffrn_source.details                     ? 
_diffrn_source.diffrn_id                   1 
_diffrn_source.power                       ? 
_diffrn_source.size                        ? 
_diffrn_source.source                      SYNCHROTRON 
_diffrn_source.target                      ? 
_diffrn_source.type                        'APS BEAMLINE 19-ID' 
_diffrn_source.voltage                     ? 
_diffrn_source.take-off_angle              ? 
_diffrn_source.pdbx_wavelength_list        0.97913 
_diffrn_source.pdbx_wavelength             ? 
_diffrn_source.pdbx_synchrotron_beamline   19-ID 
_diffrn_source.pdbx_synchrotron_site       APS 
# 
_reflns.B_iso_Wilson_estimate            13.37 
_reflns.entry_id                         7K3N 
_reflns.data_reduction_details           ? 
_reflns.data_reduction_method            ? 
_reflns.d_resolution_high                1.65 
_reflns.d_resolution_low                 50 
_reflns.details                          ? 
_reflns.limit_h_max                      ? 
_reflns.limit_h_min                      ? 
_reflns.limit_k_max                      ? 
_reflns.limit_k_min                      ? 
_reflns.limit_l_max                      ? 
_reflns.limit_l_min                      ? 
_reflns.number_all                       ? 
_reflns.number_obs                       13023 
_reflns.observed_criterion               ? 
_reflns.observed_criterion_F_max         ? 
_reflns.observed_criterion_F_min         ? 
_reflns.observed_criterion_I_max         ? 
_reflns.observed_criterion_I_min         ? 
_reflns.observed_criterion_sigma_F       ? 
_reflns.observed_criterion_sigma_I       ? 
_reflns.percent_possible_obs             99.8 
_reflns.R_free_details                   ? 
_reflns.Rmerge_F_all                     ? 
_reflns.Rmerge_F_obs                     ? 
_reflns.Friedel_coverage                 ? 
_reflns.number_gt                        ? 
_reflns.threshold_expression             ? 
_reflns.pdbx_redundancy                  8.2 
_reflns.pdbx_Rmerge_I_obs                ? 
_reflns.pdbx_Rmerge_I_all                ? 
_reflns.pdbx_Rsym_value                  ? 
_reflns.pdbx_netI_over_av_sigmaI         ? 
_reflns.pdbx_netI_over_sigmaI            35.6 
_reflns.pdbx_res_netI_over_av_sigmaI_2   ? 
_reflns.pdbx_res_netI_over_sigmaI_2      ? 
_reflns.pdbx_chi_squared                 ? 
_reflns.pdbx_scaling_rejects             ? 
_reflns.pdbx_d_res_high_opt              ? 
_reflns.pdbx_d_res_low_opt               ? 
_reflns.pdbx_d_res_opt_method            ? 
_reflns.phase_calculation_details        ? 
_reflns.pdbx_Rrim_I_all                  ? 
_reflns.pdbx_Rpim_I_all                  ? 
_reflns.pdbx_d_opt                       ? 
_reflns.pdbx_number_measured_all         ? 
_reflns.pdbx_diffrn_id                   1 
_reflns.pdbx_ordinal                     1 
_reflns.pdbx_CC_half                     0.997 
_reflns.pdbx_CC_star                     ? 
_reflns.pdbx_R_split                     ? 
# 
_reflns_shell.d_res_high                  1.65 
_reflns_shell.d_res_low                   1.68 
_reflns_shell.meanI_over_sigI_all         ? 
_reflns_shell.meanI_over_sigI_obs         ? 
_reflns_shell.number_measured_all         ? 
_reflns_shell.number_measured_obs         ? 
_reflns_shell.number_possible             ? 
_reflns_shell.number_unique_all           ? 
_reflns_shell.number_unique_obs           642 
_reflns_shell.percent_possible_all        ? 
_reflns_shell.percent_possible_obs        ? 
_reflns_shell.Rmerge_F_all                ? 
_reflns_shell.Rmerge_F_obs                ? 
_reflns_shell.Rmerge_I_all                ? 
_reflns_shell.Rmerge_I_obs                ? 
_reflns_shell.meanI_over_sigI_gt          ? 
_reflns_shell.meanI_over_uI_all           ? 
_reflns_shell.meanI_over_uI_gt            ? 
_reflns_shell.number_measured_gt          ? 
_reflns_shell.number_unique_gt            ? 
_reflns_shell.percent_possible_gt         ? 
_reflns_shell.Rmerge_F_gt                 ? 
_reflns_shell.Rmerge_I_gt                 ? 
_reflns_shell.pdbx_redundancy             ? 
_reflns_shell.pdbx_Rsym_value             ? 
_reflns_shell.pdbx_chi_squared            ? 
_reflns_shell.pdbx_netI_over_sigmaI_all   ? 
_reflns_shell.pdbx_netI_over_sigmaI_obs   ? 
_reflns_shell.pdbx_Rrim_I_all             ? 
_reflns_shell.pdbx_Rpim_I_all             ? 
_reflns_shell.pdbx_rejects                ? 
_reflns_shell.pdbx_ordinal                1 
_reflns_shell.pdbx_diffrn_id              1 
_reflns_shell.pdbx_CC_half                0.690 
_reflns_shell.pdbx_CC_star                ? 
_reflns_shell.pdbx_R_split                ? 
# 
_refine.aniso_B[1][1]                            ? 
_refine.aniso_B[1][2]                            ? 
_refine.aniso_B[1][3]                            ? 
_refine.aniso_B[2][2]                            ? 
_refine.aniso_B[2][3]                            ? 
_refine.aniso_B[3][3]                            ? 
_refine.B_iso_max                                ? 
_refine.B_iso_mean                               20.70 
_refine.B_iso_min                                ? 
_refine.correlation_coeff_Fo_to_Fc               ? 
_refine.correlation_coeff_Fo_to_Fc_free          ? 
_refine.details                                  ? 
_refine.diff_density_max                         ? 
_refine.diff_density_max_esd                     ? 
_refine.diff_density_min                         ? 
_refine.diff_density_min_esd                     ? 
_refine.diff_density_rms                         ? 
_refine.diff_density_rms_esd                     ? 
_refine.entry_id                                 7K3N 
_refine.pdbx_refine_id                           'X-RAY DIFFRACTION' 
_refine.ls_abs_structure_details                 ? 
_refine.ls_abs_structure_Flack                   ? 
_refine.ls_abs_structure_Flack_esd               ? 
_refine.ls_abs_structure_Rogers                  ? 
_refine.ls_abs_structure_Rogers_esd              ? 
_refine.ls_d_res_high                            1.65 
_refine.ls_d_res_low                             32.95 
_refine.ls_extinction_coef                       ? 
_refine.ls_extinction_coef_esd                   ? 
_refine.ls_extinction_expression                 ? 
_refine.ls_extinction_method                     ? 
_refine.ls_goodness_of_fit_all                   ? 
_refine.ls_goodness_of_fit_all_esd               ? 
_refine.ls_goodness_of_fit_obs                   ? 
_refine.ls_goodness_of_fit_obs_esd               ? 
_refine.ls_hydrogen_treatment                    ? 
_refine.ls_matrix_type                           ? 
_refine.ls_number_constraints                    ? 
_refine.ls_number_parameters                     ? 
_refine.ls_number_reflns_all                     ? 
_refine.ls_number_reflns_obs                     12884 
_refine.ls_number_reflns_R_free                  1289 
_refine.ls_number_reflns_R_work                  11595 
_refine.ls_number_restraints                     ? 
_refine.ls_percent_reflns_obs                    99.28 
_refine.ls_percent_reflns_R_free                 10.00 
_refine.ls_R_factor_all                          ? 
_refine.ls_R_factor_obs                          0.2076 
_refine.ls_R_factor_R_free                       0.2482 
_refine.ls_R_factor_R_free_error                 ? 
_refine.ls_R_factor_R_free_error_details         ? 
_refine.ls_R_factor_R_work                       0.2030 
_refine.ls_R_Fsqd_factor_obs                     ? 
_refine.ls_R_I_factor_obs                        ? 
_refine.ls_redundancy_reflns_all                 ? 
_refine.ls_redundancy_reflns_obs                 ? 
_refine.ls_restrained_S_all                      ? 
_refine.ls_restrained_S_obs                      ? 
_refine.ls_shift_over_esd_max                    ? 
_refine.ls_shift_over_esd_mean                   ? 
_refine.ls_structure_factor_coef                 ? 
_refine.ls_weighting_details                     ? 
_refine.ls_weighting_scheme                      ? 
_refine.ls_wR_factor_all                         ? 
_refine.ls_wR_factor_obs                         ? 
_refine.ls_wR_factor_R_free                      ? 
_refine.ls_wR_factor_R_work                      ? 
_refine.occupancy_max                            ? 
_refine.occupancy_min                            ? 
_refine.solvent_model_details                    'FLAT BULK SOLVENT MODEL' 
_refine.solvent_model_param_bsol                 ? 
_refine.solvent_model_param_ksol                 ? 
_refine.pdbx_R_complete                          ? 
_refine.ls_R_factor_gt                           ? 
_refine.ls_goodness_of_fit_gt                    ? 
_refine.ls_goodness_of_fit_ref                   ? 
_refine.ls_shift_over_su_max                     ? 
_refine.ls_shift_over_su_max_lt                  ? 
_refine.ls_shift_over_su_mean                    ? 
_refine.ls_shift_over_su_mean_lt                 ? 
_refine.pdbx_ls_sigma_I                          ? 
_refine.pdbx_ls_sigma_F                          1.35 
_refine.pdbx_ls_sigma_Fsqd                       ? 
_refine.pdbx_data_cutoff_high_absF               ? 
_refine.pdbx_data_cutoff_high_rms_absF           ? 
_refine.pdbx_data_cutoff_low_absF                ? 
_refine.pdbx_isotropic_thermal_model             ? 
_refine.pdbx_ls_cross_valid_method               'FREE R-VALUE' 
_refine.pdbx_method_to_determine_struct          'MOLECULAR REPLACEMENT' 
_refine.pdbx_starting_model                      2HSX 
_refine.pdbx_stereochemistry_target_values       'GeoStd + Monomer Library + CDL v1.2' 
_refine.pdbx_R_Free_selection_details            ? 
_refine.pdbx_stereochem_target_val_spec_case     ? 
_refine.pdbx_overall_ESU_R                       ? 
_refine.pdbx_overall_ESU_R_Free                  ? 
_refine.pdbx_solvent_vdw_probe_radii             1.1100 
_refine.pdbx_solvent_ion_probe_radii             ? 
_refine.pdbx_solvent_shrinkage_radii             0.9000 
_refine.pdbx_real_space_R                        ? 
_refine.pdbx_density_correlation                 ? 
_refine.pdbx_pd_number_of_powder_patterns        ? 
_refine.pdbx_pd_number_of_points                 ? 
_refine.pdbx_pd_meas_number_of_points            ? 
_refine.pdbx_pd_proc_ls_prof_R_factor            ? 
_refine.pdbx_pd_proc_ls_prof_wR_factor           ? 
_refine.pdbx_pd_Marquardt_correlation_coeff      ? 
_refine.pdbx_pd_Fsqrd_R_factor                   ? 
_refine.pdbx_pd_ls_matrix_band_width             ? 
_refine.pdbx_overall_phase_error                 22.9314 
_refine.pdbx_overall_SU_R_free_Cruickshank_DPI   ? 
_refine.pdbx_overall_SU_R_free_Blow_DPI          ? 
_refine.pdbx_overall_SU_R_Blow_DPI               ? 
_refine.pdbx_TLS_residual_ADP_flag               ? 
_refine.pdbx_diffrn_id                           1 
_refine.overall_SU_B                             ? 
_refine.overall_SU_ML                            0.1770 
_refine.overall_SU_R_Cruickshank_DPI             ? 
_refine.overall_SU_R_free                        ? 
_refine.overall_FOM_free_R_set                   ? 
_refine.overall_FOM_work_R_set                   ? 
_refine.pdbx_average_fsc_overall                 ? 
_refine.pdbx_average_fsc_work                    ? 
_refine.pdbx_average_fsc_free                    ? 
# 
_refine_hist.pdbx_refine_id                   'X-RAY DIFFRACTION' 
_refine_hist.cycle_id                         LAST 
_refine_hist.details                          ? 
_refine_hist.d_res_high                       1.65 
_refine_hist.d_res_low                        32.95 
_refine_hist.number_atoms_solvent             115 
_refine_hist.number_atoms_total               939 
_refine_hist.number_reflns_all                ? 
_refine_hist.number_reflns_obs                ? 
_refine_hist.number_reflns_R_free             ? 
_refine_hist.number_reflns_R_work             ? 
_refine_hist.R_factor_all                     ? 
_refine_hist.R_factor_obs                     ? 
_refine_hist.R_factor_R_free                  ? 
_refine_hist.R_factor_R_work                  ? 
_refine_hist.pdbx_number_residues_total       ? 
_refine_hist.pdbx_B_iso_mean_ligand           ? 
_refine_hist.pdbx_B_iso_mean_solvent          ? 
_refine_hist.pdbx_number_atoms_protein        824 
_refine_hist.pdbx_number_atoms_nucleic_acid   0 
_refine_hist.pdbx_number_atoms_ligand         0 
_refine_hist.pdbx_number_atoms_lipid          ? 
_refine_hist.pdbx_number_atoms_carb           ? 
_refine_hist.pdbx_pseudo_atom_details         ? 
# 
loop_
_refine_ls_restr.pdbx_refine_id 
_refine_ls_restr.criterion 
_refine_ls_restr.dev_ideal 
_refine_ls_restr.dev_ideal_target 
_refine_ls_restr.number 
_refine_ls_restr.rejects 
_refine_ls_restr.type 
_refine_ls_restr.weight 
_refine_ls_restr.pdbx_restraint_function 
'X-RAY DIFFRACTION' ? 0.0060  ? 840  ? f_bond_d           ? ? 
'X-RAY DIFFRACTION' ? 0.8724  ? 1137 ? f_angle_d          ? ? 
'X-RAY DIFFRACTION' ? 0.0569  ? 136  ? f_chiral_restr     ? ? 
'X-RAY DIFFRACTION' ? 0.0042  ? 146  ? f_plane_restr      ? ? 
'X-RAY DIFFRACTION' ? 17.6424 ? 116  ? f_dihedral_angle_d ? ? 
# 
loop_
_refine_ls_shell.pdbx_refine_id 
_refine_ls_shell.d_res_high 
_refine_ls_shell.d_res_low 
_refine_ls_shell.number_reflns_all 
_refine_ls_shell.number_reflns_obs 
_refine_ls_shell.number_reflns_R_free 
_refine_ls_shell.number_reflns_R_work 
_refine_ls_shell.percent_reflns_obs 
_refine_ls_shell.percent_reflns_R_free 
_refine_ls_shell.R_factor_all 
_refine_ls_shell.R_factor_obs 
_refine_ls_shell.R_factor_R_free 
_refine_ls_shell.R_factor_R_free_error 
_refine_ls_shell.R_factor_R_work 
_refine_ls_shell.redundancy_reflns_all 
_refine_ls_shell.redundancy_reflns_obs 
_refine_ls_shell.wR_factor_all 
_refine_ls_shell.wR_factor_obs 
_refine_ls_shell.wR_factor_R_free 
_refine_ls_shell.wR_factor_R_work 
_refine_ls_shell.pdbx_R_complete 
_refine_ls_shell.pdbx_total_number_of_bins_used 
_refine_ls_shell.pdbx_phase_error 
_refine_ls_shell.pdbx_fsc_work 
_refine_ls_shell.pdbx_fsc_free 
'X-RAY DIFFRACTION' 1.65 1.71  . . 131 1177 94.17  . . . 0.2571 . 0.2429 . . . . . . . . . . . 
'X-RAY DIFFRACTION' 1.71 1.79  . . 140 1257 99.57  . . . 0.2967 . 0.2223 . . . . . . . . . . . 
'X-RAY DIFFRACTION' 1.79 1.89  . . 140 1260 99.93  . . . 0.2825 . 0.2264 . . . . . . . . . . . 
'X-RAY DIFFRACTION' 1.89 2.00  . . 140 1265 100.00 . . . 0.2363 . 0.2133 . . . . . . . . . . . 
'X-RAY DIFFRACTION' 2.01 2.16  . . 142 1284 99.86  . . . 0.2661 . 0.2033 . . . . . . . . . . . 
'X-RAY DIFFRACTION' 2.16 2.38  . . 144 1288 100.00 . . . 0.2819 . 0.2017 . . . . . . . . . . . 
'X-RAY DIFFRACTION' 2.38 2.72  . . 143 1296 100.00 . . . 0.2558 . 0.2065 . . . . . . . . . . . 
'X-RAY DIFFRACTION' 2.72 3.43  . . 149 1335 100.00 . . . 0.2253 . 0.2028 . . . . . . . . . . . 
'X-RAY DIFFRACTION' 3.43 32.95 . . 160 1433 99.87  . . . 0.2263 . 0.1844 . . . . . . . . . . . 
# 
_struct.entry_id                     7K3N 
_struct.title                        'Crystal Structure of NSP1 from SARS-CoV-2' 
_struct.pdbx_model_details           ? 
_struct.pdbx_formula_weight          ? 
_struct.pdbx_formula_weight_method   ? 
_struct.pdbx_model_type_details      ? 
_struct.pdbx_CASP_flag               N 
# 
_struct_keywords.entry_id        7K3N 
_struct_keywords.text            'SARS-CoV2, NSP1, Non-structural protein 1, COVID19, viral protein' 
_struct_keywords.pdbx_keywords   'VIRAL PROTEIN' 
# 
loop_
_struct_asym.id 
_struct_asym.pdbx_blank_PDB_chainid_flag 
_struct_asym.pdbx_modified 
_struct_asym.entity_id 
_struct_asym.details 
A N N 1 ? 
B N N 2 ? 
# 
loop_
_struct_conf.conf_type_id 
_struct_conf.id 
_struct_conf.pdbx_PDB_helix_id 
_struct_conf.beg_label_comp_id 
_struct_conf.beg_label_asym_id 
_struct_conf.beg_label_seq_id 
_struct_conf.pdbx_beg_PDB_ins_code 
_struct_conf.end_label_comp_id 
_struct_conf.end_label_asym_id 
_struct_conf.end_label_seq_id 
_struct_conf.pdbx_end_PDB_ins_code 
_struct_conf.beg_auth_comp_id 
_struct_conf.beg_auth_asym_id 
_struct_conf.beg_auth_seq_id 
_struct_conf.end_auth_comp_id 
_struct_conf.end_auth_asym_id 
_struct_conf.end_auth_seq_id 
_struct_conf.pdbx_PDB_helix_class 
_struct_conf.details 
_struct_conf.pdbx_PDB_helix_length 
HELX_P HELX_P1 AA1 GLN A 22 ? VAL A 26 ? GLN A 13 VAL A 17 5 ? 5  
HELX_P HELX_P2 AA2 SER A 34 ? GLY A 49 ? SER A 25 GLY A 40 1 ? 16 
HELX_P HELX_P3 AA3 VAL A 60 ? LEU A 64 ? VAL A 51 LEU A 55 5 ? 5  
# 
_struct_conf_type.id          HELX_P 
_struct_conf_type.criteria    ? 
_struct_conf_type.reference   ? 
# 
_struct_mon_prot_cis.pdbx_id                1 
_struct_mon_prot_cis.label_comp_id          GLN 
_struct_mon_prot_cis.label_seq_id           66 
_struct_mon_prot_cis.label_asym_id          A 
_struct_mon_prot_cis.label_alt_id           . 
_struct_mon_prot_cis.pdbx_PDB_ins_code      ? 
_struct_mon_prot_cis.auth_comp_id           GLN 
_struct_mon_prot_cis.auth_seq_id            57 
_struct_mon_prot_cis.auth_asym_id           A 
_struct_mon_prot_cis.pdbx_label_comp_id_2   PRO 
_struct_mon_prot_cis.pdbx_label_seq_id_2    67 
_struct_mon_prot_cis.pdbx_label_asym_id_2   A 
_struct_mon_prot_cis.pdbx_PDB_ins_code_2    ? 
_struct_mon_prot_cis.pdbx_auth_comp_id_2    PRO 
_struct_mon_prot_cis.pdbx_auth_seq_id_2     58 
_struct_mon_prot_cis.pdbx_auth_asym_id_2    A 
_struct_mon_prot_cis.pdbx_PDB_model_num     1 
_struct_mon_prot_cis.pdbx_omega_angle       -7.41 
# 
_struct_sheet.id               AA1 
_struct_sheet.type             ? 
_struct_sheet.number_strands   8 
_struct_sheet.details          ? 
# 
loop_
_struct_sheet_order.sheet_id 
_struct_sheet_order.range_id_1 
_struct_sheet_order.range_id_2 
_struct_sheet_order.offset 
_struct_sheet_order.sense 
AA1 1 2 ? anti-parallel 
AA1 2 3 ? parallel      
AA1 3 4 ? anti-parallel 
AA1 4 5 ? parallel      
AA1 5 6 ? anti-parallel 
AA1 6 7 ? anti-parallel 
AA1 7 8 ? anti-parallel 
# 
loop_
_struct_sheet_range.sheet_id 
_struct_sheet_range.id 
_struct_sheet_range.beg_label_comp_id 
_struct_sheet_range.beg_label_asym_id 
_struct_sheet_range.beg_label_seq_id 
_struct_sheet_range.pdbx_beg_PDB_ins_code 
_struct_sheet_range.end_label_comp_id 
_struct_sheet_range.end_label_asym_id 
_struct_sheet_range.end_label_seq_id 
_struct_sheet_range.pdbx_end_PDB_ins_code 
_struct_sheet_range.beg_auth_comp_id 
_struct_sheet_range.beg_auth_asym_id 
_struct_sheet_range.beg_auth_seq_id 
_struct_sheet_range.end_auth_comp_id 
_struct_sheet_range.end_auth_asym_id 
_struct_sheet_range.end_auth_seq_id 
AA1 1 ILE A 95  ? TYR A 97  ? ILE A 86  TYR A 88  
AA1 2 VAL A 84  ? LEU A 92  ? VAL A 75  LEU A 83  
AA1 3 ALA A 117 ? LEU A 123 ? ALA A 108 LEU A 114 
AA1 4 GLN A 15  ? VAL A 20  ? GLN A 6   VAL A 11  
AA1 5 CYS A 51  ? VAL A 54  ? CYS A 42  VAL A 45  
AA1 6 THR A 103 ? PRO A 109 ? THR A 94  PRO A 100 
AA1 7 TYR A 68  ? ARG A 73  ? TYR A 59  ARG A 64  
AA1 8 VAL A 84  ? LEU A 92  ? VAL A 75  LEU A 83  
# 
loop_
_pdbx_struct_sheet_hbond.sheet_id 
_pdbx_struct_sheet_hbond.range_id_1 
_pdbx_struct_sheet_hbond.range_id_2 
_pdbx_struct_sheet_hbond.range_1_label_atom_id 
_pdbx_struct_sheet_hbond.range_1_label_comp_id 
_pdbx_struct_sheet_hbond.range_1_label_asym_id 
_pdbx_struct_sheet_hbond.range_1_label_seq_id 
_pdbx_struct_sheet_hbond.range_1_PDB_ins_code 
_pdbx_struct_sheet_hbond.range_1_auth_atom_id 
_pdbx_struct_sheet_hbond.range_1_auth_comp_id 
_pdbx_struct_sheet_hbond.range_1_auth_asym_id 
_pdbx_struct_sheet_hbond.range_1_auth_seq_id 
_pdbx_struct_sheet_hbond.range_2_label_atom_id 
_pdbx_struct_sheet_hbond.range_2_label_comp_id 
_pdbx_struct_sheet_hbond.range_2_label_asym_id 
_pdbx_struct_sheet_hbond.range_2_label_seq_id 
_pdbx_struct_sheet_hbond.range_2_PDB_ins_code 
_pdbx_struct_sheet_hbond.range_2_auth_atom_id 
_pdbx_struct_sheet_hbond.range_2_auth_comp_id 
_pdbx_struct_sheet_hbond.range_2_auth_asym_id 
_pdbx_struct_sheet_hbond.range_2_auth_seq_id 
AA1 1 2 O TYR A 97  ? O TYR A 88  N ALA A 90  ? N ALA A 81  
AA1 2 3 N VAL A 84  ? N VAL A 75  O LEU A 122 ? O LEU A 113 
AA1 3 4 O VAL A 121 ? O VAL A 112 N LEU A 16  ? N LEU A 7   
AA1 4 5 N PRO A 19  ? N PRO A 10  O LEU A 53  ? O LEU A 44  
AA1 5 6 N GLY A 52  ? N GLY A 43  O VAL A 108 ? O VAL A 99  
AA1 6 7 O LEU A 104 ? O LEU A 95  N ILE A 71  ? N ILE A 62  
AA1 7 8 N PHE A 70  ? N PHE A 61  O VAL A 89  ? O VAL A 80  
# 
_atom_sites.entry_id                    7K3N 
_atom_sites.Cartn_transf_matrix[1][1]   ? 
_atom_sites.Cartn_transf_matrix[1][2]   ? 
_atom_sites.Cartn_transf_matrix[1][3]   ? 
_atom_sites.Cartn_transf_matrix[2][1]   ? 
_atom_sites.Cartn_transf_matrix[2][2]   ? 
_atom_sites.Cartn_transf_matrix[2][3]   ? 
_atom_sites.Cartn_transf_matrix[3][1]   ? 
_atom_sites.Cartn_transf_matrix[3][2]   ? 
_atom_sites.Cartn_transf_matrix[3][3]   ? 
_atom_sites.Cartn_transf_vector[1]      ? 
_atom_sites.Cartn_transf_vector[2]      ? 
_atom_sites.Cartn_transf_vector[3]      ? 
_atom_sites.fract_transf_matrix[1][1]   0.00011230 
_atom_sites.fract_transf_matrix[1][2]   -0.01475725 
_atom_sites.fract_transf_matrix[1][3]   -0.02263624 
_atom_sites.fract_transf_matrix[2][1]   0.00434175 
_atom_sites.fract_transf_matrix[2][2]   -0.02233248 
_atom_sites.fract_transf_matrix[2][3]   0.01458075 
_atom_sites.fract_transf_matrix[3][1]   -0.00681819 
_atom_sites.fract_transf_matrix[3][2]   -0.00094528 
_atom_sites.fract_transf_matrix[3][3]   0.00058244 
_atom_sites.fract_transf_vector[1]      0.022193 
_atom_sites.fract_transf_vector[2]      0.348562 
_atom_sites.fract_transf_vector[3]      0.320751 
_atom_sites.solution_primary            ? 
_atom_sites.solution_secondary          ? 
_atom_sites.solution_hydrogens          ? 
_atom_sites.special_details             ? 
# 
loop_
_atom_type.symbol 
_atom_type.scat_dispersion_real 
_atom_type.scat_dispersion_imag 
_atom_type.scat_Cromer_Mann_a1 
_atom_type.scat_Cromer_Mann_a2 
_atom_type.scat_Cromer_Mann_a3 
_atom_type.scat_Cromer_Mann_a4 
_atom_type.scat_Cromer_Mann_b1 
_atom_type.scat_Cromer_Mann_b2 
_atom_type.scat_Cromer_Mann_b3 
_atom_type.scat_Cromer_Mann_b4 
_atom_type.scat_Cromer_Mann_c 
_atom_type.scat_source 
_atom_type.scat_dispersion_source 
C ? ? 3.54356 2.42580 ? ? 25.62398 1.50364  ? ? 0.0 
;2-Gaussian fit: Grosse-Kunstleve RW, Sauter NK, Adams PD: Newsletter of the IUCr Commission on Crystallographic Computing 2004, 3, 22-31.
;
? 
N ? ? 4.01032 2.96436 ? ? 19.97189 1.75589  ? ? 0.0 
;2-Gaussian fit: Grosse-Kunstleve RW, Sauter NK, Adams PD: Newsletter of the IUCr Commission on Crystallographic Computing 2004, 3, 22-31.
;
? 
O ? ? 4.49882 3.47563 ? ? 15.80542 1.70748  ? ? 0.0 
;2-Gaussian fit: Grosse-Kunstleve RW, Sauter NK, Adams PD: Newsletter of the IUCr Commission on Crystallographic Computing 2004, 3, 22-31.
;
? 
S ? ? 9.55732 6.39887 ? ? 1.23737  29.19336 ? ? 0.0 
;2-Gaussian fit: Grosse-Kunstleve RW, Sauter NK, Adams PD: Newsletter of the IUCr Commission on Crystallographic Computing 2004, 3, 22-31.
;
? 
# 
loop_
_atom_site.group_PDB 
_atom_site.id 
_atom_site.type_symbol 
_atom_site.label_atom_id 
_atom_site.label_alt_id 
_atom_site.label_comp_id 
_atom_site.label_asym_id 
_atom_site.label_entity_id 
_atom_site.label_seq_id 
_atom_site.pdbx_PDB_ins_code 
_atom_site.Cartn_x 
_atom_site.Cartn_y 
_atom_site.Cartn_z 
_atom_site.occupancy 
_atom_site.B_iso_or_equiv 
_atom_site.pdbx_formal_charge 
_atom_site.auth_seq_id 
_atom_site.auth_comp_id 
_atom_site.auth_asym_id 
_atom_site.auth_atom_id 
_atom_site.pdbx_PDB_model_num 
ATOM   1   N N   . VAL A 1 14  ? 8.56460   5.87871   -9.97819  1.000 39.11804 ? 5   VAL A N   1 
ATOM   2   C CA  . VAL A 1 14  ? 9.30243   4.69976   -10.40659 1.000 40.42904 ? 5   VAL A CA  1 
ATOM   3   C C   . VAL A 1 14  ? 10.15000  4.17743   -9.23926  1.000 32.08190 ? 5   VAL A C   1 
ATOM   4   O O   . VAL A 1 14  ? 9.75624   3.21426   -8.58779  1.000 28.58881 ? 5   VAL A O   1 
ATOM   5   C CB  . VAL A 1 14  ? 10.15157  5.00109   -11.65131 1.000 47.32766 ? 5   VAL A CB  1 
ATOM   6   C CG1 . VAL A 1 14  ? 10.49840  3.70696   -12.38845 1.000 42.21094 ? 5   VAL A CG1 1 
ATOM   7   C CG2 . VAL A 1 14  ? 9.40776   5.95934   -12.57339 1.000 48.23061 ? 5   VAL A CG2 1 
ATOM   8   N N   . GLN A 1 15  ? 11.29911  4.80195   -8.96197  1.000 31.08409 ? 6   GLN A N   1 
ATOM   9   C CA  . GLN A 1 15  ? 12.06789  4.47472   -7.76084  1.000 29.49320 ? 6   GLN A CA  1 
ATOM   10  C C   . GLN A 1 15  ? 11.49562  5.23595   -6.57076  1.000 26.54862 ? 6   GLN A C   1 
ATOM   11  O O   . GLN A 1 15  ? 11.44889  6.47191   -6.58506  1.000 22.36821 ? 6   GLN A O   1 
ATOM   12  C CB  . GLN A 1 15  ? 13.54598  4.81499   -7.94207  1.000 32.90461 ? 6   GLN A CB  1 
ATOM   13  C CG  . GLN A 1 15  ? 14.43744  3.60120   -8.17375  1.000 36.71769 ? 6   GLN A CG  1 
ATOM   14  C CD  . GLN A 1 15  ? 15.92234  3.88627   -7.96847  1.000 50.98377 ? 6   GLN A CD  1 
ATOM   15  O OE1 . GLN A 1 15  ? 16.30267  4.80706   -7.24180  1.000 48.33281 ? 6   GLN A OE1 1 
ATOM   16  N NE2 . GLN A 1 15  ? 16.76911  3.08860   -8.61525  1.000 45.73501 ? 6   GLN A NE2 1 
ATOM   17  N N   . LEU A 1 16  ? 11.08487  4.50810   -5.53139  1.000 18.64015 ? 7   LEU A N   1 
ATOM   18  C CA  . LEU A 1 16  ? 10.41184  5.11366   -4.39048  1.000 19.96832 ? 7   LEU A CA  1 
ATOM   19  C C   . LEU A 1 16  ? 10.92954  4.51591   -3.08795  1.000 19.29860 ? 7   LEU A C   1 
ATOM   20  O O   . LEU A 1 16  ? 11.30837  3.34605   -3.02636  1.000 20.00185 ? 7   LEU A O   1 
ATOM   21  C CB  . LEU A 1 16  ? 8.88392   4.92812   -4.47266  1.000 22.58087 ? 7   LEU A CB  1 
ATOM   22  C CG  . LEU A 1 16  ? 8.15310   5.36932   -5.74958  1.000 27.98603 ? 7   LEU A CG  1 
ATOM   23  C CD1 . LEU A 1 16  ? 6.67709   5.00739   -5.66467  1.000 25.30278 ? 7   LEU A CD1 1 
ATOM   24  C CD2 . LEU A 1 16  ? 8.31382   6.86731   -6.01235  1.000 29.97142 ? 7   LEU A CD2 1 
ATOM   25  N N   . SER A 1 17  ? 10.94076  5.33878   -2.04151  1.000 20.40081 ? 8   SER A N   1 
ATOM   26  C CA  . SER A 1 17  ? 11.22686  4.89323   -0.67689  1.000 20.23785 ? 8   SER A CA  1 
ATOM   27  C C   . SER A 1 17  ? 9.98894   5.17188   0.16540   1.000 12.07123 ? 8   SER A C   1 
ATOM   28  O O   . SER A 1 17  ? 9.64945   6.33343   0.41089   1.000 15.50604 ? 8   SER A O   1 
ATOM   29  C CB  . SER A 1 17  ? 12.46039  5.58581   -0.09503  1.000 31.83586 ? 8   SER A CB  1 
ATOM   30  O OG  . SER A 1 17  ? 13.64489  5.20663   -0.78449  1.000 42.84431 ? 8   SER A OG  1 
ATOM   31  N N   . LEU A 1 18  ? 9.31541   4.11193   0.58820   1.000 13.18261 ? 9   LEU A N   1 
ATOM   32  C CA  . LEU A 1 18  ? 8.00803   4.24288   1.22290   1.000 11.59805 ? 9   LEU A CA  1 
ATOM   33  C C   . LEU A 1 18  ? 8.16531   4.24086   2.73252   1.000 9.21152  ? 9   LEU A C   1 
ATOM   34  O O   . LEU A 1 18  ? 8.78700   3.31189   3.26442   1.000 11.81864 ? 9   LEU A O   1 
ATOM   35  C CB  . LEU A 1 18  ? 7.10169   3.08787   0.80901   1.000 10.28610 ? 9   LEU A CB  1 
ATOM   36  C CG  . LEU A 1 18  ? 6.75340   2.96859   -0.67245  1.000 11.82899 ? 9   LEU A CG  1 
ATOM   37  C CD1 . LEU A 1 18  ? 5.82355   1.78198   -0.88913  1.000 13.16713 ? 9   LEU A CD1 1 
ATOM   38  C CD2 . LEU A 1 18  ? 6.13060   4.27361   -1.16110  1.000 16.08943 ? 9   LEU A CD2 1 
ATOM   39  N N   . PRO A 1 19  ? 7.61723   5.22753   3.44364   1.000 8.28693  ? 10  PRO A N   1 
ATOM   40  C CA  . PRO A 1 19  ? 7.65442   5.18966   4.91196   1.000 6.90508  ? 10  PRO A CA  1 
ATOM   41  C C   . PRO A 1 19  ? 6.76955   4.06062   5.41710   1.000 8.69947  ? 10  PRO A C   1 
ATOM   42  O O   . PRO A 1 19  ? 5.62196   3.92174   4.98700   1.000 9.43046  ? 10  PRO A O   1 
ATOM   43  C CB  . PRO A 1 19  ? 7.11231   6.56136   5.32806   1.000 9.81138  ? 10  PRO A CB  1 
ATOM   44  C CG  . PRO A 1 19  ? 6.30142   7.02537   4.17599   1.000 12.67827 ? 10  PRO A CG  1 
ATOM   45  C CD  . PRO A 1 19  ? 6.93184   6.42994   2.93991   1.000 8.01170  ? 10  PRO A CD  1 
ATOM   46  N N   . VAL A 1 20  ? 7.32459   3.24617   6.30972   1.000 7.85153  ? 11  VAL A N   1 
ATOM   47  C CA  . VAL A 1 20  ? 6.60362   2.12682   6.90840   1.000 7.90593  ? 11  VAL A CA  1 
ATOM   48  C C   . VAL A 1 20  ? 5.97153   2.63466   8.19356   1.000 8.88422  ? 11  VAL A C   1 
ATOM   49  O O   . VAL A 1 20  ? 6.68193   3.09351   9.09594   1.000 7.63692  ? 11  VAL A O   1 
ATOM   50  C CB  . VAL A 1 20  ? 7.53738   0.93812   7.18886   1.000 9.03420  ? 11  VAL A CB  1 
ATOM   51  C CG1 . VAL A 1 20  ? 6.76518   -0.20923  7.85177   1.000 11.65447 ? 11  VAL A CG1 1 
ATOM   52  C CG2 . VAL A 1 20  ? 8.22058   0.46251   5.90872   1.000 8.65776  ? 11  VAL A CG2 1 
ATOM   53  N N   . LEU A 1 21  ? 4.63872   2.54438   8.28410   1.000 5.47004  ? 12  LEU A N   1 
ATOM   54  C CA  . LEU A 1 21  ? 3.87795   3.12991   9.38034   1.000 7.19610  ? 12  LEU A CA  1 
ATOM   55  C C   . LEU A 1 21  ? 3.30432   2.03888   10.27964  1.000 6.79295  ? 12  LEU A C   1 
ATOM   56  O O   . LEU A 1 21  ? 2.97906   0.94644   9.81915   1.000 8.37072  ? 12  LEU A O   1 
ATOM   57  C CB  . LEU A 1 21  ? 2.72365   3.99865   8.85568   1.000 6.81104  ? 12  LEU A CB  1 
ATOM   58  C CG  . LEU A 1 21  ? 3.07158   5.01360   7.76397   1.000 6.22310  ? 12  LEU A CG  1 
ATOM   59  C CD1 . LEU A 1 21  ? 1.82998   5.78082   7.29288   1.000 8.28474  ? 12  LEU A CD1 1 
ATOM   60  C CD2 . LEU A 1 21  ? 4.17906   5.96799   8.25113   1.000 11.36422 ? 12  LEU A CD2 1 
ATOM   61  N N   . GLN A 1 22  ? 3.19039   2.34322   11.56577  1.000 7.87495  ? 13  GLN A N   1 
ATOM   62  C CA  . GLN A 1 22  ? 2.48039   1.45490   12.47230  1.000 11.04566 ? 13  GLN A CA  1 
ATOM   63  C C   . GLN A 1 22  ? 0.98909   1.66678   12.27886  1.000 4.33761  ? 13  GLN A C   1 
ATOM   64  O O   . GLN A 1 22  ? 0.52059   2.80729   12.23668  1.000 6.86342  ? 13  GLN A O   1 
ATOM   65  C CB  . GLN A 1 22  ? 2.86642   1.74863   13.91959  1.000 15.08502 ? 13  GLN A CB  1 
ATOM   66  C CG  . GLN A 1 22  ? 4.33992   1.51435   14.20081  1.000 17.44952 ? 13  GLN A CG  1 
ATOM   67  C CD  . GLN A 1 22  ? 4.63284   1.53059   15.68209  1.000 32.84618 ? 13  GLN A CD  1 
ATOM   68  O OE1 . GLN A 1 22  ? 4.53435   2.56997   16.32960  1.000 33.44527 ? 13  GLN A OE1 1 
ATOM   69  N NE2 . GLN A 1 22  ? 4.98381   0.37562   16.22924  1.000 34.28883 ? 13  GLN A NE2 1 
ATOM   70  N N   . VAL A 1 23  ? 0.23784   0.56269   12.20562  1.000 7.76801  ? 14  VAL A N   1 
ATOM   71  C CA  . VAL A 1 23  ? -1.18192  0.66283   11.85500  1.000 4.55761  ? 14  VAL A CA  1 
ATOM   72  C C   . VAL A 1 23  ? -1.94115  1.57294   12.82214  1.000 7.68710  ? 14  VAL A C   1 
ATOM   73  O O   . VAL A 1 23  ? -2.82176  2.33489   12.40577  1.000 7.51238  ? 14  VAL A O   1 
ATOM   74  C CB  . VAL A 1 23  ? -1.81026  -0.74297  11.76315  1.000 7.76967  ? 14  VAL A CB  1 
ATOM   75  C CG1 . VAL A 1 23  ? -1.84936  -1.43580  13.11951  1.000 12.26112 ? 14  VAL A CG1 1 
ATOM   76  C CG2 . VAL A 1 23  ? -3.18556  -0.66731  11.09185  1.000 11.19850 ? 14  VAL A CG2 1 
ATOM   77  N N   . ARG A 1 24  ? -1.60806  1.54541   14.11868  1.000 8.08551  ? 15  ARG A N   1 
ATOM   78  C CA  . ARG A 1 24  ? -2.38962  2.36986   15.03639  1.000 7.33694  ? 15  ARG A CA  1 
ATOM   79  C C   . ARG A 1 24  ? -2.08054  3.86029   14.92451  1.000 9.99123  ? 15  ARG A C   1 
ATOM   80  O O   . ARG A 1 24  ? -2.81885  4.67335   15.49242  1.000 10.21157 ? 15  ARG A O   1 
ATOM   81  C CB  . ARG A 1 24  ? -2.18129  1.88634   16.47062  1.000 10.93588 ? 15  ARG A CB  1 
ATOM   82  C CG  . ARG A 1 24  ? -2.72923  0.47815   16.70627  1.000 15.05687 ? 15  ARG A CG  1 
ATOM   83  C CD  . ARG A 1 24  ? -2.79619  0.16122   18.19079  1.000 18.65261 ? 15  ARG A CD  1 
ATOM   84  N NE  . ARG A 1 24  ? -3.09642  -1.24617  18.43583  1.000 26.90160 ? 15  ARG A NE  1 
ATOM   85  C CZ  . ARG A 1 24  ? -4.32467  -1.74711  18.50822  1.000 33.29273 ? 15  ARG A CZ  1 
ATOM   86  N NH1 . ARG A 1 24  ? -5.37691  -0.95406  18.35174  1.000 32.25950 ? 15  ARG A NH1 1 
ATOM   87  N NH2 . ARG A 1 24  ? -4.50409  -3.04252  18.74135  1.000 29.46019 ? 15  ARG A NH2 1 
ATOM   88  N N   . ASP A 1 25  ? -1.02422  4.23397   14.20540  1.000 8.35086  ? 16  ASP A N   1 
ATOM   89  C CA  . ASP A 1 25  ? -0.73213  5.63220   13.93334  1.000 7.53882  ? 16  ASP A CA  1 
ATOM   90  C C   . ASP A 1 25  ? -1.44012  6.16817   12.69671  1.000 10.99870 ? 16  ASP A C   1 
ATOM   91  O O   . ASP A 1 25  ? -1.48527  7.39195   12.51897  1.000 11.64450 ? 16  ASP A O   1 
ATOM   92  C CB  . ASP A 1 25  ? 0.77252   5.85130   13.71178  1.000 7.31861  ? 16  ASP A CB  1 
ATOM   93  C CG  . ASP A 1 25  ? 1.59274   5.71661   14.97713  1.000 20.35202 ? 16  ASP A CG  1 
ATOM   94  O OD1 . ASP A 1 25  ? 1.05918   5.97050   16.07379  1.000 14.82551 ? 16  ASP A OD1 1 
ATOM   95  O OD2 . ASP A 1 25  ? 2.79094   5.38021   14.85498  1.000 18.40920 ? 16  ASP A OD2 1 
ATOM   96  N N   . VAL A 1 26  ? -1.96256  5.30054   11.82464  1.000 5.10019  ? 17  VAL A N   1 
ATOM   97  C CA  . VAL A 1 26  ? -2.42689  5.77012   10.51477  1.000 4.94080  ? 17  VAL A CA  1 
ATOM   98  C C   . VAL A 1 26  ? -3.71202  6.56865   10.69053  1.000 6.43686  ? 17  VAL A C   1 
ATOM   99  O O   . VAL A 1 26  ? -4.67871  6.09743   11.30471  1.000 8.60381  ? 17  VAL A O   1 
ATOM   100 C CB  . VAL A 1 26  ? -2.61723  4.59121   9.54865   1.000 4.79881  ? 17  VAL A CB  1 
ATOM   101 C CG1 . VAL A 1 26  ? -3.27482  5.05895   8.24359   1.000 6.14840  ? 17  VAL A CG1 1 
ATOM   102 C CG2 . VAL A 1 26  ? -1.26679  3.94711   9.25396   1.000 6.61946  ? 17  VAL A CG2 1 
ATOM   103 N N   . LEU A 1 27  ? -3.72948  7.78637   10.14871  1.000 6.94527  ? 18  LEU A N   1 
ATOM   104 C CA  . LEU A 1 27  ? -4.90768  8.63488   10.28954  1.000 7.25340  ? 18  LEU A CA  1 
ATOM   105 C C   . LEU A 1 27  ? -5.97384  8.35636   9.23733   1.000 8.82087  ? 18  LEU A C   1 
ATOM   106 O O   . LEU A 1 27  ? -7.17300  8.41601   9.55174   1.000 10.66603 ? 18  LEU A O   1 
ATOM   107 C CB  . LEU A 1 27  ? -4.51148  10.11062  10.21575  1.000 9.33740  ? 18  LEU A CB  1 
ATOM   108 C CG  . LEU A 1 27  ? -3.53693  10.54718  11.30286  1.000 12.30999 ? 18  LEU A CG  1 
ATOM   109 C CD1 . LEU A 1 27  ? -3.28108  12.03055  11.17696  1.000 17.77913 ? 18  LEU A CD1 1 
ATOM   110 C CD2 . LEU A 1 27  ? -4.12918  10.20612  12.65627  1.000 18.41162 ? 18  LEU A CD2 1 
ATOM   111 N N   . VAL A 1 28  ? -5.57436  8.08250   7.99535   1.000 6.23524  ? 19  VAL A N   1 
ATOM   112 C CA  . VAL A 1 28  ? -6.50357  7.83203   6.89076   1.000 4.16004  ? 19  VAL A CA  1 
ATOM   113 C C   . VAL A 1 28  ? -6.27224  6.39055   6.44259   1.000 5.56543  ? 19  VAL A C   1 
ATOM   114 O O   . VAL A 1 28  ? -5.21545  6.07840   5.88218   1.000 6.48512  ? 19  VAL A O   1 
ATOM   115 C CB  . VAL A 1 28  ? -6.30448  8.82753   5.73830   1.000 7.55958  ? 19  VAL A CB  1 
ATOM   116 C CG1 . VAL A 1 28  ? -7.30439  8.57668   4.64008   1.000 7.45011  ? 19  VAL A CG1 1 
ATOM   117 C CG2 . VAL A 1 28  ? -6.42979  10.27021  6.24793   1.000 8.75030  ? 19  VAL A CG2 1 
ATOM   118 N N   . ARG A 1 29  ? -7.23010  5.50084   6.73163   1.000 6.39405  ? 20  ARG A N   1 
ATOM   119 C CA  . ARG A 1 29  ? -6.93854  4.06707   6.73708   1.000 8.12125  ? 20  ARG A CA  1 
ATOM   120 C C   . ARG A 1 29  ? -7.24704  3.35236   5.42438   1.000 7.64851  ? 20  ARG A C   1 
ATOM   121 O O   . ARG A 1 29  ? -7.21191  2.11443   5.38645   1.000 7.61325  ? 20  ARG A O   1 
ATOM   122 C CB  . ARG A 1 29  ? -7.68303  3.40123   7.88362   1.000 8.69184  ? 20  ARG A CB  1 
ATOM   123 C CG  . ARG A 1 29  ? -7.49081  4.15159   9.17484   1.000 13.15554 ? 20  ARG A CG  1 
ATOM   124 C CD  . ARG A 1 29  ? -7.31658  3.22342   10.30961  1.000 21.33942 ? 20  ARG A CD  1 
ATOM   125 N NE  . ARG A 1 29  ? -6.43910  3.79176   11.32053  1.000 23.85708 ? 20  ARG A NE  1 
ATOM   126 C CZ  . ARG A 1 29  ? -6.01166  3.10837   12.36634  1.000 18.24478 ? 20  ARG A CZ  1 
ATOM   127 N NH1 . ARG A 1 29  ? -6.39788  1.84514   12.51415  1.000 19.29730 ? 20  ARG A NH1 1 
ATOM   128 N NH2 . ARG A 1 29  ? -5.24693  3.68873   13.27108  1.000 19.47746 ? 20  ARG A NH2 1 
ATOM   129 N N   . GLY A 1 30  ? -7.51225  4.08769   4.35091   1.000 7.89465  ? 21  GLY A N   1 
ATOM   130 C CA  . GLY A 1 30  ? -7.62959  3.52775   3.01616   1.000 8.36048  ? 21  GLY A CA  1 
ATOM   131 C C   . GLY A 1 30  ? -7.73631  4.65525   2.00761   1.000 7.62483  ? 21  GLY A C   1 
ATOM   132 O O   . GLY A 1 30  ? -7.70629  5.83672   2.36220   1.000 6.93777  ? 21  GLY A O   1 
ATOM   133 N N   . PHE A 1 31  ? -7.87096  4.27152   0.73435   1.000 6.34021  ? 22  PHE A N   1 
ATOM   134 C CA  . PHE A 1 31  ? -7.86681  5.23004   -0.36603  1.000 6.63857  ? 22  PHE A CA  1 
ATOM   135 C C   . PHE A 1 31  ? -9.24327  5.51320   -0.95690  1.000 9.56488  ? 22  PHE A C   1 
ATOM   136 O O   . PHE A 1 31  ? -9.35596  6.40544   -1.80689  1.000 14.57166 ? 22  PHE A O   1 
ATOM   137 C CB  . PHE A 1 31  ? -6.95483  4.75003   -1.49474  1.000 7.90705  ? 22  PHE A CB  1 
ATOM   138 C CG  . PHE A 1 31  ? -5.49266  4.84237   -1.17579  1.000 8.03545  ? 22  PHE A CG  1 
ATOM   139 C CD1 . PHE A 1 31  ? -4.85367  6.08101   -1.12319  1.000 8.01988  ? 22  PHE A CD1 1 
ATOM   140 C CD2 . PHE A 1 31  ? -4.74750  3.69519   -0.96251  1.000 10.12320 ? 22  PHE A CD2 1 
ATOM   141 C CE1 . PHE A 1 31  ? -3.49892  6.15650   -0.83852  1.000 7.98977  ? 22  PHE A CE1 1 
ATOM   142 C CE2 . PHE A 1 31  ? -3.38418  3.77064   -0.67901  1.000 9.63702  ? 22  PHE A CE2 1 
ATOM   143 C CZ  . PHE A 1 31  ? -2.76708  4.99229   -0.62611  1.000 8.41908  ? 22  PHE A CZ  1 
ATOM   144 N N   . GLY A 1 32  ? -10.27870 4.79878   -0.54954  1.000 11.10999 ? 23  GLY A N   1 
ATOM   145 C CA  . GLY A 1 32  ? -11.55604 5.02559   -1.20123  1.000 11.74960 ? 23  GLY A CA  1 
ATOM   146 C C   . GLY A 1 32  ? -12.47388 3.83175   -1.03857  1.000 14.97920 ? 23  GLY A C   1 
ATOM   147 O O   . GLY A 1 32  ? -12.25899 2.97796   -0.18290  1.000 12.40997 ? 23  GLY A O   1 
ATOM   148 N N   . ASP A 1 33  ? -13.50397 3.80981   -1.88720  1.000 15.96130 ? 24  ASP A N   1 
ATOM   149 C CA  . ASP A 1 33  ? -14.64285 2.92832   -1.68810  1.000 19.10026 ? 24  ASP A CA  1 
ATOM   150 C C   . ASP A 1 33  ? -14.89251 1.96315   -2.83726  1.000 18.21120 ? 24  ASP A C   1 
ATOM   151 O O   . ASP A 1 33  ? -15.85033 1.18601   -2.76692  1.000 25.33508 ? 24  ASP A O   1 
ATOM   152 C CB  . ASP A 1 33  ? -15.90419 3.76699   -1.44453  1.000 23.69061 ? 24  ASP A CB  1 
ATOM   153 C CG  . ASP A 1 33  ? -15.66709 4.87955   -0.45103  1.000 32.10868 ? 24  ASP A CG  1 
ATOM   154 O OD1 . ASP A 1 33  ? -15.28909 4.57169   0.70331   1.000 35.11710 ? 24  ASP A OD1 1 
ATOM   155 O OD2 . ASP A 1 33  ? -15.84143 6.05825   -0.83013  1.000 38.97922 ? 24  ASP A OD2 1 
ATOM   156 N N   . SER A 1 34  ? -14.08284 1.99032   -3.88821  1.000 13.44952 ? 25  SER A N   1 
ATOM   157 C CA  . SER A 1 34  ? -14.19856 1.00509   -4.94945  1.000 15.92151 ? 25  SER A CA  1 
ATOM   158 C C   . SER A 1 34  ? -12.80309 0.55628   -5.35589  1.000 17.65824 ? 25  SER A C   1 
ATOM   159 O O   . SER A 1 34  ? -11.80924 1.24656   -5.12228  1.000 12.74863 ? 25  SER A O   1 
ATOM   160 C CB  . SER A 1 34  ? -14.97699 1.55314   -6.15299  1.000 12.96657 ? 25  SER A CB  1 
ATOM   161 O OG  . SER A 1 34  ? -14.17239 2.40987   -6.94476  1.000 14.53112 ? 25  SER A OG  1 
ATOM   162 N N   . VAL A 1 35  ? -12.74073 -0.62414  -5.97006  1.000 13.32145 ? 26  VAL A N   1 
ATOM   163 C CA  . VAL A 1 35  ? -11.46420 -1.17166  -6.41476  1.000 14.33655 ? 26  VAL A CA  1 
ATOM   164 C C   . VAL A 1 35  ? -10.78047 -0.21982  -7.38645  1.000 14.00864 ? 26  VAL A C   1 
ATOM   165 O O   . VAL A 1 35  ? -9.58145  0.06785   -7.26772  1.000 11.49968 ? 26  VAL A O   1 
ATOM   166 C CB  . VAL A 1 35  ? -11.68327 -2.56203  -7.03738  1.000 16.78761 ? 26  VAL A CB  1 
ATOM   167 C CG1 . VAL A 1 35  ? -10.50923 -2.94281  -7.91499  1.000 18.65211 ? 26  VAL A CG1 1 
ATOM   168 C CG2 . VAL A 1 35  ? -11.94057 -3.59275  -5.94039  1.000 18.64328 ? 26  VAL A CG2 1 
ATOM   169 N N   . GLU A 1 36  ? -11.52561 0.26733   -8.38467  1.000 12.28147 ? 27  GLU A N   1 
ATOM   170 C CA  . GLU A 1 36  ? -10.91028 1.14910   -9.36626  1.000 15.03563 ? 27  GLU A CA  1 
ATOM   171 C C   . GLU A 1 36  ? -10.42170 2.43806   -8.71726  1.000 12.62316 ? 27  GLU A C   1 
ATOM   172 O O   . GLU A 1 36  ? -9.34844  2.95110   -9.06766  1.000 14.67184 ? 27  GLU A O   1 
ATOM   173 C CB  . GLU A 1 36  ? -11.89731 1.44736   -10.49030 1.000 16.04773 ? 27  GLU A CB  1 
ATOM   174 C CG  . GLU A 1 36  ? -12.37914 0.20512   -11.20940 1.000 26.58975 ? 27  GLU A CG  1 
ATOM   175 C CD  . GLU A 1 36  ? -13.56522 0.48827   -12.10657 1.000 41.22266 ? 27  GLU A CD  1 
ATOM   176 O OE1 . GLU A 1 36  ? -13.48244 1.45176   -12.90089 1.000 40.03310 ? 27  GLU A OE1 1 
ATOM   177 O OE2 . GLU A 1 36  ? -14.57320 -0.24951  -12.02325 1.000 52.93362 ? 27  GLU A OE2 1 
ATOM   178 N N   . GLU A 1 37  ? -11.17485 2.94782   -7.73997  1.000 12.77984 ? 28  GLU A N   1 
ATOM   179 C CA  . GLU A 1 37  ? -10.79346 4.20545   -7.10241  1.000 12.75442 ? 28  GLU A CA  1 
ATOM   180 C C   . GLU A 1 37  ? -9.55287  4.02854   -6.24203  1.000 12.95693 ? 28  GLU A C   1 
ATOM   181 O O   . GLU A 1 37  ? -8.64286  4.86482   -6.28745  1.000 10.15885 ? 28  GLU A O   1 
ATOM   182 C CB  . GLU A 1 37  ? -11.93281 4.76901   -6.25061  1.000 13.66263 ? 28  GLU A CB  1 
ATOM   183 C CG  . GLU A 1 37  ? -11.49129 6.02206   -5.45648  1.000 16.96923 ? 28  GLU A CG  1 
ATOM   184 C CD  . GLU A 1 37  ? -12.57677 6.65940   -4.61137  1.000 21.18511 ? 28  GLU A CD  1 
ATOM   185 O OE1 . GLU A 1 37  ? -13.43265 5.93774   -4.04758  1.000 19.53647 ? 28  GLU A OE1 1 
ATOM   186 O OE2 . GLU A 1 37  ? -12.54179 7.90723   -4.48015  1.000 24.33527 ? 28  GLU A OE2 1 
ATOM   187 N N   . VAL A 1 38  ? -9.48518  2.94887   -5.45823  1.000 10.73019 ? 29  VAL A N   1 
ATOM   188 C CA  . VAL A 1 38  ? -8.33419  2.81471   -4.56339  1.000 10.79599 ? 29  VAL A CA  1 
ATOM   189 C C   . VAL A 1 38  ? -7.05312  2.58525   -5.35491  1.000 11.58683 ? 29  VAL A C   1 
ATOM   190 O O   . VAL A 1 38  ? -5.98404  3.06185   -4.95951  1.000 9.29979  ? 29  VAL A O   1 
ATOM   191 C CB  . VAL A 1 38  ? -8.55359  1.71875   -3.49802  1.000 8.76451  ? 29  VAL A CB  1 
ATOM   192 C CG1 . VAL A 1 38  ? -9.75714  2.05724   -2.63369  1.000 9.76927  ? 29  VAL A CG1 1 
ATOM   193 C CG2 . VAL A 1 38  ? -8.67174  0.32564   -4.13908  1.000 11.50842 ? 29  VAL A CG2 1 
ATOM   194 N N   . LEU A 1 39  ? -7.12071  1.84746   -6.47186  1.000 7.72328  ? 30  LEU A N   1 
ATOM   195 C CA  . LEU A 1 39  ? -5.92824  1.68470   -7.30546  1.000 8.52763  ? 30  LEU A CA  1 
ATOM   196 C C   . LEU A 1 39  ? -5.49787  3.00901   -7.91670  1.000 10.10447 ? 30  LEU A C   1 
ATOM   197 O O   . LEU A 1 39  ? -4.30241  3.32152   -7.95542  1.000 10.64163 ? 30  LEU A O   1 
ATOM   198 C CB  . LEU A 1 39  ? -6.17926  0.65006   -8.40108  1.000 10.54853 ? 30  LEU A CB  1 
ATOM   199 C CG  . LEU A 1 39  ? -6.31689  -0.78052  -7.88648  1.000 10.81159 ? 30  LEU A CG  1 
ATOM   200 C CD1 . LEU A 1 39  ? -6.77647  -1.68705  -9.03305  1.000 15.44282 ? 30  LEU A CD1 1 
ATOM   201 C CD2 . LEU A 1 39  ? -4.99625  -1.26896  -7.29663  1.000 9.46355  ? 30  LEU A CD2 1 
ATOM   202 N N   . SER A 1 40  ? -6.46384  3.79237   -8.40619  1.000 9.83516  ? 31  SER A N   1 
ATOM   203 C CA  . SER A 1 40  ? -6.17090  5.11004   -8.96011  1.000 10.82205 ? 31  SER A CA  1 
ATOM   204 C C   . SER A 1 40  ? -5.54771  6.01708   -7.90580  1.000 9.70074  ? 31  SER A C   1 
ATOM   205 O O   . SER A 1 40  ? -4.49179  6.61932   -8.13254  1.000 10.17065 ? 31  SER A O   1 
ATOM   206 C CB  . SER A 1 40  ? -7.45737  5.73040   -9.51169  1.000 15.38445 ? 31  SER A CB  1 
ATOM   207 O OG  . SER A 1 40  ? -7.24350  7.06349   -9.94341  1.000 16.39332 ? 31  SER A OG  1 
ATOM   208 N N   . GLU A 1 41  ? -6.18273  6.11349   -6.73618  1.000 10.78637 ? 32  GLU A N   1 
ATOM   209 C CA  . GLU A 1 41  ? -5.67005  6.99596   -5.68585  1.000 8.50134  ? 32  GLU A CA  1 
ATOM   210 C C   . GLU A 1 41  ? -4.30786  6.52954   -5.18343  1.000 8.30155  ? 32  GLU A C   1 
ATOM   211 O O   . GLU A 1 41  ? -3.41960  7.35256   -4.94410  1.000 8.72312  ? 32  GLU A O   1 
ATOM   212 C CB  . GLU A 1 41  ? -6.67430  7.07645   -4.54020  1.000 9.27641  ? 32  GLU A CB  1 
ATOM   213 C CG  . GLU A 1 41  ? -7.92676  7.85271   -4.88354  1.000 12.97913 ? 32  GLU A CG  1 
ATOM   214 C CD  . GLU A 1 41  ? -7.64074  9.32667   -5.00756  1.000 23.62366 ? 32  GLU A CD  1 
ATOM   215 O OE1 . GLU A 1 41  ? -6.92158  9.85178   -4.14138  1.000 21.10550 ? 32  GLU A OE1 1 
ATOM   216 O OE2 . GLU A 1 41  ? -8.10992  9.95687   -5.97667  1.000 26.97744 ? 32  GLU A OE2 1 
ATOM   217 N N   . ALA A 1 42  ? -4.11057  5.22011   -5.02499  1.000 7.59890  ? 33  ALA A N   1 
ATOM   218 C CA  . ALA A 1 42  ? -2.80428  4.73431   -4.59116  1.000 8.48465  ? 33  ALA A CA  1 
ATOM   219 C C   . ALA A 1 42  ? -1.71750  5.13559   -5.58093  1.000 10.19592 ? 33  ALA A C   1 
ATOM   220 O O   . ALA A 1 42  ? -0.63930  5.59545   -5.18453  1.000 10.62722 ? 33  ALA A O   1 
ATOM   221 C CB  . ALA A 1 42  ? -2.83461  3.21441   -4.41401  1.000 11.14012 ? 33  ALA A CB  1 
ATOM   222 N N   . ARG A 1 43  ? -1.98124  4.95776   -6.88044  1.000 9.58501  ? 34  ARG A N   1 
ATOM   223 C CA  . ARG A 1 43  ? -0.99329  5.33968   -7.88241  1.000 12.83187 ? 34  ARG A CA  1 
ATOM   224 C C   . ARG A 1 43  ? -0.71670  6.82775   -7.82100  1.000 12.26163 ? 34  ARG A C   1 
ATOM   225 O O   . ARG A 1 43  ? 0.43340   7.25659   -7.95271  1.000 15.16912 ? 34  ARG A O   1 
ATOM   226 C CB  . ARG A 1 43  ? -1.46906  4.95544   -9.27814  1.000 13.65700 ? 34  ARG A CB  1 
ATOM   227 C CG  . ARG A 1 43  ? -1.45092  3.47750   -9.51223  1.000 14.00851 ? 34  ARG A CG  1 
ATOM   228 C CD  . ARG A 1 43  ? -2.01989  3.10800   -10.87166 1.000 30.10897 ? 34  ARG A CD  1 
ATOM   229 N NE  . ARG A 1 43  ? -1.81693  1.68649   -11.10183 1.000 25.89398 ? 34  ARG A NE  1 
ATOM   230 C CZ  . ARG A 1 43  ? -2.78317  0.78108   -11.20964 1.000 27.67740 ? 34  ARG A CZ  1 
ATOM   231 N NH1 . ARG A 1 43  ? -4.06164  1.13660   -11.15285 1.000 25.33628 ? 34  ARG A NH1 1 
ATOM   232 N NH2 . ARG A 1 43  ? -2.45707  -0.48927  -11.40336 1.000 23.22578 ? 34  ARG A NH2 1 
ATOM   233 N N   . GLN A 1 44  ? -1.76205  7.63081   -7.60828  1.000 12.27356 ? 35  GLN A N   1 
ATOM   234 C CA  . GLN A 1 44  ? -1.56185  9.07069   -7.50940  1.000 13.69798 ? 35  GLN A CA  1 
ATOM   235 C C   . GLN A 1 44  ? -0.71131  9.41680   -6.29302  1.000 14.32482 ? 35  GLN A C   1 
ATOM   236 O O   . GLN A 1 44  ? 0.22252   10.22501  -6.38814  1.000 14.32158 ? 35  GLN A O   1 
ATOM   237 C CB  . GLN A 1 44  ? -2.91682  9.78093   -7.46495  1.000 16.41525 ? 35  GLN A CB  1 
ATOM   238 C CG  . GLN A 1 44  ? -2.82406  11.29239  -7.57468  1.000 30.01933 ? 35  GLN A CG  1 
ATOM   239 C CD  . GLN A 1 44  ? -2.32797  11.73735  -8.94157  1.000 35.85611 ? 35  GLN A CD  1 
ATOM   240 O OE1 . GLN A 1 44  ? -2.90621  11.37280  -9.97179  1.000 36.75554 ? 35  GLN A OE1 1 
ATOM   241 N NE2 . GLN A 1 44  ? -1.25443  12.52770  -8.95824  1.000 29.17316 ? 35  GLN A NE2 1 
ATOM   242 N N   . HIS A 1 45  ? -0.99339  8.78913   -5.14626  1.000 12.76189 ? 36  HIS A N   1 
ATOM   243 C CA  . HIS A 1 45  ? -0.21465  9.08308   -3.94515  1.000 11.65743 ? 36  HIS A CA  1 
ATOM   244 C C   . HIS A 1 45  ? 1.22953   8.61916   -4.08144  1.000 11.79406 ? 36  HIS A C   1 
ATOM   245 O O   . HIS A 1 45  ? 2.14398   9.26789   -3.56214  1.000 12.54268 ? 36  HIS A O   1 
ATOM   246 C CB  . HIS A 1 45  ? -0.85123  8.42476   -2.72471  1.000 9.48620  ? 36  HIS A CB  1 
ATOM   247 C CG  . HIS A 1 45  ? -2.02719  9.16408   -2.17236  1.000 9.52323  ? 36  HIS A CG  1 
ATOM   248 N ND1 . HIS A 1 45  ? -3.26873  9.13660   -2.77275  1.000 15.95237 ? 36  HIS A ND1 1 
ATOM   249 C CD2 . HIS A 1 45  ? -2.16076  9.93534   -1.06686  1.000 10.95583 ? 36  HIS A CD2 1 
ATOM   250 C CE1 . HIS A 1 45  ? -4.11432  9.86271   -2.06328  1.000 18.37119 ? 36  HIS A CE1 1 
ATOM   251 N NE2 . HIS A 1 45  ? -3.46940  10.35283  -1.01993  1.000 13.87065 ? 36  HIS A NE2 1 
ATOM   252 N N   . LEU A 1 46  ? 1.45450   7.46264   -4.70789  1.000 9.43150  ? 37  LEU A N   1 
ATOM   253 C CA  . LEU A 1 46  ? 2.82515   7.03465   -4.95675  1.000 10.02447 ? 37  LEU A CA  1 
ATOM   254 C C   . LEU A 1 46  ? 3.55883   8.06721   -5.80635  1.000 17.93948 ? 37  LEU A C   1 
ATOM   255 O O   . LEU A 1 46  ? 4.68982   8.45875   -5.49248  1.000 17.80344 ? 37  LEU A O   1 
ATOM   256 C CB  . LEU A 1 46  ? 2.83464   5.66168   -5.63420  1.000 15.99284 ? 37  LEU A CB  1 
ATOM   257 C CG  . LEU A 1 46  ? 2.41168   4.49948   -4.73565  1.000 10.97422 ? 37  LEU A CG  1 
ATOM   258 C CD1 . LEU A 1 46  ? 1.94827   3.32831   -5.57507  1.000 11.47972 ? 37  LEU A CD1 1 
ATOM   259 C CD2 . LEU A 1 46  ? 3.54618   4.08300   -3.80322  1.000 12.02272 ? 37  LEU A CD2 1 
ATOM   260 N N   . LYS A 1 47  ? 2.91684   8.51762   -6.88762  1.000 20.59610 ? 38  LYS A N   1 
ATOM   261 C CA  . LYS A 1 47  ? 3.49478   9.54052   -7.75470  1.000 22.03927 ? 38  LYS A CA  1 
ATOM   262 C C   . LYS A 1 47  ? 3.84086   10.80139  -6.97970  1.000 24.04902 ? 38  LYS A C   1 
ATOM   263 O O   . LYS A 1 47  ? 4.88637   11.41611  -7.21984  1.000 30.00398 ? 38  LYS A O   1 
ATOM   264 C CB  . LYS A 1 47  ? 2.51669   9.88958   -8.87417  1.000 21.13875 ? 38  LYS A CB  1 
ATOM   265 C CG  . LYS A 1 47  ? 2.65540   9.08701   -10.14502 1.000 35.79823 ? 38  LYS A CG  1 
ATOM   266 C CD  . LYS A 1 47  ? 2.17265   9.92548   -11.33135 1.000 35.39280 ? 38  LYS A CD  1 
ATOM   267 C CE  . LYS A 1 47  ? 2.01743   9.09543   -12.59763 1.000 44.83126 ? 38  LYS A CE  1 
ATOM   268 N NZ  . LYS A 1 47  ? 0.84622   8.18628   -12.51625 1.000 39.87531 ? 38  LYS A NZ  1 
ATOM   269 N N   . ASP A 1 48  ? 2.96397   11.21264  -6.06193  1.000 18.07112 ? 39  ASP A N   1 
ATOM   270 C CA  . ASP A 1 48  ? 3.10927   12.45298  -5.30848  1.000 18.40367 ? 39  ASP A CA  1 
ATOM   271 C C   . ASP A 1 48  ? 4.01393   12.31658  -4.08868  1.000 23.25036 ? 39  ASP A C   1 
ATOM   272 O O   . ASP A 1 48  ? 4.29204   13.32455  -3.42942  1.000 19.97800 ? 39  ASP A O   1 
ATOM   273 C CB  . ASP A 1 48  ? 1.74208   12.95399  -4.83830  1.000 20.17245 ? 39  ASP A CB  1 
ATOM   274 C CG  . ASP A 1 48  ? 0.83853   13.36863  -5.98001  1.000 34.79703 ? 39  ASP A CG  1 
ATOM   275 O OD1 . ASP A 1 48  ? 1.36460   13.65576  -7.07870  1.000 35.88658 ? 39  ASP A OD1 1 
ATOM   276 O OD2 . ASP A 1 48  ? -0.40044  13.41312  -5.77521  1.000 30.55004 ? 39  ASP A OD2 1 
ATOM   277 N N   . GLY A 1 49  ? 4.46582   11.10964  -3.76026  1.000 17.05095 ? 40  GLY A N   1 
ATOM   278 C CA  . GLY A 1 49  ? 5.28300   10.93641  -2.57626  1.000 14.69569 ? 40  GLY A CA  1 
ATOM   279 C C   . GLY A 1 49  ? 4.50886   10.99789  -1.28584  1.000 16.03305 ? 40  GLY A C   1 
ATOM   280 O O   . GLY A 1 49  ? 5.10131   11.26405  -0.23452  1.000 19.35457 ? 40  GLY A O   1 
ATOM   281 N N   . THR A 1 50  ? 3.19313   10.74228  -1.32937  1.000 9.17924  ? 41  THR A N   1 
ATOM   282 C CA  . THR A 1 50  ? 2.31106   10.87013  -0.17391  1.000 9.91366  ? 41  THR A CA  1 
ATOM   283 C C   . THR A 1 50  ? 1.67618   9.52850   0.19656   1.000 6.84083  ? 41  THR A C   1 
ATOM   284 O O   . THR A 1 50  ? 0.53953   9.48569   0.67031   1.000 7.84132  ? 41  THR A O   1 
ATOM   285 C CB  . THR A 1 50  ? 1.22355   11.92037  -0.41757  1.000 14.81139 ? 41  THR A CB  1 
ATOM   286 O OG1 . THR A 1 50  ? 0.49956   11.62909  -1.62194  1.000 14.34984 ? 41  THR A OG1 1 
ATOM   287 C CG2 . THR A 1 50  ? 1.84488   13.29755  -0.52286  1.000 21.51818 ? 41  THR A CG2 1 
ATOM   288 N N   . CYS A 1 51  ? 2.41073   8.44265   -0.00078  1.000 8.52527  ? 42  CYS A N   1 
ATOM   289 C CA  . CYS A 1 51  ? 1.92122   7.08898   0.23160   1.000 7.59248  ? 42  CYS A CA  1 
ATOM   290 C C   . CYS A 1 51  ? 2.76851   6.43090   1.31451   1.000 10.80400 ? 42  CYS A C   1 
ATOM   291 O O   . CYS A 1 51  ? 4.00298   6.48611   1.25847   1.000 9.90227  ? 42  CYS A O   1 
ATOM   292 C CB  . CYS A 1 51  ? 1.98601   6.28438   -1.06534  1.000 11.84352 ? 42  CYS A CB  1 
ATOM   293 S SG  . CYS A 1 51  ? 1.08382   4.71942   -0.98339  1.000 10.78788 ? 42  CYS A SG  1 
ATOM   294 N N   . GLY A 1 52  ? 2.11748   5.81294   2.30011   1.000 5.11458  ? 43  GLY A N   1 
ATOM   295 C CA  . GLY A 1 52  ? 2.79645   5.00940   3.29325   1.000 7.48301  ? 43  GLY A CA  1 
ATOM   296 C C   . GLY A 1 52  ? 2.52383   3.52060   3.11499   1.000 9.56225  ? 43  GLY A C   1 
ATOM   297 O O   . GLY A 1 52  ? 1.69179   3.10392   2.31811   1.000 6.52976  ? 43  GLY A O   1 
ATOM   298 N N   . LEU A 1 53  ? 3.25559   2.71751   3.88327   1.000 5.21649  ? 44  LEU A N   1 
ATOM   299 C CA  . LEU A 1 53  ? 3.17817   1.26713   3.79758   1.000 3.57554  ? 44  LEU A CA  1 
ATOM   300 C C   . LEU A 1 53  ? 3.00219   0.69050   5.19319   1.000 6.57275  ? 44  LEU A C   1 
ATOM   301 O O   . LEU A 1 53  ? 3.75146   1.04802   6.10376   1.000 7.47304  ? 44  LEU A O   1 
ATOM   302 C CB  . LEU A 1 53  ? 4.44564   0.69808   3.14909   1.000 5.79702  ? 44  LEU A CB  1 
ATOM   303 C CG  . LEU A 1 53  ? 4.46736   -0.80130  2.85475   1.000 12.43135 ? 44  LEU A CG  1 
ATOM   304 C CD1 . LEU A 1 53  ? 3.25875   -1.17511  2.05336   1.000 18.72195 ? 44  LEU A CD1 1 
ATOM   305 C CD2 . LEU A 1 53  ? 5.74168   -1.19122  2.12022   1.000 22.38011 ? 44  LEU A CD2 1 
ATOM   306 N N   . VAL A 1 54  ? 2.00460   -0.17791  5.36384   1.000 7.28278  ? 45  VAL A N   1 
ATOM   307 C CA  . VAL A 1 54  ? 1.76963   -0.87891  6.62447   1.000 4.23007  ? 45  VAL A CA  1 
ATOM   308 C C   . VAL A 1 54  ? 2.06703   -2.35455  6.39403   1.000 8.54265  ? 45  VAL A C   1 
ATOM   309 O O   . VAL A 1 54  ? 1.51022   -2.97613  5.48067   1.000 9.35419  ? 45  VAL A O   1 
ATOM   310 C CB  . VAL A 1 54  ? 0.33001   -0.66862  7.13756   1.000 4.39468  ? 45  VAL A CB  1 
ATOM   311 C CG1 . VAL A 1 54  ? 0.10225   -1.43821  8.43218   1.000 9.95525  ? 45  VAL A CG1 1 
ATOM   312 C CG2 . VAL A 1 54  ? 0.05952   0.81132   7.38096   1.000 7.97566  ? 45  VAL A CG2 1 
ATOM   313 N N   . GLU A 1 55  ? 2.93963   -2.92455  7.21289   1.000 10.82970 ? 46  GLU A N   1 
ATOM   314 C CA  . GLU A 1 55  ? 3.24226   -4.33027  7.00515   1.000 11.19629 ? 46  GLU A CA  1 
ATOM   315 C C   . GLU A 1 55  ? 2.10491   -5.19621  7.53726   1.000 10.85500 ? 46  GLU A C   1 
ATOM   316 O O   . GLU A 1 55  ? 1.45398   -4.86036  8.53058   1.000 10.83663 ? 46  GLU A O   1 
ATOM   317 C CB  . GLU A 1 55  ? 4.58713   -4.68802  7.62165   1.000 20.39847 ? 46  GLU A CB  1 
ATOM   318 C CG  . GLU A 1 55  ? 5.68802   -3.87373  6.95708   1.000 19.89923 ? 46  GLU A CG  1 
ATOM   319 C CD  . GLU A 1 55  ? 7.06848   -4.13553  7.50992   1.000 40.24857 ? 46  GLU A CD  1 
ATOM   320 O OE1 . GLU A 1 55  ? 7.97556   -4.38786  6.69036   1.000 37.72712 ? 46  GLU A OE1 1 
ATOM   321 O OE2 . GLU A 1 55  ? 7.25247   -4.07480  8.74462   1.000 34.97933 ? 46  GLU A OE2 1 
ATOM   322 N N   . VAL A 1 56  ? 1.82575   -6.27733  6.81823   1.000 11.58546 ? 47  VAL A N   1 
ATOM   323 C CA  . VAL A 1 56  ? 0.68966   -7.13763  7.11533   1.000 11.10799 ? 47  VAL A CA  1 
ATOM   324 C C   . VAL A 1 56  ? 1.13638   -8.14664  8.16407   1.000 12.87257 ? 47  VAL A C   1 
ATOM   325 O O   . VAL A 1 56  ? 1.98776   -9.00029  7.89856   1.000 24.86675 ? 47  VAL A O   1 
ATOM   326 C CB  . VAL A 1 56  ? 0.16896   -7.84243  5.85915   1.000 18.21171 ? 47  VAL A CB  1 
ATOM   327 C CG1 . VAL A 1 56  ? -1.00283  -8.74153  6.21715   1.000 22.44327 ? 47  VAL A CG1 1 
ATOM   328 C CG2 . VAL A 1 56  ? -0.23837  -6.84611  4.80598   1.000 22.10598 ? 47  VAL A CG2 1 
ATOM   329 N N   . GLU A 1 57  ? 0.58741   -8.01819  9.36160   1.000 14.33367 ? 48  GLU A N   1 
ATOM   330 C CA  . GLU A 1 57  ? 0.76311   -8.96938  10.44671  1.000 23.51307 ? 48  GLU A CA  1 
ATOM   331 C C   . GLU A 1 57  ? -0.62210  -9.31920  10.95800  1.000 22.92056 ? 48  GLU A C   1 
ATOM   332 O O   . GLU A 1 57  ? -1.61738  -8.69926  10.57570  1.000 18.08060 ? 48  GLU A O   1 
ATOM   333 C CB  . GLU A 1 57  ? 1.62293   -8.39313  11.58047  1.000 24.64011 ? 48  GLU A CB  1 
ATOM   334 C CG  . GLU A 1 57  ? 2.91492   -7.73140  11.11508  1.000 28.11243 ? 48  GLU A CG  1 
ATOM   335 C CD  . GLU A 1 57  ? 4.11636   -8.66436  11.17808  1.000 53.46752 ? 48  GLU A CD  1 
ATOM   336 O OE1 . GLU A 1 57  ? 5.24988   -8.16068  11.37149  1.000 57.16788 ? 48  GLU A OE1 1 
ATOM   337 O OE2 . GLU A 1 57  ? 3.93047   -9.89651  11.04029  1.000 46.34630 ? 48  GLU A OE2 1 
ATOM   338 N N   . LYS A 1 58  ? -0.69958  -10.31889 11.83222  1.000 19.72871 ? 49  LYS A N   1 
ATOM   339 C CA  . LYS A 1 58  ? -1.99987  -10.67728 12.36634  1.000 17.38880 ? 49  LYS A CA  1 
ATOM   340 C C   . LYS A 1 58  ? -2.61591  -9.47912  13.07913  1.000 16.08795 ? 49  LYS A C   1 
ATOM   341 O O   . LYS A 1 58  ? -1.93865  -8.76967  13.82984  1.000 23.27557 ? 49  LYS A O   1 
ATOM   342 C CB  . LYS A 1 58  ? -1.88433  -11.87269 13.30912  1.000 29.55769 ? 49  LYS A CB  1 
ATOM   343 C CG  . LYS A 1 58  ? -3.21523  -12.22577 13.94666  1.000 41.24704 ? 49  LYS A CG  1 
ATOM   344 C CD  . LYS A 1 58  ? -3.96380  -13.22466 13.07899  1.000 39.22492 ? 49  LYS A CD  1 
ATOM   345 C CE  . LYS A 1 58  ? -5.05725  -13.93015 13.85521  1.000 36.34268 ? 49  LYS A CE  1 
ATOM   346 N NZ  . LYS A 1 58  ? -4.65300  -14.19148 15.26882  1.000 39.26924 ? 49  LYS A NZ  1 
ATOM   347 N N   . GLY A 1 59  ? -3.88984  -9.22213  12.78947  1.000 20.08898 ? 50  GLY A N   1 
ATOM   348 C CA  . GLY A 1 59  ? -4.61342  -8.13269  13.39771  1.000 20.19054 ? 50  GLY A CA  1 
ATOM   349 C C   . GLY A 1 59  ? -4.52142  -6.80934  12.67238  1.000 13.88681 ? 50  GLY A C   1 
ATOM   350 O O   . GLY A 1 59  ? -5.18900  -5.85350  13.08562  1.000 15.64289 ? 50  GLY A O   1 
ATOM   351 N N   . VAL A 1 60  ? -3.73383  -6.72104  11.59912  1.000 12.38043 ? 51  VAL A N   1 
ATOM   352 C CA  . VAL A 1 60  ? -3.55279  -5.43551  10.92363  1.000 9.93978  ? 51  VAL A CA  1 
ATOM   353 C C   . VAL A 1 60  ? -4.72417  -5.11863  10.00242  1.000 7.47242  ? 51  VAL A C   1 
ATOM   354 O O   . VAL A 1 60  ? -5.28661  -4.01933  10.05185  1.000 9.35020  ? 51  VAL A O   1 
ATOM   355 C CB  . VAL A 1 60  ? -2.22173  -5.41676  10.15504  1.000 14.04953 ? 51  VAL A CB  1 
ATOM   356 C CG1 . VAL A 1 60  ? -2.22170  -4.25945  9.16011   1.000 10.96540 ? 51  VAL A CG1 1 
ATOM   357 C CG2 . VAL A 1 60  ? -1.07123  -5.30416  11.13516  1.000 13.79436 ? 51  VAL A CG2 1 
ATOM   358 N N   . LEU A 1 61  ? -5.09762  -6.05493  9.13219   1.000 10.82022 ? 52  LEU A N   1 
ATOM   359 C CA  . LEU A 1 61  ? -6.11364  -5.74512  8.12720   1.000 11.28400 ? 52  LEU A CA  1 
ATOM   360 C C   . LEU A 1 61  ? -7.46402  -5.37282  8.72279   1.000 8.82298  ? 52  LEU A C   1 
ATOM   361 O O   . LEU A 1 61  ? -8.11078  -4.45888  8.17842   1.000 10.02297 ? 52  LEU A O   1 
ATOM   362 C CB  . LEU A 1 61  ? -6.25377  -6.91592  7.14483   1.000 13.57974 ? 52  LEU A CB  1 
ATOM   363 C CG  . LEU A 1 61  ? -5.09117  -7.15403  6.18687   1.000 18.29754 ? 52  LEU A CG  1 
ATOM   364 C CD1 . LEU A 1 61  ? -5.45341  -8.29394  5.22891   1.000 19.82808 ? 52  LEU A CD1 1 
ATOM   365 C CD2 . LEU A 1 61  ? -4.74158  -5.88580  5.42552   1.000 14.22406 ? 52  LEU A CD2 1 
ATOM   366 N N   . PRO A 1 62  ? -7.95068  -5.99349  9.80662   1.000 9.43372  ? 53  PRO A N   1 
ATOM   367 C CA  . PRO A 1 62  ? -9.22572  -5.54200  10.38139  1.000 11.48044 ? 53  PRO A CA  1 
ATOM   368 C C   . PRO A 1 62  ? -9.18705  -4.11063  10.88406  1.000 9.66489  ? 53  PRO A C   1 
ATOM   369 O O   . PRO A 1 62  ? -10.25244 -3.52502  11.12736  1.000 14.02921 ? 53  PRO A O   1 
ATOM   370 C CB  . PRO A 1 62  ? -9.46952  -6.53342  11.52918  1.000 11.98627 ? 53  PRO A CB  1 
ATOM   371 C CG  . PRO A 1 62  ? -8.69555  -7.73794  11.15825  1.000 14.21932 ? 53  PRO A CG  1 
ATOM   372 C CD  . PRO A 1 62  ? -7.45112  -7.20836  10.47757  1.000 14.42654 ? 53  PRO A CD  1 
ATOM   373 N N   . GLN A 1 63  ? -7.99731  -3.52445  11.04940  1.000 9.45351  ? 54  GLN A N   1 
ATOM   374 C CA  . GLN A 1 63  ? -7.85789  -2.13469  11.45915  1.000 9.38901  ? 54  GLN A CA  1 
ATOM   375 C C   . GLN A 1 63  ? -7.73892  -1.17960  10.27693  1.000 9.44558  ? 54  GLN A C   1 
ATOM   376 O O   . GLN A 1 63  ? -7.64631  0.03276   10.49433  1.000 11.87543 ? 54  GLN A O   1 
ATOM   377 C CB  . GLN A 1 63  ? -6.63862  -1.97524  12.37574  1.000 10.62431 ? 54  GLN A CB  1 
ATOM   378 C CG  . GLN A 1 63  ? -6.76722  -2.73513  13.68641  1.000 14.61257 ? 54  GLN A CG  1 
ATOM   379 C CD  . GLN A 1 63  ? -5.60424  -2.47828  14.59653  1.000 17.61159 ? 54  GLN A CD  1 
ATOM   380 O OE1 . GLN A 1 63  ? -5.52289  -1.42697  15.22242  1.000 20.65774 ? 54  GLN A OE1 1 
ATOM   381 N NE2 . GLN A 1 63  ? -4.68124  -3.42154  14.65914  1.000 12.50469 ? 54  GLN A NE2 1 
ATOM   382 N N   . LEU A 1 64  ? -7.72605  -1.68439  9.04794   1.000 7.93913  ? 55  LEU A N   1 
ATOM   383 C CA  . LEU A 1 64  ? -7.70223  -0.83613  7.85543   1.000 7.78308  ? 55  LEU A CA  1 
ATOM   384 C C   . LEU A 1 64  ? -9.02556  -0.93919  7.09721   1.000 12.92537 ? 55  LEU A C   1 
ATOM   385 O O   . LEU A 1 64  ? -9.85320  -1.81475  7.35923   1.000 15.02398 ? 55  LEU A O   1 
ATOM   386 C CB  . LEU A 1 64  ? -6.53145  -1.22466  6.95488   1.000 8.53729  ? 55  LEU A CB  1 
ATOM   387 C CG  . LEU A 1 64  ? -5.20145  -1.00311  7.66866   1.000 10.24772 ? 55  LEU A CG  1 
ATOM   388 C CD1 . LEU A 1 64  ? -4.05188  -1.58782  6.86190   1.000 12.04179 ? 55  LEU A CD1 1 
ATOM   389 C CD2 . LEU A 1 64  ? -4.99562  0.50237   7.93332   1.000 13.51182 ? 55  LEU A CD2 1 
ATOM   390 N N   . GLU A 1 65  ? -9.22196  -0.04462  6.12684   1.000 8.88922  ? 56  GLU A N   1 
ATOM   391 C CA  . GLU A 1 65  ? -10.48471 0.01012   5.39882   1.000 8.64882  ? 56  GLU A CA  1 
ATOM   392 C C   . GLU A 1 65  ? -10.38715 -0.67288  4.03778   1.000 8.49535  ? 56  GLU A C   1 
ATOM   393 O O   . GLU A 1 65  ? -9.41569  -0.48081  3.30454   1.000 11.95393 ? 56  GLU A O   1 
ATOM   394 C CB  . GLU A 1 65  ? -10.93087 1.46120   5.23834   1.000 10.37434 ? 56  GLU A CB  1 
ATOM   395 C CG  . GLU A 1 65  ? -11.35524 2.05954   6.56633   1.000 20.03225 ? 56  GLU A CG  1 
ATOM   396 C CD  . GLU A 1 65  ? -11.48692 3.56853   6.54716   1.000 32.19832 ? 56  GLU A CD  1 
ATOM   397 O OE1 . GLU A 1 65  ? -11.05936 4.20312   5.55520   1.000 29.07516 ? 56  GLU A OE1 1 
ATOM   398 O OE2 . GLU A 1 65  ? -12.00353 4.11854   7.54703   1.000 29.69178 ? 56  GLU A OE2 1 
ATOM   399 N N   . GLN A 1 66  ? -11.42165 -1.46652  3.68519   1.000 11.68184 ? 57  GLN A N   1 
ATOM   400 C CA  . GLN A 1 66  ? -11.49144 -2.05896  2.35689   1.000 12.98219 ? 57  GLN A CA  1 
ATOM   401 C C   . GLN A 1 66  ? -12.11298 -1.08907  1.35059   1.000 11.17098 ? 57  GLN A C   1 
ATOM   402 O O   . GLN A 1 66  ? -12.82229 -0.15196  1.73347   1.000 17.93330 ? 57  GLN A O   1 
ATOM   403 C CB  . GLN A 1 66  ? -12.31051 -3.35139  2.38843   1.000 15.35682 ? 57  GLN A CB  1 
ATOM   404 C CG  . GLN A 1 66  ? -11.64249 -4.49946  3.12850   1.000 16.11383 ? 57  GLN A CG  1 
ATOM   405 C CD  . GLN A 1 66  ? -12.37338 -5.81923  2.94066   1.000 21.39544 ? 57  GLN A CD  1 
ATOM   406 O OE1 . GLN A 1 66  ? -12.54076 -6.29831  1.81732   1.000 21.50208 ? 57  GLN A OE1 1 
ATOM   407 N NE2 . GLN A 1 66  ? -12.81867 -6.41028  4.04718   1.000 27.88562 ? 57  GLN A NE2 1 
ATOM   408 N N   . PRO A 1 67  ? -11.82197 -1.25950  0.04713   1.000 13.57516 ? 58  PRO A N   1 
ATOM   409 C CA  . PRO A 1 67  ? -10.84471 -2.19018  -0.53365  1.000 10.01762 ? 58  PRO A CA  1 
ATOM   410 C C   . PRO A 1 67  ? -9.41119  -1.86736  -0.11823  1.000 9.58071  ? 58  PRO A C   1 
ATOM   411 O O   . PRO A 1 67  ? -9.08030  -0.69431  0.02085   1.000 9.91506  ? 58  PRO A O   1 
ATOM   412 C CB  . PRO A 1 67  ? -11.01081 -1.99220  -2.04928  1.000 12.74055 ? 58  PRO A CB  1 
ATOM   413 C CG  . PRO A 1 67  ? -12.29324 -1.25255  -2.21858  1.000 16.50220 ? 58  PRO A CG  1 
ATOM   414 C CD  . PRO A 1 67  ? -12.44210 -0.42050  -0.99006  1.000 14.21878 ? 58  PRO A CD  1 
ATOM   415 N N   . TYR A 1 68  ? -8.59647  -2.89835  0.07328   1.000 7.66692  ? 59  TYR A N   1 
ATOM   416 C CA  . TYR A 1 68  ? -7.18126  -2.75807  0.36894   1.000 8.83011  ? 59  TYR A CA  1 
ATOM   417 C C   . TYR A 1 68  ? -6.40215  -2.64154  -0.92177  1.000 10.55904 ? 59  TYR A C   1 
ATOM   418 O O   . TYR A 1 68  ? -6.77562  -3.22254  -1.94425  1.000 11.10043 ? 59  TYR A O   1 
ATOM   419 C CB  . TYR A 1 68  ? -6.62135  -3.96686  1.12897   1.000 8.25892  ? 59  TYR A CB  1 
ATOM   420 C CG  . TYR A 1 68  ? -7.40403  -4.43955  2.31653   1.000 7.11198  ? 59  TYR A CG  1 
ATOM   421 C CD1 . TYR A 1 68  ? -7.61907  -3.60857  3.40136   1.000 10.52921 ? 59  TYR A CD1 1 
ATOM   422 C CD2 . TYR A 1 68  ? -7.89685  -5.74070  2.36848   1.000 10.77072 ? 59  TYR A CD2 1 
ATOM   423 C CE1 . TYR A 1 68  ? -8.31996  -4.03955  4.50370   1.000 10.58548 ? 59  TYR A CE1 1 
ATOM   424 C CE2 . TYR A 1 68  ? -8.60277  -6.18731  3.47780   1.000 14.25198 ? 59  TYR A CE2 1 
ATOM   425 C CZ  . TYR A 1 68  ? -8.80431  -5.33285  4.53788   1.000 16.76474 ? 59  TYR A CZ  1 
ATOM   426 O OH  . TYR A 1 68  ? -9.51197  -5.77361  5.62895   1.000 19.55379 ? 59  TYR A OH  1 
ATOM   427 N N   . VAL A 1 69  ? -5.27773  -1.93607  -0.85409  1.000 5.76266  ? 60  VAL A N   1 
ATOM   428 C CA  . VAL A 1 69  ? -4.30939  -1.89540  -1.94047  1.000 7.82591  ? 60  VAL A CA  1 
ATOM   429 C C   . VAL A 1 69  ? -3.03007  -2.50822  -1.40085  1.000 7.43800  ? 60  VAL A C   1 
ATOM   430 O O   . VAL A 1 69  ? -2.41273  -1.96967  -0.47591  1.000 8.29527  ? 60  VAL A O   1 
ATOM   431 C CB  . VAL A 1 69  ? -4.07392  -0.47075  -2.46582  1.000 8.25724  ? 60  VAL A CB  1 
ATOM   432 C CG1 . VAL A 1 69  ? -2.97321  -0.46247  -3.50873  1.000 10.90588 ? 60  VAL A CG1 1 
ATOM   433 C CG2 . VAL A 1 69  ? -5.33591  0.06134   -3.07318  1.000 9.07586  ? 60  VAL A CG2 1 
ATOM   434 N N   . PHE A 1 70  ? -2.65410  -3.65826  -1.94003  1.000 7.70527  ? 61  PHE A N   1 
ATOM   435 C CA  . PHE A 1 70  ? -1.41416  -4.30566  -1.57478  1.000 9.45985  ? 61  PHE A CA  1 
ATOM   436 C C   . PHE A 1 70  ? -0.33395  -3.94649  -2.57690  1.000 9.48260  ? 61  PHE A C   1 
ATOM   437 O O   . PHE A 1 70  ? -0.58284  -3.79213  -3.77655  1.000 11.17221 ? 61  PHE A O   1 
ATOM   438 C CB  . PHE A 1 70  ? -1.57234  -5.82622  -1.53512  1.000 9.82136  ? 61  PHE A CB  1 
ATOM   439 C CG  . PHE A 1 70  ? -2.52412  -6.30053  -0.51227  1.000 12.48501 ? 61  PHE A CG  1 
ATOM   440 C CD1 . PHE A 1 70  ? -2.21468  -6.19541  0.83399   1.000 14.82138 ? 61  PHE A CD1 1 
ATOM   441 C CD2 . PHE A 1 70  ? -3.72979  -6.86535  -0.87998  1.000 11.03824 ? 61  PHE A CD2 1 
ATOM   442 C CE1 . PHE A 1 70  ? -3.09766  -6.65904  1.78866   1.000 13.45563 ? 61  PHE A CE1 1 
ATOM   443 C CE2 . PHE A 1 70  ? -4.61559  -7.31350  0.07340   1.000 14.38573 ? 61  PHE A CE2 1 
ATOM   444 C CZ  . PHE A 1 70  ? -4.30087  -7.21152  1.40774   1.000 14.72210 ? 61  PHE A CZ  1 
ATOM   445 N N   . ILE A 1 71  ? 0.87260   -3.82850  -2.07028  1.000 10.20869 ? 62  ILE A N   1 
ATOM   446 C CA  . ILE A 1 71  ? 2.05165   -3.72409  -2.90414  1.000 10.55481 ? 62  ILE A CA  1 
ATOM   447 C C   . ILE A 1 71  ? 2.71350   -5.10073  -2.89759  1.000 13.24928 ? 62  ILE A C   1 
ATOM   448 O O   . ILE A 1 71  ? 2.97838   -5.67228  -1.83404  1.000 15.26750 ? 62  ILE A O   1 
ATOM   449 C CB  . ILE A 1 71  ? 2.96414   -2.58862  -2.41109  1.000 21.66707 ? 62  ILE A CB  1 
ATOM   450 C CG1 . ILE A 1 71  ? 4.15456   -2.37633  -3.32122  1.000 24.33147 ? 62  ILE A CG1 1 
ATOM   451 C CG2 . ILE A 1 71  ? 3.40957   -2.79313  -0.98814  1.000 17.53314 ? 62  ILE A CG2 1 
ATOM   452 C CD1 . ILE A 1 71  ? 4.96685   -1.16246  -2.90810  1.000 30.14846 ? 62  ILE A CD1 1 
ATOM   453 N N   . LYS A 1 72  ? 2.89696   -5.67988  -4.08199  1.000 13.50250 ? 63  LYS A N   1 
ATOM   454 C CA  . LYS A 1 72  ? 3.36045   -7.05537  -4.21085  1.000 14.48669 ? 63  LYS A CA  1 
ATOM   455 C C   . LYS A 1 72  ? 4.60044   -7.12271  -5.08443  1.000 19.94195 ? 63  LYS A C   1 
ATOM   456 O O   . LYS A 1 72  ? 4.70841   -6.39893  -6.07491  1.000 18.94933 ? 63  LYS A O   1 
ATOM   457 C CB  . LYS A 1 72  ? 2.28572   -7.93827  -4.81908  1.000 15.88875 ? 63  LYS A CB  1 
ATOM   458 C CG  . LYS A 1 72  ? 1.09540   -8.15557  -3.92668  1.000 14.79726 ? 63  LYS A CG  1 
ATOM   459 C CD  . LYS A 1 72  ? 0.20432   -9.19423  -4.54028  1.000 22.42971 ? 63  LYS A CD  1 
ATOM   460 C CE  . LYS A 1 72  ? -0.91897  -9.59135  -3.60798  1.000 30.01051 ? 63  LYS A CE  1 
ATOM   461 N NZ  . LYS A 1 72  ? -1.66606  -10.75264 -4.18894  1.000 22.02174 ? 63  LYS A NZ  1 
ATOM   462 N N   . ARG A 1 73  ? 5.51815   -8.01790  -4.73538  1.000 19.30425 ? 64  ARG A N   1 
ATOM   463 C CA  . ARG A 1 73  ? 6.72978   -8.16474  -5.52914  1.000 23.35842 ? 64  ARG A CA  1 
ATOM   464 C C   . ARG A 1 73  ? 6.36619   -8.67328  -6.91613  1.000 23.89660 ? 64  ARG A C   1 
ATOM   465 O O   . ARG A 1 73  ? 5.77226   -9.74608  -7.05354  1.000 24.20283 ? 64  ARG A O   1 
ATOM   466 C CB  . ARG A 1 73  ? 7.71787   -9.10302  -4.84182  1.000 27.39965 ? 64  ARG A CB  1 
ATOM   467 C CG  . ARG A 1 73  ? 9.10271   -8.97670  -5.42569  1.000 34.51253 ? 64  ARG A CG  1 
ATOM   468 C CD  . ARG A 1 73  ? 10.19781  -9.46806  -4.49487  1.000 39.46434 ? 64  ARG A CD  1 
ATOM   469 N NE  . ARG A 1 73  ? 11.16512  -10.29382 -5.20915  1.000 49.46752 ? 64  ARG A NE  1 
ATOM   470 C CZ  . ARG A 1 73  ? 12.47519  -10.07191 -5.20003  1.000 55.14469 ? 64  ARG A CZ  1 
ATOM   471 N NH1 . ARG A 1 73  ? 13.29392  -10.86576 -5.87890  1.000 59.37419 ? 64  ARG A NH1 1 
ATOM   472 N NH2 . ARG A 1 73  ? 12.96279  -9.03697  -4.52816  1.000 56.48867 ? 64  ARG A NH2 1 
ATOM   473 N N   . SER A 1 74  ? 6.71027   -7.89590  -7.94548  1.000 24.68278 ? 65  SER A N   1 
ATOM   474 C CA  . SER A 1 74  ? 6.31327   -8.22485  -9.30947  1.000 31.41107 ? 65  SER A CA  1 
ATOM   475 C C   . SER A 1 74  ? 7.23098   -9.24562  -9.97094  1.000 40.02618 ? 65  SER A C   1 
ATOM   476 O O   . SER A 1 74  ? 6.84304   -9.83520  -10.98695 1.000 41.40502 ? 65  SER A O   1 
ATOM   477 C CB  . SER A 1 74  ? 6.26784   -6.95411  -10.16116 1.000 31.52101 ? 65  SER A CB  1 
ATOM   478 O OG  . SER A 1 74  ? 7.48403   -6.79350  -10.87201 1.000 47.34893 ? 65  SER A OG  1 
ATOM   479 N N   . ASP A 1 75  ? 8.42218   -9.47444  -9.42434  1.000 30.48289 ? 66  ASP A N   1 
ATOM   480 C CA  . ASP A 1 75  ? 9.38123   -10.37684 -10.05271 1.000 42.24635 ? 66  ASP A CA  1 
ATOM   481 C C   . ASP A 1 75  ? 10.53255  -10.73005 -9.11715  1.000 48.37686 ? 66  ASP A C   1 
ATOM   482 O O   . ASP A 1 75  ? 11.21390  -9.84886  -8.59898  1.000 55.24380 ? 66  ASP A O   1 
ATOM   483 C CB  . ASP A 1 75  ? 9.91704   -9.73737  -11.33179 1.000 48.43202 ? 66  ASP A CB  1 
ATOM   484 C CG  . ASP A 1 75  ? 11.03479  -10.52786 -11.95921 1.000 51.76752 ? 66  ASP A CG  1 
ATOM   485 O OD1 . ASP A 1 75  ? 11.89430  -9.90969  -12.61714 1.000 54.94114 ? 66  ASP A OD1 1 
ATOM   486 O OD2 . ASP A 1 75  ? 11.05557  -11.76371 -11.80454 1.000 60.36485 ? 66  ASP A OD2 1 
ATOM   487 N N   . GLY A 1 82  ? 19.02244  -1.84729  -4.88864  1.000 44.11847 ? 73  GLY A N   1 
ATOM   488 C CA  . GLY A 1 82  ? 18.28121  -2.37440  -3.75988  1.000 46.59490 ? 73  GLY A CA  1 
ATOM   489 C C   . GLY A 1 82  ? 16.83988  -1.89992  -3.72896  1.000 47.87905 ? 73  GLY A C   1 
ATOM   490 O O   . GLY A 1 82  ? 16.30652  -1.55967  -2.67322  1.000 49.38118 ? 73  GLY A O   1 
ATOM   491 N N   . HIS A 1 83  ? 16.20771  -1.87168  -4.89866  1.000 32.95525 ? 74  HIS A N   1 
ATOM   492 C CA  . HIS A 1 83  ? 14.81290  -1.47399  -5.04360  1.000 34.09558 ? 74  HIS A CA  1 
ATOM   493 C C   . HIS A 1 83  ? 14.02928  -2.65463  -5.59948  1.000 36.06470 ? 74  HIS A C   1 
ATOM   494 O O   . HIS A 1 83  ? 14.38628  -3.20555  -6.64797  1.000 40.82709 ? 74  HIS A O   1 
ATOM   495 C CB  . HIS A 1 83  ? 14.68085  -0.25632  -5.95929  1.000 35.24310 ? 74  HIS A CB  1 
ATOM   496 C CG  . HIS A 1 83  ? 14.85140  1.05247   -5.25706  1.000 38.20460 ? 74  HIS A CG  1 
ATOM   497 N ND1 . HIS A 1 83  ? 16.07161  1.48979   -4.78900  1.000 39.30580 ? 74  HIS A ND1 1 
ATOM   498 C CD2 . HIS A 1 83  ? 13.95841  2.02172   -4.94637  1.000 31.46632 ? 74  HIS A CD2 1 
ATOM   499 C CE1 . HIS A 1 83  ? 15.92200  2.67017   -4.21616  1.000 36.43367 ? 74  HIS A CE1 1 
ATOM   500 N NE2 . HIS A 1 83  ? 14.64972  3.01586   -4.29842  1.000 37.68889 ? 74  HIS A NE2 1 
ATOM   501 N N   . VAL A 1 84  ? 12.96727  -3.03663  -4.90233  1.000 27.64231 ? 75  VAL A N   1 
ATOM   502 C CA  . VAL A 1 84  ? 12.17826  -4.19929  -5.28643  1.000 30.33849 ? 75  VAL A CA  1 
ATOM   503 C C   . VAL A 1 84  ? 11.14398  -3.78922  -6.32191  1.000 28.02538 ? 75  VAL A C   1 
ATOM   504 O O   . VAL A 1 84  ? 10.40474  -2.81897  -6.13025  1.000 26.46040 ? 75  VAL A O   1 
ATOM   505 C CB  . VAL A 1 84  ? 11.51475  -4.82715  -4.05305  1.000 30.87739 ? 75  VAL A CB  1 
ATOM   506 C CG1 . VAL A 1 84  ? 10.64265  -5.99234  -4.44998  1.000 26.48463 ? 75  VAL A CG1 1 
ATOM   507 C CG2 . VAL A 1 84  ? 12.58295  -5.27217  -3.06340  1.000 40.00550 ? 75  VAL A CG2 1 
ATOM   508 N N   . MET A 1 85  ? 11.08939  -4.52435  -7.42772  1.000 23.07862 ? 76  MET A N   1 
ATOM   509 C CA  . MET A 1 85  ? 10.05796  -4.28154  -8.42452  1.000 24.97213 ? 76  MET A CA  1 
ATOM   510 C C   . MET A 1 85  ? 8.71138   -4.74892  -7.88221  1.000 20.68748 ? 76  MET A C   1 
ATOM   511 O O   . MET A 1 85  ? 8.56784   -5.90133  -7.46026  1.000 20.29305 ? 76  MET A O   1 
ATOM   512 C CB  . MET A 1 85  ? 10.41362  -4.99852  -9.72132  1.000 25.79637 ? 76  MET A CB  1 
ATOM   513 C CG  . MET A 1 85  ? 11.70986  -4.49382  -10.33411 1.000 38.65598 ? 76  MET A CG  1 
ATOM   514 S SD  . MET A 1 85  ? 12.10640  -5.37741  -11.85729 1.000 42.77282 ? 76  MET A SD  1 
ATOM   515 C CE  . MET A 1 85  ? 12.32846  -7.03587  -11.19630 1.000 43.79821 ? 76  MET A CE  1 
ATOM   516 N N   . VAL A 1 86  ? 7.72723   -3.85264  -7.88456  1.000 21.71146 ? 77  VAL A N   1 
ATOM   517 C CA  . VAL A 1 86  ? 6.43355   -4.13196  -7.27567  1.000 20.65691 ? 77  VAL A CA  1 
ATOM   518 C C   . VAL A 1 86  ? 5.30807   -3.76601  -8.23336  1.000 20.45014 ? 77  VAL A C   1 
ATOM   519 O O   . VAL A 1 86  ? 5.46430   -2.93955  -9.13485  1.000 25.60889 ? 77  VAL A O   1 
ATOM   520 C CB  . VAL A 1 86  ? 6.24825   -3.37634  -5.93939  1.000 15.96604 ? 77  VAL A CB  1 
ATOM   521 C CG1 . VAL A 1 86  ? 7.32548   -3.76676  -4.95179  1.000 20.53255 ? 77  VAL A CG1 1 
ATOM   522 C CG2 . VAL A 1 86  ? 6.23141   -1.87629  -6.17620  1.000 20.64227 ? 77  VAL A CG2 1 
ATOM   523 N N   . GLU A 1 87  ? 4.15184   -4.39312  -8.01143  1.000 16.27093 ? 78  GLU A N   1 
ATOM   524 C CA  . GLU A 1 87  ? 2.91594   -4.04192  -8.68498  1.000 16.65775 ? 78  GLU A CA  1 
ATOM   525 C C   . GLU A 1 87  ? 1.82074   -3.89413  -7.63949  1.000 16.44267 ? 78  GLU A C   1 
ATOM   526 O O   . GLU A 1 87  ? 1.94846   -4.39436  -6.51961  1.000 14.10810 ? 78  GLU A O   1 
ATOM   527 C CB  . GLU A 1 87  ? 2.51191   -5.10003  -9.72149  1.000 24.26842 ? 78  GLU A CB  1 
ATOM   528 C CG  . GLU A 1 87  ? 3.27446   -4.99585  -11.03660 1.000 37.83692 ? 78  GLU A CG  1 
ATOM   529 C CD  . GLU A 1 87  ? 2.40779   -5.32545  -12.23704 1.000 51.94704 ? 78  GLU A CD  1 
ATOM   530 O OE1 . GLU A 1 87  ? 2.53900   -4.63587  -13.27353 1.000 59.41332 ? 78  GLU A OE1 1 
ATOM   531 O OE2 . GLU A 1 87  ? 1.59602   -6.27354  -12.14228 1.000 53.15865 ? 78  GLU A OE2 1 
ATOM   532 N N   . LEU A 1 88  ? 0.74187   -3.20827  -8.02147  1.000 14.17149 ? 79  LEU A N   1 
ATOM   533 C CA  . LEU A 1 88  ? -0.39574  -2.97998  -7.13635  1.000 11.76440 ? 79  LEU A CA  1 
ATOM   534 C C   . LEU A 1 88  ? -1.48780  -4.00545  -7.37973  1.000 15.87688 ? 79  LEU A C   1 
ATOM   535 O O   . LEU A 1 88  ? -1.82232  -4.31830  -8.52568  1.000 17.93423 ? 79  LEU A O   1 
ATOM   536 C CB  . LEU A 1 88  ? -0.98219  -1.58029  -7.33176  1.000 12.16987 ? 79  LEU A CB  1 
ATOM   537 C CG  . LEU A 1 88  ? -0.04351  -0.39187  -7.20892  1.000 15.22198 ? 79  LEU A CG  1 
ATOM   538 C CD1 . LEU A 1 88  ? -0.84708  0.89319   -7.17416  1.000 16.76399 ? 79  LEU A CD1 1 
ATOM   539 C CD2 . LEU A 1 88  ? 0.79078   -0.53808  -5.94483  1.000 16.69598 ? 79  LEU A CD2 1 
ATOM   540 N N   . VAL A 1 89  ? -2.05911  -4.50822  -6.29143  1.000 12.08996 ? 80  VAL A N   1 
ATOM   541 C CA  . VAL A 1 89  ? -3.16499  -5.45428  -6.33932  1.000 12.34903 ? 80  VAL A CA  1 
ATOM   542 C C   . VAL A 1 89  ? -4.16554  -5.02388  -5.28356  1.000 14.58684 ? 80  VAL A C   1 
ATOM   543 O O   . VAL A 1 89  ? -3.79122  -4.83907  -4.12014  1.000 13.70626 ? 80  VAL A O   1 
ATOM   544 C CB  . VAL A 1 89  ? -2.70797  -6.90124  -6.06591  1.000 12.87761 ? 80  VAL A CB  1 
ATOM   545 C CG1 . VAL A 1 89  ? -3.92225  -7.83730  -5.99379  1.000 15.62541 ? 80  VAL A CG1 1 
ATOM   546 C CG2 . VAL A 1 89  ? -1.69776  -7.37041  -7.12047  1.000 14.42336 ? 80  VAL A CG2 1 
ATOM   547 N N   . ALA A 1 90  ? -5.42332  -4.86109  -5.68023  1.000 9.60504  ? 81  ALA A N   1 
ATOM   548 C CA  . ALA A 1 90  ? -6.48776  -4.49299  -4.76400  1.000 10.11719 ? 81  ALA A CA  1 
ATOM   549 C C   . ALA A 1 90  ? -7.22463  -5.73235  -4.28590  1.000 14.79491 ? 81  ALA A C   1 
ATOM   550 O O   . ALA A 1 90  ? -7.22443  -6.77437  -4.94510  1.000 14.28906 ? 81  ALA A O   1 
ATOM   551 C CB  . ALA A 1 90  ? -7.47500  -3.53407  -5.42845  1.000 15.13005 ? 81  ALA A CB  1 
ATOM   552 N N   . GLU A 1 91  ? -7.85955  -5.60585  -3.12524  1.000 11.96272 ? 82  GLU A N   1 
ATOM   553 C CA  . GLU A 1 91  ? -8.62736  -6.70680  -2.56505  1.000 11.87369 ? 82  GLU A CA  1 
ATOM   554 C C   . GLU A 1 91  ? -9.92399  -6.18116  -1.96376  1.000 13.33243 ? 82  GLU A C   1 
ATOM   555 O O   . GLU A 1 91  ? -9.91966  -5.20327  -1.21187  1.000 11.52493 ? 82  GLU A O   1 
ATOM   556 C CB  . GLU A 1 91  ? -7.82363  -7.46684  -1.50955  1.000 11.14434 ? 82  GLU A CB  1 
ATOM   557 C CG  . GLU A 1 91  ? -8.61763  -8.65674  -0.94109  1.000 15.75135 ? 82  GLU A CG  1 
ATOM   558 C CD  . GLU A 1 91  ? -7.92657  -9.35561  0.20788   1.000 22.08427 ? 82  GLU A CD  1 
ATOM   559 O OE1 . GLU A 1 91  ? -6.76034  -9.76905  0.04951   1.000 21.09777 ? 82  GLU A OE1 1 
ATOM   560 O OE2 . GLU A 1 91  ? -8.55458  -9.47939  1.28115   1.000 23.64736 ? 82  GLU A OE2 1 
ATOM   561 N N   . LEU A 1 92  ? -11.03684 -6.83415  -2.29386  1.000 12.29174 ? 83  LEU A N   1 
ATOM   562 C CA  . LEU A 1 92  ? -12.33470 -6.48300  -1.72801  1.000 10.98041 ? 83  LEU A CA  1 
ATOM   563 C C   . LEU A 1 92  ? -13.12966 -7.76769  -1.54682  1.000 14.65841 ? 83  LEU A C   1 
ATOM   564 O O   . LEU A 1 92  ? -13.27637 -8.53837  -2.49863  1.000 18.36802 ? 83  LEU A O   1 
ATOM   565 C CB  . LEU A 1 92  ? -13.08793 -5.49927  -2.63515  1.000 14.99533 ? 83  LEU A CB  1 
ATOM   566 C CG  . LEU A 1 92  ? -14.50741 -5.10101  -2.19396  1.000 16.68483 ? 83  LEU A CG  1 
ATOM   567 C CD1 . LEU A 1 92  ? -14.48163 -4.37317  -0.86524  1.000 16.29738 ? 83  LEU A CD1 1 
ATOM   568 C CD2 . LEU A 1 92  ? -15.18522 -4.25691  -3.26358  1.000 17.12093 ? 83  LEU A CD2 1 
ATOM   569 N N   . GLU A 1 93  ? -13.62516 -8.00646  -0.33222  1.000 19.23038 ? 84  GLU A N   1 
ATOM   570 C CA  . GLU A 1 93  ? -14.47381 -9.17511  -0.04922  1.000 21.62094 ? 84  GLU A CA  1 
ATOM   571 C C   . GLU A 1 93  ? -13.75110 -10.48644 -0.34994  1.000 23.22570 ? 84  GLU A C   1 
ATOM   572 O O   . GLU A 1 93  ? -14.36198 -11.44178 -0.84328  1.000 25.19085 ? 84  GLU A O   1 
ATOM   573 C CB  . GLU A 1 93  ? -15.78392 -9.13765  -0.84710  1.000 28.99897 ? 84  GLU A CB  1 
ATOM   574 C CG  . GLU A 1 93  ? -16.65143 -7.91329  -0.69155  1.000 38.64270 ? 84  GLU A CG  1 
ATOM   575 C CD  . GLU A 1 93  ? -17.26404 -7.78114  0.67866   1.000 44.88497 ? 84  GLU A CD  1 
ATOM   576 O OE1 . GLU A 1 93  ? -16.59586 -8.12512  1.67559   1.000 50.51620 ? 84  GLU A OE1 1 
ATOM   577 O OE2 . GLU A 1 93  ? -18.41854 -7.31154  0.75735   1.000 48.66733 ? 84  GLU A OE2 1 
ATOM   578 N N   . GLY A 1 94  ? -12.44968 -10.54091 -0.06523  1.000 19.29461 ? 85  GLY A N   1 
ATOM   579 C CA  . GLY A 1 94  ? -11.65766 -11.73123 -0.33282  1.000 19.05875 ? 85  GLY A CA  1 
ATOM   580 C C   . GLY A 1 94  ? -11.32265 -11.98874 -1.79085  1.000 21.16152 ? 85  GLY A C   1 
ATOM   581 O O   . GLY A 1 94  ? -10.73884 -13.04006 -2.10187  1.000 22.54674 ? 85  GLY A O   1 
ATOM   582 N N   . ILE A 1 95  ? -11.67963 -11.08611 -2.69736  1.000 16.66585 ? 86  ILE A N   1 
ATOM   583 C CA  . ILE A 1 95  ? -11.34985 -11.21763 -4.11116  1.000 14.64564 ? 86  ILE A CA  1 
ATOM   584 C C   . ILE A 1 95  ? -10.27623 -10.19624 -4.43686  1.000 17.66659 ? 86  ILE A C   1 
ATOM   585 O O   . ILE A 1 95  ? -10.38577 -9.02723  -4.04366  1.000 15.03988 ? 86  ILE A O   1 
ATOM   586 C CB  . ILE A 1 95  ? -12.57799 -11.01914 -5.00974  1.000 19.45921 ? 86  ILE A CB  1 
ATOM   587 C CG1 . ILE A 1 95  ? -13.60178 -12.12798 -4.77209  1.000 27.24417 ? 86  ILE A CG1 1 
ATOM   588 C CG2 . ILE A 1 95  ? -12.14500 -10.97812 -6.47878  1.000 17.63268 ? 86  ILE A CG2 1 
ATOM   589 C CD1 . ILE A 1 95  ? -14.56037 -12.29358 -5.91247  1.000 30.82734 ? 86  ILE A CD1 1 
ATOM   590 N N   . GLN A 1 96  ? -9.24861  -10.63440 -5.15018  1.000 12.63304 ? 87  GLN A N   1 
ATOM   591 C CA  . GLN A 1 96  ? -8.15113  -9.76763  -5.53119  1.000 13.72518 ? 87  GLN A CA  1 
ATOM   592 C C   . GLN A 1 96  ? -8.24184  -9.40170  -7.00063  1.000 24.22851 ? 87  GLN A C   1 
ATOM   593 O O   . GLN A 1 96  ? -8.69973  -10.18658 -7.83706  1.000 17.38597 ? 87  GLN A O   1 
ATOM   594 C CB  . GLN A 1 96  ? -6.81338  -10.42877 -5.24919  1.000 16.17264 ? 87  GLN A CB  1 
ATOM   595 C CG  . GLN A 1 96  ? -6.62255  -10.66946 -3.77481  1.000 16.12246 ? 87  GLN A CG  1 
ATOM   596 C CD  . GLN A 1 96  ? -5.18144  -10.69315 -3.37517  1.000 15.91528 ? 87  GLN A CD  1 
ATOM   597 O OE1 . GLN A 1 96  ? -4.31134  -11.04693 -4.17524  1.000 19.99483 ? 87  GLN A OE1 1 
ATOM   598 N NE2 . GLN A 1 96  ? -4.90844  -10.33816 -2.12044  1.000 18.57308 ? 87  GLN A NE2 1 
ATOM   599 N N   . TYR A 1 97  ? -7.76864  -8.19848  -7.29808  1.000 15.71282 ? 88  TYR A N   1 
ATOM   600 C CA  . TYR A 1 97  ? -7.84400  -7.59359  -8.62118  1.000 18.03833 ? 88  TYR A CA  1 
ATOM   601 C C   . TYR A 1 97  ? -6.41815  -7.26566  -9.02899  1.000 20.63926 ? 88  TYR A C   1 
ATOM   602 O O   . TYR A 1 97  ? -5.81164  -6.32756  -8.49818  1.000 19.11614 ? 88  TYR A O   1 
ATOM   603 C CB  . TYR A 1 97  ? -8.74748  -6.36368  -8.58982  1.000 14.96262 ? 88  TYR A CB  1 
ATOM   604 C CG  . TYR A 1 97  ? -10.17256 -6.71253  -8.19537  1.000 18.12106 ? 88  TYR A CG  1 
ATOM   605 C CD1 . TYR A 1 97  ? -11.15073 -6.92309  -9.16211  1.000 24.29142 ? 88  TYR A CD1 1 
ATOM   606 C CD2 . TYR A 1 97  ? -10.53220 -6.86341  -6.85837  1.000 14.65519 ? 88  TYR A CD2 1 
ATOM   607 C CE1 . TYR A 1 97  ? -12.45278 -7.25887  -8.80360  1.000 22.94897 ? 88  TYR A CE1 1 
ATOM   608 C CE2 . TYR A 1 97  ? -11.83445 -7.19372  -6.48781  1.000 13.08754 ? 88  TYR A CE2 1 
ATOM   609 C CZ  . TYR A 1 97  ? -12.78532 -7.39523  -7.46736  1.000 25.66150 ? 88  TYR A CZ  1 
ATOM   610 O OH  . TYR A 1 97  ? -14.07543 -7.72345  -7.10915  1.000 29.28936 ? 88  TYR A OH  1 
ATOM   611 N N   . GLY A 1 98  ? -5.88578  -8.05628  -9.94363  1.000 18.64240 ? 89  GLY A N   1 
ATOM   612 C CA  . GLY A 1 98  ? -4.47180  -8.11119  -10.22272 1.000 18.26430 ? 89  GLY A CA  1 
ATOM   613 C C   . GLY A 1 98  ? -3.85160  -9.39666  -9.69750  1.000 22.11374 ? 89  GLY A C   1 
ATOM   614 O O   . GLY A 1 98  ? -4.35267  -10.03801 -8.77195  1.000 24.35494 ? 89  GLY A O   1 
ATOM   615 N N   . ARG A 1 99  ? -2.73382  -9.76576  -10.30106 1.000 26.52970 ? 90  ARG A N   1 
ATOM   616 C CA  . ARG A 1 99  ? -2.05908  -11.00894 -9.96665  1.000 26.90665 ? 90  ARG A CA  1 
ATOM   617 C C   . ARG A 1 99  ? -0.56979  -10.72050 -9.91065  1.000 25.66862 ? 90  ARG A C   1 
ATOM   618 O O   . ARG A 1 99  ? -0.02021  -10.15750 -10.86250 1.000 27.03443 ? 90  ARG A O   1 
ATOM   619 C CB  . ARG A 1 99  ? -2.39464  -12.08759 -11.00939 1.000 30.86151 ? 90  ARG A CB  1 
ATOM   620 C CG  . ARG A 1 99  ? -1.47799  -13.28028 -11.05983 1.000 30.76466 ? 90  ARG A CG  1 
ATOM   621 C CD  . ARG A 1 99  ? -1.97709  -14.27204 -12.11181 1.000 25.94438 ? 90  ARG A CD  1 
ATOM   622 N NE  . ARG A 1 99  ? -0.86356  -14.94496 -12.77077 1.000 30.61123 ? 90  ARG A NE  1 
ATOM   623 C CZ  . ARG A 1 99  ? -0.27269  -16.04467 -12.31639 1.000 23.52871 ? 90  ARG A CZ  1 
ATOM   624 N NH1 . ARG A 1 99  ? -0.69834  -16.63175 -11.20665 1.000 28.57378 ? 90  ARG A NH1 1 
ATOM   625 N NH2 . ARG A 1 99  ? 0.74751   -16.56881 -12.98231 1.000 29.92529 ? 90  ARG A NH2 1 
ATOM   626 N N   . SER A 1 100 ? 0.07388   -11.07030 -8.79995  1.000 22.82210 ? 91  SER A N   1 
ATOM   627 C CA  . SER A 1 100 ? 1.49273   -10.75260 -8.65700  1.000 22.24686 ? 91  SER A CA  1 
ATOM   628 C C   . SER A 1 100 ? 2.06779   -11.61937 -7.53309  1.000 21.46108 ? 91  SER A C   1 
ATOM   629 O O   . SER A 1 100 ? 1.46564   -12.61345 -7.13452  1.000 26.44541 ? 91  SER A O   1 
ATOM   630 C CB  . SER A 1 100 ? 1.67888   -9.24320  -8.42132  1.000 24.15835 ? 91  SER A CB  1 
ATOM   631 O OG  . SER A 1 100 ? 3.02953   -8.92368  -8.13755  1.000 29.62234 ? 91  SER A OG  1 
ATOM   632 N N   . GLY A 1 101 ? 3.24205   -11.23099 -7.02960  1.000 22.83729 ? 92  GLY A N   1 
ATOM   633 C CA  . GLY A 1 101 ? 3.98768   -12.07868 -6.11607  1.000 21.59136 ? 92  GLY A CA  1 
ATOM   634 C C   . GLY A 1 101 ? 3.74609   -11.85370 -4.63799  1.000 23.37473 ? 92  GLY A C   1 
ATOM   635 O O   . GLY A 1 101 ? 2.60748   -11.65184 -4.20179  1.000 21.89120 ? 92  GLY A O   1 
ATOM   636 N N   . GLU A 1 102 ? 4.82015   -11.91709 -3.85439  1.000 24.00743 ? 93  GLU A N   1 
ATOM   637 C CA  . GLU A 1 102 ? 4.70367   -11.83610 -2.40711  1.000 22.25048 ? 93  GLU A CA  1 
ATOM   638 C C   . GLU A 1 102 ? 4.24944   -10.44827 -1.97101  1.000 21.01187 ? 93  GLU A C   1 
ATOM   639 O O   . GLU A 1 102 ? 4.76549   -9.42746  -2.43647  1.000 17.15709 ? 93  GLU A O   1 
ATOM   640 C CB  . GLU A 1 102 ? 6.04342   -12.17478 -1.75609  1.000 30.13600 ? 93  GLU A CB  1 
ATOM   641 C CG  . GLU A 1 102 ? 6.09396   -11.89805 -0.27304  1.000 37.28386 ? 93  GLU A CG  1 
ATOM   642 C CD  . GLU A 1 102 ? 7.39004   -12.35543 0.34602   1.000 46.37351 ? 93  GLU A CD  1 
ATOM   643 O OE1 . GLU A 1 102 ? 8.39803   -11.63056 0.19429   1.000 48.42649 ? 93  GLU A OE1 1 
ATOM   644 O OE2 . GLU A 1 102 ? 7.39287   -13.43186 0.98337   1.000 43.11131 ? 93  GLU A OE2 1 
ATOM   645 N N   . THR A 1 103 ? 3.28039   -10.41880 -1.06590  1.000 18.08181 ? 94  THR A N   1 
ATOM   646 C CA  . THR A 1 103 ? 2.80908   -9.15575  -0.51447  1.000 22.59878 ? 94  THR A CA  1 
ATOM   647 C C   . THR A 1 103 ? 3.88202   -8.51505  0.35688   1.000 20.56724 ? 94  THR A C   1 
ATOM   648 O O   . THR A 1 103 ? 4.41877   -9.14956  1.27366   1.000 21.70949 ? 94  THR A O   1 
ATOM   649 C CB  . THR A 1 103 ? 1.54130   -9.37719  0.30574   1.000 17.89445 ? 94  THR A CB  1 
ATOM   650 O OG1 . THR A 1 103 ? 0.52074   -9.90544  -0.54546  1.000 27.74086 ? 94  THR A OG1 1 
ATOM   651 C CG2 . THR A 1 103 ? 1.06973   -8.06294  0.92876   1.000 21.10738 ? 94  THR A CG2 1 
ATOM   652 N N   . LEU A 1 104 ? 4.18702   -7.24477  0.08081   1.000 14.62382 ? 95  LEU A N   1 
ATOM   653 C CA  . LEU A 1 104 ? 5.11205   -6.47758  0.90704   1.000 18.14665 ? 95  LEU A CA  1 
ATOM   654 C C   . LEU A 1 104 ? 4.40914   -5.60150  1.93695   1.000 19.21482 ? 95  LEU A C   1 
ATOM   655 O O   . LEU A 1 104 ? 5.05986   -5.13230  2.87909   1.000 18.22773 ? 95  LEU A O   1 
ATOM   656 C CB  . LEU A 1 104 ? 5.99666   -5.58456  0.02917   1.000 20.80481 ? 95  LEU A CB  1 
ATOM   657 C CG  . LEU A 1 104 ? 6.87881   -6.23802  -1.03985  1.000 23.98216 ? 95  LEU A CG  1 
ATOM   658 C CD1 . LEU A 1 104 ? 8.13714   -5.41063  -1.22732  1.000 40.25532 ? 95  LEU A CD1 1 
ATOM   659 C CD2 . LEU A 1 104 ? 7.24097   -7.67464  -0.67375  1.000 29.09618 ? 95  LEU A CD2 1 
ATOM   660 N N   . GLY A 1 105 ? 3.11905   -5.36004  1.76982   1.000 10.52443 ? 96  GLY A N   1 
ATOM   661 C CA  . GLY A 1 105 ? 2.38033   -4.54516  2.71309   1.000 11.86281 ? 96  GLY A CA  1 
ATOM   662 C C   . GLY A 1 105 ? 1.15309   -3.95827  2.05254   1.000 11.19859 ? 96  GLY A C   1 
ATOM   663 O O   . GLY A 1 105 ? 0.87053   -4.19998  0.87929   1.000 11.37909 ? 96  GLY A O   1 
ATOM   664 N N   . VAL A 1 106 ? 0.40650   -3.20224  2.84619   1.000 7.61957  ? 97  VAL A N   1 
ATOM   665 C CA  A VAL A 1 106 ? -0.79326  -2.50481  2.39259   0.432 8.61775  ? 97  VAL A CA  1 
ATOM   666 C CA  B VAL A 1 106 ? -0.78451  -2.51108  2.37549   0.568 8.61622  ? 97  VAL A CA  1 
ATOM   667 C C   . VAL A 1 106 ? -0.47889  -1.02156  2.33367   1.000 9.30873  ? 97  VAL A C   1 
ATOM   668 O O   . VAL A 1 106 ? 0.10814   -0.47096  3.27221   1.000 9.57769  ? 97  VAL A O   1 
ATOM   669 C CB  A VAL A 1 106 ? -1.99372  -2.74814  3.32264   0.432 9.04438  ? 97  VAL A CB  1 
ATOM   670 C CB  B VAL A 1 106 ? -1.99937  -2.81125  3.26904   0.568 9.02030  ? 97  VAL A CB  1 
ATOM   671 C CG1 A VAL A 1 106 ? -3.28840  -2.30686  2.64803   0.432 9.57180  ? 97  VAL A CG1 1 
ATOM   672 C CG1 B VAL A 1 106 ? -1.59525  -2.75814  4.72277   0.568 8.86702  ? 97  VAL A CG1 1 
ATOM   673 C CG2 A VAL A 1 106 ? -2.07363  -4.17787  3.71800   0.432 11.53226 ? 97  VAL A CG2 1 
ATOM   674 C CG2 B VAL A 1 106 ? -3.13809  -1.83125  2.98012   0.568 10.85030 ? 97  VAL A CG2 1 
ATOM   675 N N   . LEU A 1 107 ? -0.86966  -0.38001  1.24562   1.000 5.78883  ? 98  LEU A N   1 
ATOM   676 C CA  . LEU A 1 107 ? -0.63399  1.04032   1.05440   1.000 4.32159  ? 98  LEU A CA  1 
ATOM   677 C C   . LEU A 1 107 ? -1.72821  1.85528   1.71841   1.000 9.32446  ? 98  LEU A C   1 
ATOM   678 O O   . LEU A 1 107 ? -2.90531  1.47731   1.69715   1.000 6.75913  ? 98  LEU A O   1 
ATOM   679 C CB  . LEU A 1 107 ? -0.58544  1.35441   -0.44054  1.000 6.23207  ? 98  LEU A CB  1 
ATOM   680 C CG  . LEU A 1 107 ? 0.54886   0.64733   -1.18742  1.000 10.03277 ? 98  LEU A CG  1 
ATOM   681 C CD1 . LEU A 1 107 ? 0.52955   1.09190   -2.64095  1.000 12.94604 ? 98  LEU A CD1 1 
ATOM   682 C CD2 . LEU A 1 107 ? 1.91948   0.95486   -0.56020  1.000 11.50088 ? 98  LEU A CD2 1 
ATOM   683 N N   . VAL A 1 108 ? -1.33410  2.98126   2.30402   1.000 4.96936  ? 99  VAL A N   1 
ATOM   684 C CA  . VAL A 1 108 ? -2.27408  3.92686   2.90430   1.000 4.12090  ? 99  VAL A CA  1 
ATOM   685 C C   . VAL A 1 108 ? -1.78019  5.33876   2.62367   1.000 4.70279  ? 99  VAL A C   1 
ATOM   686 O O   . VAL A 1 108 ? -0.58917  5.56638   2.39335   1.000 5.46929  ? 99  VAL A O   1 
ATOM   687 C CB  . VAL A 1 108 ? -2.42107  3.72340   4.42597   1.000 5.34766  ? 99  VAL A CB  1 
ATOM   688 C CG1 . VAL A 1 108 ? -3.03373  2.32754   4.74924   1.000 5.95526  ? 99  VAL A CG1 1 
ATOM   689 C CG2 . VAL A 1 108 ? -1.07760  3.95354   5.12774   1.000 7.62964  ? 99  VAL A CG2 1 
ATOM   690 N N   . PRO A 1 109 ? -2.68901  6.31016   2.64965   1.000 3.47466  ? 100 PRO A N   1 
ATOM   691 C CA  . PRO A 1 109 ? -2.22897  7.70567   2.61623   1.000 5.28100  ? 100 PRO A CA  1 
ATOM   692 C C   . PRO A 1 109 ? -1.25032  7.98201   3.74759   1.000 4.63409  ? 100 PRO A C   1 
ATOM   693 O O   . PRO A 1 109 ? -1.38893  7.47096   4.86145   1.000 7.41068  ? 100 PRO A O   1 
ATOM   694 C CB  . PRO A 1 109 ? -3.52301  8.50802   2.78503   1.000 9.66144  ? 100 PRO A CB  1 
ATOM   695 C CG  . PRO A 1 109 ? -4.59809  7.59130   2.29320   1.000 9.30738  ? 100 PRO A CG  1 
ATOM   696 C CD  . PRO A 1 109 ? -4.15912  6.20953   2.69301   1.000 5.68003  ? 100 PRO A CD  1 
ATOM   697 N N   . HIS A 1 110 ? -0.24896  8.80321   3.44881   1.000 5.80032  ? 101 HIS A N   1 
ATOM   698 C CA  . HIS A 1 110 ? 0.67839   9.32310   4.44471   1.000 5.66098  ? 101 HIS A CA  1 
ATOM   699 C C   . HIS A 1 110 ? 0.35963   10.79485  4.66899   1.000 8.41909  ? 101 HIS A C   1 
ATOM   700 O O   . HIS A 1 110 ? 0.44394   11.59733  3.73003   1.000 11.91006 ? 101 HIS A O   1 
ATOM   701 C CB  . HIS A 1 110 ? 2.11168   9.15251   3.96193   1.000 6.71495  ? 101 HIS A CB  1 
ATOM   702 C CG  . HIS A 1 110 ? 3.12772   9.52194   4.98640   1.000 7.80494  ? 101 HIS A CG  1 
ATOM   703 N ND1 . HIS A 1 110 ? 4.31104   10.14931  4.66328   1.000 15.58301 ? 101 HIS A ND1 1 
ATOM   704 C CD2 . HIS A 1 110 ? 3.13778   9.35304   6.32912   1.000 7.22083  ? 101 HIS A CD2 1 
ATOM   705 C CE1 . HIS A 1 110 ? 5.00829   10.35568  5.76876   1.000 18.99680 ? 101 HIS A CE1 1 
ATOM   706 N NE2 . HIS A 1 110 ? 4.32289   9.87844   6.79243   1.000 8.42568  ? 101 HIS A NE2 1 
ATOM   707 N N   . VAL A 1 111 ? -0.02477  11.14587  5.89540   1.000 6.93089  ? 102 VAL A N   1 
ATOM   708 C CA  . VAL A 1 111 ? -0.38494  12.53207  6.18280   1.000 8.73317  ? 102 VAL A CA  1 
ATOM   709 C C   . VAL A 1 111 ? 0.46111   13.07279  7.32734   1.000 13.79785 ? 102 VAL A C   1 
ATOM   710 O O   . VAL A 1 111 ? -0.00444  13.90845  8.10930   1.000 28.86272 ? 102 VAL A O   1 
ATOM   711 C CB  . VAL A 1 111 ? -1.89435  12.68183  6.48454   1.000 12.49316 ? 102 VAL A CB  1 
ATOM   712 C CG1 . VAL A 1 111 ? -2.71697  12.41863  5.22196   1.000 11.72581 ? 102 VAL A CG1 1 
ATOM   713 C CG2 . VAL A 1 111 ? -2.34060  11.76651  7.60408   1.000 12.48813 ? 102 VAL A CG2 1 
ATOM   714 N N   . GLY A 1 112 ? 1.71185   12.63309  7.42147   1.000 11.75380 ? 103 GLY A N   1 
ATOM   715 C CA  . GLY A 1 112 ? 2.62204   13.17641  8.41714   1.000 13.04297 ? 103 GLY A CA  1 
ATOM   716 C C   . GLY A 1 112 ? 3.01664   12.22416  9.52621   1.000 12.01290 ? 103 GLY A C   1 
ATOM   717 O O   . GLY A 1 112 ? 3.77891   12.62548  10.41508  1.000 12.84276 ? 103 GLY A O   1 
ATOM   718 N N   . GLU A 1 113 ? 2.53364   10.98460  9.51231   1.000 8.93508  ? 104 GLU A N   1 
ATOM   719 C CA  . GLU A 1 113 ? 2.87096   10.02870  10.56136  1.000 9.96857  ? 104 GLU A CA  1 
ATOM   720 C C   . GLU A 1 113 ? 4.36065   9.71257   10.53754  1.000 10.94460 ? 104 GLU A C   1 
ATOM   721 O O   . GLU A 1 113 ? 4.99510   9.69500   9.48507   1.000 8.86075  ? 104 GLU A O   1 
ATOM   722 C CB  . GLU A 1 113 ? 2.07429   8.73845   10.38424  1.000 10.01727 ? 104 GLU A CB  1 
ATOM   723 C CG  . GLU A 1 113 ? 0.56165   8.92838   10.49541  1.000 10.33951 ? 104 GLU A CG  1 
ATOM   724 C CD  . GLU A 1 113 ? -0.12038  9.10286   9.15325   1.000 11.96157 ? 104 GLU A CD  1 
ATOM   725 O OE1 . GLU A 1 113 ? 0.53716   9.53597   8.19046   1.000 10.58788 ? 104 GLU A OE1 1 
ATOM   726 O OE2 . GLU A 1 113 ? -1.33839  8.82945   9.06325   1.000 8.63017  ? 104 GLU A OE2 1 
ATOM   727 N N   . ILE A 1 114 ? 4.91924   9.45816   11.71535  1.000 10.42348 ? 105 ILE A N   1 
ATOM   728 C CA  . ILE A 1 114 ? 6.35556   9.18349   11.81023  1.000 7.36552  ? 105 ILE A CA  1 
ATOM   729 C C   . ILE A 1 114 ? 6.59903   7.70732   11.52861  1.000 9.23371  ? 105 ILE A C   1 
ATOM   730 O O   . ILE A 1 114 ? 6.04319   6.84173   12.23144  1.000 9.97673  ? 105 ILE A O   1 
ATOM   731 C CB  . ILE A 1 114 ? 6.91488   9.56491   13.19317  1.000 8.86213  ? 105 ILE A CB  1 
ATOM   732 C CG1 . ILE A 1 114 ? 6.71597   11.05308  13.48330  1.000 10.57147 ? 105 ILE A CG1 1 
ATOM   733 C CG2 . ILE A 1 114 ? 8.39909   9.16076   13.29072  1.000 12.15624 ? 105 ILE A CG2 1 
ATOM   734 C CD1 . ILE A 1 114 ? 7.33920   11.96813  12.46959  1.000 14.39176 ? 105 ILE A CD1 1 
ATOM   735 N N   . PRO A 1 115 ? 7.42700   7.36835   10.54644  1.000 5.63366  ? 106 PRO A N   1 
ATOM   736 C CA  . PRO A 1 115 ? 7.63764   5.96332   10.19676  1.000 7.50627  ? 106 PRO A CA  1 
ATOM   737 C C   . PRO A 1 115 ? 8.59636   5.26177   11.14799  1.000 8.28228  ? 106 PRO A C   1 
ATOM   738 O O   . PRO A 1 115 ? 9.32047   5.88473   11.93138  1.000 12.26441 ? 106 PRO A O   1 
ATOM   739 C CB  . PRO A 1 115 ? 8.23592   6.02652   8.78945   1.000 11.96967 ? 106 PRO A CB  1 
ATOM   740 C CG  . PRO A 1 115 ? 8.95083   7.34687   8.75641   1.000 12.68560 ? 106 PRO A CG  1 
ATOM   741 C CD  . PRO A 1 115 ? 8.20189   8.28887   9.68418   1.000 8.09148  ? 106 PRO A CD  1 
ATOM   742 N N   . VAL A 1 116 ? 8.57593   3.93215   11.07498  1.000 8.66013  ? 107 VAL A N   1 
ATOM   743 C CA  . VAL A 1 116 ? 9.55380   3.12395   11.80320  1.000 10.42162 ? 107 VAL A CA  1 
ATOM   744 C C   . VAL A 1 116 ? 10.65003  2.58871   10.89719  1.000 16.63484 ? 107 VAL A C   1 
ATOM   745 O O   . VAL A 1 116 ? 11.65604  2.06150   11.40373  1.000 17.38238 ? 107 VAL A O   1 
ATOM   746 C CB  . VAL A 1 116 ? 8.86983   1.95006   12.53994  1.000 10.58237 ? 107 VAL A CB  1 
ATOM   747 C CG1 . VAL A 1 116 ? 7.94177   2.47363   13.61221  1.000 19.43691 ? 107 VAL A CG1 1 
ATOM   748 C CG2 . VAL A 1 116 ? 8.13047   1.08199   11.53616  1.000 12.29261 ? 107 VAL A CG2 1 
ATOM   749 N N   . ALA A 1 117 ? 10.48939  2.69651   9.58211   1.000 11.75818 ? 108 ALA A N   1 
ATOM   750 C CA  . ALA A 1 117 ? 11.44444  2.20009   8.60380   1.000 12.12197 ? 108 ALA A CA  1 
ATOM   751 C C   . ALA A 1 117 ? 11.02213  2.73695   7.24173   1.000 12.58321 ? 108 ALA A C   1 
ATOM   752 O O   . ALA A 1 117 ? 9.99891   3.41831   7.11270   1.000 9.13670  ? 108 ALA A O   1 
ATOM   753 C CB  . ALA A 1 117 ? 11.50670  0.67140   8.60029   1.000 16.26589 ? 108 ALA A CB  1 
ATOM   754 N N   . TYR A 1 118 ? 11.82710  2.41723   6.22136   1.000 15.08311 ? 109 TYR A N   1 
ATOM   755 C CA  . TYR A 1 118 ? 11.49881  2.69014   4.83024   1.000 13.03463 ? 109 TYR A CA  1 
ATOM   756 C C   . TYR A 1 118 ? 11.63016  1.41229   4.01671   1.000 19.58341 ? 109 TYR A C   1 
ATOM   757 O O   . TYR A 1 118 ? 12.40750  0.51501   4.35724   1.000 25.51493 ? 109 TYR A O   1 
ATOM   758 C CB  . TYR A 1 118 ? 12.39983  3.79192   4.23596   1.000 16.62421 ? 109 TYR A CB  1 
ATOM   759 C CG  . TYR A 1 118 ? 12.12342  5.14586   4.82674   1.000 16.20730 ? 109 TYR A CG  1 
ATOM   760 C CD1 . TYR A 1 118 ? 11.24902  6.02803   4.21041   1.000 12.85579 ? 109 TYR A CD1 1 
ATOM   761 C CD2 . TYR A 1 118 ? 12.71404  5.53394   6.02186   1.000 17.46400 ? 109 TYR A CD2 1 
ATOM   762 C CE1 . TYR A 1 118 ? 10.97316  7.25280   4.75619   1.000 14.76637 ? 109 TYR A CE1 1 
ATOM   763 C CE2 . TYR A 1 118 ? 12.44283  6.75477   6.57392   1.000 13.44933 ? 109 TYR A CE2 1 
ATOM   764 C CZ  . TYR A 1 118 ? 11.57422  7.60949   5.94388   1.000 10.88429 ? 109 TYR A CZ  1 
ATOM   765 O OH  . TYR A 1 118 ? 11.30839  8.83703   6.47923   1.000 18.95466 ? 109 TYR A OH  1 
ATOM   766 N N   . ARG A 1 119 ? 10.85260  1.32666   2.94054   1.000 16.90338 ? 110 ARG A N   1 
ATOM   767 C CA  . ARG A 1 119 ? 10.92595  0.21370   2.00147   1.000 18.12843 ? 110 ARG A CA  1 
ATOM   768 C C   . ARG A 1 119 ? 11.18448  0.78325   0.61521   1.000 19.22875 ? 110 ARG A C   1 
ATOM   769 O O   . ARG A 1 119 ? 10.36657  1.54950   0.09909   1.000 16.66135 ? 110 ARG A O   1 
ATOM   770 C CB  . ARG A 1 119 ? 9.63592   -0.61157  2.01878   1.000 26.69489 ? 110 ARG A CB  1 
ATOM   771 C CG  . ARG A 1 119 ? 9.73353   -1.97095  1.33241   1.000 31.61962 ? 110 ARG A CG  1 
ATOM   772 C CD  . ARG A 1 119 ? 10.20998  -3.04489  2.30442   1.000 30.09967 ? 110 ARG A CD  1 
ATOM   773 N NE  . ARG A 1 119 ? 10.15331  -4.38101  1.71819   1.000 39.43771 ? 110 ARG A NE  1 
ATOM   774 C CZ  . ARG A 1 119 ? 11.14356  -4.92556  1.02154   1.000 30.94712 ? 110 ARG A CZ  1 
ATOM   775 N NH1 . ARG A 1 119 ? 12.26485  -4.24570  0.82740   1.000 41.68905 ? 110 ARG A NH1 1 
ATOM   776 N NH2 . ARG A 1 119 ? 11.01610  -6.14702  0.52091   1.000 44.68252 ? 110 ARG A NH2 1 
ATOM   777 N N   . LYS A 1 120 ? 12.32797  0.42929   0.02132   1.000 24.86870 ? 111 LYS A N   1 
ATOM   778 C CA  . LYS A 1 120 ? 12.64543  0.89349   -1.32525  1.000 23.73922 ? 111 LYS A CA  1 
ATOM   779 C C   . LYS A 1 120 ? 11.98026  -0.00911  -2.35614  1.000 21.09477 ? 111 LYS A C   1 
ATOM   780 O O   . LYS A 1 120 ? 12.14700  -1.23386  -2.32653  1.000 27.59135 ? 111 LYS A O   1 
ATOM   781 C CB  . LYS A 1 120 ? 14.15863  0.92039   -1.55922  1.000 25.79780 ? 111 LYS A CB  1 
ATOM   782 C CG  . LYS A 1 120 ? 14.99633  1.28116   -0.35377  1.000 30.20370 ? 111 LYS A CG  1 
ATOM   783 C CD  . LYS A 1 120 ? 16.38677  0.66984   -0.48655  1.000 38.61584 ? 111 LYS A CD  1 
ATOM   784 C CE  . LYS A 1 120 ? 17.39341  1.29694   0.46116   1.000 48.34632 ? 111 LYS A CE  1 
ATOM   785 N NZ  . LYS A 1 120 ? 18.38759  0.29072   0.94839   1.000 55.80084 ? 111 LYS A NZ  1 
ATOM   786 N N   . VAL A 1 121 ? 11.22404  0.59549   -3.26755  1.000 18.93584 ? 112 VAL A N   1 
ATOM   787 C CA  . VAL A 1 121 ? 10.48511  -0.14863  -4.27918  1.000 20.79918 ? 112 VAL A CA  1 
ATOM   788 C C   . VAL A 1 121 ? 10.66792  0.51712   -5.63536  1.000 22.30312 ? 112 VAL A C   1 
ATOM   789 O O   . VAL A 1 121 ? 10.88249  1.72875   -5.73539  1.000 23.40028 ? 112 VAL A O   1 
ATOM   790 C CB  . VAL A 1 121 ? 8.97407   -0.26834  -3.94344  1.000 18.95844 ? 112 VAL A CB  1 
ATOM   791 C CG1 . VAL A 1 121 ? 8.77122   -0.97325  -2.61831  1.000 17.31751 ? 112 VAL A CG1 1 
ATOM   792 C CG2 . VAL A 1 121 ? 8.30682   1.09565   -3.92872  1.000 22.02596 ? 112 VAL A CG2 1 
ATOM   793 N N   . LEU A 1 122 ? 10.60120  -0.29900  -6.68508  1.000 22.26255 ? 113 LEU A N   1 
ATOM   794 C CA  . LEU A 1 122 ? 10.49291  0.16461   -8.06448  1.000 27.93112 ? 113 LEU A CA  1 
ATOM   795 C C   . LEU A 1 122 ? 9.06656   -0.10526  -8.51564  1.000 23.35648 ? 113 LEU A C   1 
ATOM   796 O O   . LEU A 1 122 ? 8.70432   -1.25507  -8.79104  1.000 25.12014 ? 113 LEU A O   1 
ATOM   797 C CB  . LEU A 1 122 ? 11.48541  -0.53664  -8.99309  1.000 28.41495 ? 113 LEU A CB  1 
ATOM   798 C CG  . LEU A 1 122 ? 12.96826  -0.18291  -8.96449  1.000 45.81191 ? 113 LEU A CG  1 
ATOM   799 C CD1 . LEU A 1 122 ? 13.86191  -1.41399  -9.18477  1.000 38.56883 ? 113 LEU A CD1 1 
ATOM   800 C CD2 . LEU A 1 122 ? 13.24209  0.88144   -10.02094 1.000 42.87195 ? 113 LEU A CD2 1 
ATOM   801 N N   . LEU A 1 123 ? 8.26072   0.94265   -8.59515  1.000 26.74933 ? 114 LEU A N   1 
ATOM   802 C CA  . LEU A 1 123 ? 6.87465   0.75952   -8.98988  1.000 35.45830 ? 114 LEU A CA  1 
ATOM   803 C C   . LEU A 1 123 ? 6.80952   0.66345   -10.50427 1.000 34.87592 ? 114 LEU A C   1 
ATOM   804 O O   . LEU A 1 123 ? 7.07243   1.64088   -11.21183 1.000 33.22735 ? 114 LEU A O   1 
ATOM   805 C CB  . LEU A 1 123 ? 5.99027   1.88853   -8.47689  1.000 31.56600 ? 114 LEU A CB  1 
ATOM   806 C CG  . LEU A 1 123 ? 4.58028   1.77988   -9.06385  1.000 30.15260 ? 114 LEU A CG  1 
ATOM   807 C CD1 . LEU A 1 123 ? 3.87236   0.57648   -8.45373  1.000 33.36692 ? 114 LEU A CD1 1 
ATOM   808 C CD2 . LEU A 1 123 ? 3.78218   3.04942   -8.82091  1.000 37.22701 ? 114 LEU A CD2 1 
ATOM   809 N N   . ARG A 1 124 ? 6.49023   -0.53023  -10.99671 1.000 40.89980 ? 115 ARG A N   1 
ATOM   810 C CA  . ARG A 1 124 ? 6.09163   -0.72779  -12.38314 1.000 42.03728 ? 115 ARG A CA  1 
ATOM   811 C C   . ARG A 1 124 ? 5.04952   0.31543   -12.75967 1.000 48.58381 ? 115 ARG A C   1 
ATOM   812 O O   . ARG A 1 124 ? 3.90908   0.25091   -12.28929 1.000 48.92645 ? 115 ARG A O   1 
ATOM   813 C CB  . ARG A 1 124 ? 5.53348   -2.14178  -12.57016 1.000 39.15403 ? 115 ARG A CB  1 
ATOM   814 C CG  . ARG A 1 124 ? 4.91945   -2.40032  -13.93590 1.000 49.77406 ? 115 ARG A CG  1 
ATOM   815 C CD  . ARG A 1 124 ? 5.94628   -2.27125  -15.04982 1.000 54.82829 ? 115 ARG A CD  1 
ATOM   816 N NE  . ARG A 1 124 ? 6.58089   -3.56056  -15.30469 1.000 48.43983 ? 115 ARG A NE  1 
ATOM   817 C CZ  . ARG A 1 124 ? 6.25873   -4.36732  -16.31091 1.000 49.19736 ? 115 ARG A CZ  1 
ATOM   818 N NH1 . ARG A 1 124 ? 5.31857   -4.00973  -17.17740 1.000 46.86882 ? 115 ARG A NH1 1 
ATOM   819 N NH2 . ARG A 1 124 ? 6.88112   -5.53036  -16.45424 1.000 38.75011 ? 115 ARG A NH2 1 
ATOM   820 N N   . LYS A 1 125 ? 5.43440   1.28996   -13.57826 1.000 51.18204 ? 116 LYS A N   1 
ATOM   821 C CA  . LYS A 1 125 ? 4.53222   2.37428   -13.96280 1.000 53.64892 ? 116 LYS A CA  1 
ATOM   822 C C   . LYS A 1 125 ? 4.71120   2.77370   -15.42412 1.000 51.08011 ? 116 LYS A C   1 
ATOM   823 O O   . LYS A 1 125 ? 3.75250   2.76625   -16.19508 1.000 59.03802 ? 116 LYS A O   1 
ATOM   824 C CB  . LYS A 1 125 ? 4.74489   3.59912   -13.06408 1.000 49.26299 ? 116 LYS A CB  1 
ATOM   825 C CG  . LYS A 1 125 ? 3.65482   4.66917   -13.17635 1.000 54.55835 ? 116 LYS A CG  1 
ATOM   826 C CD  . LYS A 1 125 ? 2.26398   4.04999   -13.23209 1.000 56.19023 ? 116 LYS A CD  1 
ATOM   827 C CE  . LYS A 1 125 ? 1.76465   3.68259   -11.84148 1.000 43.25203 ? 116 LYS A CE  1 
ATOM   828 N NZ  . LYS A 1 125 ? 0.95260   2.43781   -11.87579 1.000 37.83435 ? 116 LYS A NZ  1 
HETATM 829 O O   . HOH B 2 .   ? 13.37851  -2.96074  -0.71247  1.000 33.38657 ? 201 HOH A O   1 
HETATM 830 O O   . HOH B 2 .   ? 0.29281   0.42280   -10.94702 1.000 39.40588 ? 202 HOH A O   1 
HETATM 831 O O   . HOH B 2 .   ? 9.47652   9.92560   5.56463   0.50  17.94587 ? 203 HOH A O   1 
HETATM 832 O O   . HOH B 2 .   ? -0.64600  -12.76027 -4.77206  1.000 36.38376 ? 204 HOH A O   1 
HETATM 833 O O   . HOH B 2 .   ? 3.09543   4.01690   17.49788  1.000 31.50907 ? 205 HOH A O   1 
HETATM 834 O O   . HOH B 2 .   ? -8.23713  8.73879   -8.59374  1.000 25.96286 ? 206 HOH A O   1 
HETATM 835 O O   . HOH B 2 .   ? -10.80949 -4.29913  7.21026   1.000 20.62251 ? 207 HOH A O   1 
HETATM 836 O O   . HOH B 2 .   ? -0.80864  13.47898  -2.74985  1.000 29.23712 ? 208 HOH A O   1 
HETATM 837 O O   . HOH B 2 .   ? -6.80419  0.75243   15.08663  1.000 22.59087 ? 209 HOH A O   1 
HETATM 838 O O   . HOH B 2 .   ? 4.61497   14.54333  11.84130  1.000 28.69711 ? 210 HOH A O   1 
HETATM 839 O O   . HOH B 2 .   ? -11.10056 8.96222   -2.68113  1.000 24.64653 ? 211 HOH A O   1 
HETATM 840 O O   . HOH B 2 .   ? 7.35348   -5.21489  -12.85636 1.000 39.61885 ? 212 HOH A O   1 
HETATM 841 O O   . HOH B 2 .   ? -11.00778 -8.82690  1.71364   1.000 23.36209 ? 213 HOH A O   1 
HETATM 842 O O   . HOH B 2 .   ? 5.49254   -3.10587  -19.61413 1.000 25.97806 ? 214 HOH A O   1 
HETATM 843 O O   . HOH B 2 .   ? 10.22045  -9.09574  -14.44540 1.000 43.19944 ? 215 HOH A O   1 
HETATM 844 O O   . HOH B 2 .   ? 2.47618   -3.69013  10.66029  1.000 18.00248 ? 216 HOH A O   1 
HETATM 845 O O   . HOH B 2 .   ? -6.83695  0.06080   3.52910   1.000 7.27760  ? 217 HOH A O   1 
HETATM 846 O O   . HOH B 2 .   ? -2.94799  8.40451   6.99161   1.000 9.29875  ? 218 HOH A O   1 
HETATM 847 O O   . HOH B 2 .   ? -10.87917 4.35258   2.89499   1.000 23.03510 ? 219 HOH A O   1 
HETATM 848 O O   . HOH B 2 .   ? 6.17481   -2.56522  10.66690  1.000 26.61829 ? 220 HOH A O   1 
HETATM 849 O O   . HOH B 2 .   ? -5.44116  -10.90104 2.10981   1.000 39.34056 ? 221 HOH A O   1 
HETATM 850 O O   . HOH B 2 .   ? -5.24625  0.21243   1.26507   1.000 4.71225  ? 222 HOH A O   1 
HETATM 851 O O   . HOH B 2 .   ? -4.17869  -12.30247 -6.56177  1.000 26.08775 ? 223 HOH A O   1 
HETATM 852 O O   . HOH B 2 .   ? 13.27612  -12.22669 -8.22055  1.000 50.36343 ? 224 HOH A O   1 
HETATM 853 O O   . HOH B 2 .   ? 4.02039   5.04114   12.36114  1.000 10.91935 ? 225 HOH A O   1 
HETATM 854 O O   . HOH B 2 .   ? 1.30303   -9.63216  -13.17022 1.000 43.64325 ? 226 HOH A O   1 
HETATM 855 O O   . HOH B 2 .   ? -7.68010  -10.50430 3.63574   1.000 35.56644 ? 227 HOH A O   1 
HETATM 856 O O   . HOH B 2 .   ? -1.27753  -2.61062  19.92218  1.000 36.36066 ? 228 HOH A O   1 
HETATM 857 O O   . HOH B 2 .   ? -15.02776 -8.12586  -4.59161  1.000 26.06948 ? 229 HOH A O   1 
HETATM 858 O O   . HOH B 2 .   ? 6.75057   5.97333   14.71228  1.000 29.25428 ? 230 HOH A O   1 
HETATM 859 O O   . HOH B 2 .   ? 7.70042   -4.79961  3.45530   1.000 29.95184 ? 231 HOH A O   1 
HETATM 860 O O   . HOH B 2 .   ? -10.23329 2.04611   1.38254   1.000 14.18218 ? 232 HOH A O   1 
HETATM 861 O O   . HOH B 2 .   ? -8.04528  -1.43100  17.91961  1.000 27.15746 ? 233 HOH A O   1 
HETATM 862 O O   . HOH B 2 .   ? -7.39597  1.50497   0.03749   1.000 8.32238  ? 234 HOH A O   1 
HETATM 863 O O   . HOH B 2 .   ? -3.95057  -8.76302  9.08286   1.000 18.20539 ? 235 HOH A O   1 
HETATM 864 O O   . HOH B 2 .   ? 3.92840   -1.64977  9.56431   1.000 11.27959 ? 236 HOH A O   1 
HETATM 865 O O   . HOH B 2 .   ? -4.36626  -4.45021  -9.97847  1.000 34.44018 ? 237 HOH A O   1 
HETATM 866 O O   . HOH B 2 .   ? 1.83154   -19.14376 -13.25732 1.000 29.32261 ? 238 HOH A O   1 
HETATM 867 O O   . HOH B 2 .   ? -7.23107  -15.27865 15.55363  1.000 31.50410 ? 239 HOH A O   1 
HETATM 868 O O   . HOH B 2 .   ? 2.42757   13.56375  3.35359   1.000 35.09934 ? 240 HOH A O   1 
HETATM 869 O O   . HOH B 2 .   ? 9.55023   5.92810   14.74156  1.000 25.18454 ? 241 HOH A O   1 
HETATM 870 O O   . HOH B 2 .   ? 3.31580   -8.19652  -10.99404 1.000 43.93998 ? 242 HOH A O   1 
HETATM 871 O O   . HOH B 2 .   ? 5.43952   8.10843   -0.55819  1.000 17.98486 ? 243 HOH A O   1 
HETATM 872 O O   . HOH B 2 .   ? -15.33534 4.86409   -5.84406  1.000 22.88840 ? 244 HOH A O   1 
HETATM 873 O O   . HOH B 2 .   ? -8.01202  2.48252   -11.51663 1.000 19.77430 ? 245 HOH A O   1 
HETATM 874 O O   . HOH B 2 .   ? 15.79372  7.40646   -6.22645  1.000 36.17706 ? 246 HOH A O   1 
HETATM 875 O O   . HOH B 2 .   ? -0.10034  8.44557   16.87563  1.000 37.43909 ? 247 HOH A O   1 
HETATM 876 O O   . HOH B 2 .   ? -10.93536 9.62272   -6.36247  1.000 30.40595 ? 248 HOH A O   1 
HETATM 877 O O   . HOH B 2 .   ? 10.59495  -8.97657  0.22105   1.000 48.15279 ? 249 HOH A O   1 
HETATM 878 O O   . HOH B 2 .   ? -0.23723  9.61732   13.86258  1.000 25.80512 ? 250 HOH A O   1 
HETATM 879 O O   . HOH B 2 .   ? 2.48215   -12.91261 0.15066   1.000 31.96734 ? 251 HOH A O   1 
HETATM 880 O O   . HOH B 2 .   ? 12.09510  2.65270   14.19948  1.000 33.08495 ? 252 HOH A O   1 
HETATM 881 O O   . HOH B 2 .   ? 1.68359   -11.97514 12.01021  1.000 35.09249 ? 253 HOH A O   1 
HETATM 882 O O   . HOH B 2 .   ? -5.31482  4.53846   16.98849  1.000 33.27032 ? 254 HOH A O   1 
HETATM 883 O O   . HOH B 2 .   ? 3.32561   8.96918   14.10700  1.000 23.40440 ? 255 HOH A O   1 
HETATM 884 O O   . HOH B 2 .   ? 12.52055  -7.47396  -7.51640  1.000 36.47886 ? 256 HOH A O   1 
HETATM 885 O O   . HOH B 2 .   ? -7.23902  8.74139   -1.45836  1.000 24.95467 ? 257 HOH A O   1 
HETATM 886 O O   . HOH B 2 .   ? 1.38192   -2.13056  12.29897  1.000 19.96769 ? 258 HOH A O   1 
HETATM 887 O O   . HOH B 2 .   ? 4.86159   -8.62682  7.46465   1.000 34.61767 ? 259 HOH A O   1 
HETATM 888 O O   . HOH B 2 .   ? -1.45802  -12.73700 -6.89122  1.000 32.64951 ? 260 HOH A O   1 
HETATM 889 O O   . HOH B 2 .   ? 14.24964  -1.23471  1.50128   1.000 37.60839 ? 261 HOH A O   1 
HETATM 890 O O   . HOH B 2 .   ? -13.73966 -1.51297  5.50279   1.000 32.80297 ? 262 HOH A O   1 
HETATM 891 O O   . HOH B 2 .   ? 3.85143   -7.08257  4.74908   1.000 17.71672 ? 263 HOH A O   1 
HETATM 892 O O   . HOH B 2 .   ? 6.30221   7.54262   -3.18052  1.000 23.67096 ? 264 HOH A O   1 
HETATM 893 O O   . HOH B 2 .   ? -11.66979 -1.13064  10.08187  1.000 32.57242 ? 265 HOH A O   1 
HETATM 894 O O   . HOH B 2 .   ? 5.44941   -5.86933  -13.80336 1.000 46.43808 ? 266 HOH A O   1 
HETATM 895 O O   . HOH B 2 .   ? 14.56288  5.92386   -3.60827  1.000 30.05169 ? 267 HOH A O   1 
HETATM 896 O O   . HOH B 2 .   ? 0.36096   -0.06979  15.71340  1.000 17.27131 ? 268 HOH A O   1 
HETATM 897 O O   . HOH B 2 .   ? -15.34251 -2.13653  -6.22585  1.000 21.42553 ? 269 HOH A O   1 
HETATM 898 O O   . HOH B 2 .   ? 3.70659   13.16691  5.19888   1.000 29.75054 ? 270 HOH A O   1 
HETATM 899 O O   . HOH B 2 .   ? -9.53571  6.66517   8.38441   1.000 19.41275 ? 271 HOH A O   1 
HETATM 900 O O   . HOH B 2 .   ? 8.80730   -2.94750  -13.28020 1.000 44.56460 ? 272 HOH A O   1 
HETATM 901 O O   . HOH B 2 .   ? 4.36306   12.47130  2.64147   1.000 26.69638 ? 273 HOH A O   1 
HETATM 902 O O   . HOH B 2 .   ? -1.97920  -3.93900  16.09084  1.000 27.57059 ? 274 HOH A O   1 
HETATM 903 O O   . HOH B 2 .   ? 15.22603  0.43915   3.02997   1.000 36.04895 ? 275 HOH A O   1 
HETATM 904 O O   . HOH B 2 .   ? 14.81440  -10.48395 -11.67588 1.000 44.17399 ? 276 HOH A O   1 
HETATM 905 O O   . HOH B 2 .   ? -11.05949 5.35181   10.27713  1.000 39.56186 ? 277 HOH A O   1 
HETATM 906 O O   . HOH B 2 .   ? 0.11838   -2.33166  -10.97428 1.000 34.45822 ? 278 HOH A O   1 
HETATM 907 O O   . HOH B 2 .   ? -10.77371 7.24654   6.29998   1.000 32.70641 ? 279 HOH A O   1 
HETATM 908 O O   . HOH B 2 .   ? -5.81628  11.30724  0.85117   1.000 29.86716 ? 280 HOH A O   1 
HETATM 909 O O   . HOH B 2 .   ? 19.29269  3.44951   -6.75596  1.000 51.46848 ? 281 HOH A O   1 
HETATM 910 O O   . HOH B 2 .   ? -2.02734  -5.74455  14.87422  1.000 33.58476 ? 282 HOH A O   1 
HETATM 911 O O   . HOH B 2 .   ? 14.88113  -9.86798  -13.81002 1.000 41.59019 ? 283 HOH A O   1 
HETATM 912 O O   . HOH B 2 .   ? 15.58802  4.59677   1.76189   1.000 36.85773 ? 284 HOH A O   1 
HETATM 913 O O   . HOH B 2 .   ? -3.87173  7.81954   15.56223  1.000 35.43775 ? 285 HOH A O   1 
HETATM 914 O O   . HOH B 2 .   ? 7.72107   9.06770   0.21806   1.000 30.10936 ? 286 HOH A O   1 
HETATM 915 O O   . HOH B 2 .   ? 16.10103  -5.52855  -8.35630  1.000 39.41535 ? 287 HOH A O   1 
HETATM 916 O O   . HOH B 2 .   ? -11.74684 -9.60511  4.21831   1.000 39.69951 ? 288 HOH A O   1 
HETATM 917 O O   . HOH B 2 .   ? -6.09714  -10.37959 10.51017  1.000 29.06177 ? 289 HOH A O   1 
HETATM 918 O O   . HOH B 2 .   ? 9.49018   -7.40803  6.85015   1.000 40.03105 ? 290 HOH A O   1 
HETATM 919 O O   . HOH B 2 .   ? 3.61249   -10.33591 -11.89555 1.000 42.30243 ? 291 HOH A O   1 
HETATM 920 O O   . HOH B 2 .   ? -15.07178 -0.75405  -8.48695  1.000 48.22189 ? 292 HOH A O   1 
HETATM 921 O O   . HOH B 2 .   ? 14.71361  -1.58135  5.92253   1.000 38.59159 ? 293 HOH A O   1 
HETATM 922 O O   . HOH B 2 .   ? -6.30217  -12.95801 -8.65189  1.000 34.22785 ? 294 HOH A O   1 
HETATM 923 O O   . HOH B 2 .   ? -13.70981 -3.45496  -10.79898 1.000 33.64839 ? 295 HOH A O   1 
HETATM 924 O O   . HOH B 2 .   ? 20.28185  -4.85082  -3.38581  1.000 40.66676 ? 296 HOH A O   1 
HETATM 925 O O   . HOH B 2 .   ? 6.93258   14.24467  -6.38009  1.000 33.18112 ? 297 HOH A O   1 
HETATM 926 O O   . HOH B 2 .   ? -0.28993  -2.50043  16.54032  1.000 32.30194 ? 298 HOH A O   1 
HETATM 927 O O   . HOH B 2 .   ? -6.30115  -13.23437 1.06681   1.000 28.67683 ? 299 HOH A O   1 
HETATM 928 O O   . HOH B 2 .   ? -6.15003  2.38709   17.10093  1.000 32.52391 ? 300 HOH A O   1 
HETATM 929 O O   . HOH B 2 .   ? 7.99595   -7.66451  8.40268   1.000 40.44572 ? 301 HOH A O   1 
HETATM 930 O O   . HOH B 2 .   ? 8.77621   11.17990  -0.59770  0.50  32.89766 ? 302 HOH A O   1 
HETATM 931 O O   . HOH B 2 .   ? 2.74087   -1.73891  14.18420  1.000 30.61288 ? 303 HOH A O   1 
HETATM 932 O O   . HOH B 2 .   ? -1.95263  9.09719   15.94111  1.000 36.60982 ? 304 HOH A O   1 
HETATM 933 O O   . HOH B 2 .   ? 2.85388   16.81225  8.15409   1.000 34.55317 ? 305 HOH A O   1 
HETATM 934 O O   . HOH B 2 .   ? 3.01478   -14.20402 -10.55392 1.000 38.15651 ? 306 HOH A O   1 
HETATM 935 O O   . HOH B 2 .   ? -4.78536  12.35478  2.40676   1.000 32.26332 ? 307 HOH A O   1 
HETATM 936 O O   . HOH B 2 .   ? 10.26879  -1.47435  -14.47701 1.000 35.90140 ? 308 HOH A O   1 
HETATM 937 O O   . HOH B 2 .   ? 9.56167   1.81053   -14.81620 1.000 36.79019 ? 309 HOH A O   1 
HETATM 938 O O   . HOH B 2 .   ? -7.73342  -4.29528  -11.87560 1.000 36.94469 ? 310 HOH A O   1 
HETATM 939 O O   . HOH B 2 .   ? 6.00451   -10.14695 5.27646   1.000 38.57249 ? 311 HOH A O   1 
HETATM 940 O O   . HOH B 2 .   ? -0.00352  11.82448  13.46394  1.000 31.01617 ? 312 HOH A O   1 
HETATM 941 O O   . HOH B 2 .   ? -3.77841  -10.98867 6.93207   1.000 36.20491 ? 313 HOH A O   1 
HETATM 942 O O   . HOH B 2 .   ? -11.31424 -2.50179  -15.06683 1.000 41.77159 ? 314 HOH A O   1 
HETATM 943 O O   . HOH B 2 .   ? -10.99547 -4.15523  -11.68960 1.000 37.26566 ? 315 HOH A O   1 
# 
loop_
_pdbx_poly_seq_scheme.asym_id 
_pdbx_poly_seq_scheme.entity_id 
_pdbx_poly_seq_scheme.seq_id 
_pdbx_poly_seq_scheme.mon_id 
_pdbx_poly_seq_scheme.ndb_seq_num 
_pdbx_poly_seq_scheme.pdb_seq_num 
_pdbx_poly_seq_scheme.auth_seq_num 
_pdbx_poly_seq_scheme.pdb_mon_id 
_pdbx_poly_seq_scheme.auth_mon_id 
_pdbx_poly_seq_scheme.pdb_strand_id 
_pdbx_poly_seq_scheme.pdb_ins_code 
_pdbx_poly_seq_scheme.hetero 
A 1 1   MET 1   -8  ?   ?   ?   A . n 
A 1 2   GLU 2   -7  ?   ?   ?   A . n 
A 1 3   SER 3   -6  ?   ?   ?   A . n 
A 1 4   LEU 4   -5  ?   ?   ?   A . n 
A 1 5   VAL 5   -4  ?   ?   ?   A . n 
A 1 6   PRO 6   -3  ?   ?   ?   A . n 
A 1 7   GLY 7   -2  ?   ?   ?   A . n 
A 1 8   PHE 8   -1  ?   ?   ?   A . n 
A 1 9   ASN 9   0   ?   ?   ?   A . n 
A 1 10  GLU 10  1   ?   ?   ?   A . n 
A 1 11  LYS 11  2   ?   ?   ?   A . n 
A 1 12  THR 12  3   ?   ?   ?   A . n 
A 1 13  HIS 13  4   ?   ?   ?   A . n 
A 1 14  VAL 14  5   5   VAL VAL A . n 
A 1 15  GLN 15  6   6   GLN GLN A . n 
A 1 16  LEU 16  7   7   LEU LEU A . n 
A 1 17  SER 17  8   8   SER SER A . n 
A 1 18  LEU 18  9   9   LEU LEU A . n 
A 1 19  PRO 19  10  10  PRO PRO A . n 
A 1 20  VAL 20  11  11  VAL VAL A . n 
A 1 21  LEU 21  12  12  LEU LEU A . n 
A 1 22  GLN 22  13  13  GLN GLN A . n 
A 1 23  VAL 23  14  14  VAL VAL A . n 
A 1 24  ARG 24  15  15  ARG ARG A . n 
A 1 25  ASP 25  16  16  ASP ASP A . n 
A 1 26  VAL 26  17  17  VAL VAL A . n 
A 1 27  LEU 27  18  18  LEU LEU A . n 
A 1 28  VAL 28  19  19  VAL VAL A . n 
A 1 29  ARG 29  20  20  ARG ARG A . n 
A 1 30  GLY 30  21  21  GLY GLY A . n 
A 1 31  PHE 31  22  22  PHE PHE A . n 
A 1 32  GLY 32  23  23  GLY GLY A . n 
A 1 33  ASP 33  24  24  ASP ASP A . n 
A 1 34  SER 34  25  25  SER SER A . n 
A 1 35  VAL 35  26  26  VAL VAL A . n 
A 1 36  GLU 36  27  27  GLU GLU A . n 
A 1 37  GLU 37  28  28  GLU GLU A . n 
A 1 38  VAL 38  29  29  VAL VAL A . n 
A 1 39  LEU 39  30  30  LEU LEU A . n 
A 1 40  SER 40  31  31  SER SER A . n 
A 1 41  GLU 41  32  32  GLU GLU A . n 
A 1 42  ALA 42  33  33  ALA ALA A . n 
A 1 43  ARG 43  34  34  ARG ARG A . n 
A 1 44  GLN 44  35  35  GLN GLN A . n 
A 1 45  HIS 45  36  36  HIS HIS A . n 
A 1 46  LEU 46  37  37  LEU LEU A . n 
A 1 47  LYS 47  38  38  LYS LYS A . n 
A 1 48  ASP 48  39  39  ASP ASP A . n 
A 1 49  GLY 49  40  40  GLY GLY A . n 
A 1 50  THR 50  41  41  THR THR A . n 
A 1 51  CYS 51  42  42  CYS CYS A . n 
A 1 52  GLY 52  43  43  GLY GLY A . n 
A 1 53  LEU 53  44  44  LEU LEU A . n 
A 1 54  VAL 54  45  45  VAL VAL A . n 
A 1 55  GLU 55  46  46  GLU GLU A . n 
A 1 56  VAL 56  47  47  VAL VAL A . n 
A 1 57  GLU 57  48  48  GLU GLU A . n 
A 1 58  LYS 58  49  49  LYS LYS A . n 
A 1 59  GLY 59  50  50  GLY GLY A . n 
A 1 60  VAL 60  51  51  VAL VAL A . n 
A 1 61  LEU 61  52  52  LEU LEU A . n 
A 1 62  PRO 62  53  53  PRO PRO A . n 
A 1 63  GLN 63  54  54  GLN GLN A . n 
A 1 64  LEU 64  55  55  LEU LEU A . n 
A 1 65  GLU 65  56  56  GLU GLU A . n 
A 1 66  GLN 66  57  57  GLN GLN A . n 
A 1 67  PRO 67  58  58  PRO PRO A . n 
A 1 68  TYR 68  59  59  TYR TYR A . n 
A 1 69  VAL 69  60  60  VAL VAL A . n 
A 1 70  PHE 70  61  61  PHE PHE A . n 
A 1 71  ILE 71  62  62  ILE ILE A . n 
A 1 72  LYS 72  63  63  LYS LYS A . n 
A 1 73  ARG 73  64  64  ARG ARG A . n 
A 1 74  SER 74  65  65  SER SER A . n 
A 1 75  ASP 75  66  66  ASP ASP A . n 
A 1 76  ALA 76  67  ?   ?   ?   A . n 
A 1 77  ARG 77  68  ?   ?   ?   A . n 
A 1 78  THR 78  69  ?   ?   ?   A . n 
A 1 79  ALA 79  70  ?   ?   ?   A . n 
A 1 80  PRO 80  71  ?   ?   ?   A . n 
A 1 81  HIS 81  72  ?   ?   ?   A . n 
A 1 82  GLY 82  73  73  GLY GLY A . n 
A 1 83  HIS 83  74  74  HIS HIS A . n 
A 1 84  VAL 84  75  75  VAL VAL A . n 
A 1 85  MET 85  76  76  MET MET A . n 
A 1 86  VAL 86  77  77  VAL VAL A . n 
A 1 87  GLU 87  78  78  GLU GLU A . n 
A 1 88  LEU 88  79  79  LEU LEU A . n 
A 1 89  VAL 89  80  80  VAL VAL A . n 
A 1 90  ALA 90  81  81  ALA ALA A . n 
A 1 91  GLU 91  82  82  GLU GLU A . n 
A 1 92  LEU 92  83  83  LEU LEU A . n 
A 1 93  GLU 93  84  84  GLU GLU A . n 
A 1 94  GLY 94  85  85  GLY GLY A . n 
A 1 95  ILE 95  86  86  ILE ILE A . n 
A 1 96  GLN 96  87  87  GLN GLN A . n 
A 1 97  TYR 97  88  88  TYR TYR A . n 
A 1 98  GLY 98  89  89  GLY GLY A . n 
A 1 99  ARG 99  90  90  ARG ARG A . n 
A 1 100 SER 100 91  91  SER SER A . n 
A 1 101 GLY 101 92  92  GLY GLY A . n 
A 1 102 GLU 102 93  93  GLU GLU A . n 
A 1 103 THR 103 94  94  THR THR A . n 
A 1 104 LEU 104 95  95  LEU LEU A . n 
A 1 105 GLY 105 96  96  GLY GLY A . n 
A 1 106 VAL 106 97  97  VAL VAL A . n 
A 1 107 LEU 107 98  98  LEU LEU A . n 
A 1 108 VAL 108 99  99  VAL VAL A . n 
A 1 109 PRO 109 100 100 PRO PRO A . n 
A 1 110 HIS 110 101 101 HIS HIS A . n 
A 1 111 VAL 111 102 102 VAL VAL A . n 
A 1 112 GLY 112 103 103 GLY GLY A . n 
A 1 113 GLU 113 104 104 GLU GLU A . n 
A 1 114 ILE 114 105 105 ILE ILE A . n 
A 1 115 PRO 115 106 106 PRO PRO A . n 
A 1 116 VAL 116 107 107 VAL VAL A . n 
A 1 117 ALA 117 108 108 ALA ALA A . n 
A 1 118 TYR 118 109 109 TYR TYR A . n 
A 1 119 ARG 119 110 110 ARG ARG A . n 
A 1 120 LYS 120 111 111 LYS LYS A . n 
A 1 121 VAL 121 112 112 VAL VAL A . n 
A 1 122 LEU 122 113 113 LEU LEU A . n 
A 1 123 LEU 123 114 114 LEU LEU A . n 
A 1 124 ARG 124 115 115 ARG ARG A . n 
A 1 125 LYS 125 116 116 LYS LYS A . n 
A 1 126 ASN 126 117 ?   ?   ?   A . n 
A 1 127 GLY 127 118 ?   ?   ?   A . n 
A 1 128 ASN 128 119 ?   ?   ?   A . n 
A 1 129 LYS 129 120 ?   ?   ?   A . n 
A 1 130 GLY 130 121 ?   ?   ?   A . n 
A 1 131 ALA 131 122 ?   ?   ?   A . n 
A 1 132 GLY 132 123 ?   ?   ?   A . n 
A 1 133 GLY 133 124 ?   ?   ?   A . n 
A 1 134 HIS 134 125 ?   ?   ?   A . n 
A 1 135 SER 135 126 ?   ?   ?   A . n 
A 1 136 TYR 136 127 ?   ?   ?   A . n 
A 1 137 GLY 137 128 ?   ?   ?   A . n 
A 1 138 ALA 138 129 ?   ?   ?   A . n 
A 1 139 ASP 139 130 ?   ?   ?   A . n 
A 1 140 LEU 140 131 ?   ?   ?   A . n 
A 1 141 LYS 141 132 ?   ?   ?   A . n 
A 1 142 SER 142 133 ?   ?   ?   A . n 
A 1 143 PHE 143 134 ?   ?   ?   A . n 
A 1 144 ASP 144 135 ?   ?   ?   A . n 
A 1 145 LEU 145 136 ?   ?   ?   A . n 
A 1 146 GLY 146 137 ?   ?   ?   A . n 
A 1 147 ASP 147 138 ?   ?   ?   A . n 
A 1 148 GLU 148 139 ?   ?   ?   A . n 
A 1 149 LEU 149 140 ?   ?   ?   A . n 
A 1 150 GLY 150 141 ?   ?   ?   A . n 
A 1 151 THR 151 142 ?   ?   ?   A . n 
A 1 152 ASP 152 143 ?   ?   ?   A . n 
A 1 153 PRO 153 144 ?   ?   ?   A . n 
A 1 154 TYR 154 145 ?   ?   ?   A . n 
A 1 155 GLU 155 146 ?   ?   ?   A . n 
A 1 156 ASP 156 147 ?   ?   ?   A . n 
A 1 157 PHE 157 148 ?   ?   ?   A . n 
A 1 158 GLN 158 149 ?   ?   ?   A . n 
A 1 159 GLU 159 150 ?   ?   ?   A . n 
A 1 160 ASN 160 151 ?   ?   ?   A . n 
A 1 161 TRP 161 152 ?   ?   ?   A . n 
A 1 162 ASN 162 153 ?   ?   ?   A . n 
A 1 163 THR 163 154 ?   ?   ?   A . n 
A 1 164 LYS 164 155 ?   ?   ?   A . n 
A 1 165 HIS 165 156 ?   ?   ?   A . n 
A 1 166 SER 166 157 ?   ?   ?   A . n 
A 1 167 SER 167 158 ?   ?   ?   A . n 
A 1 168 GLY 168 159 ?   ?   ?   A . n 
A 1 169 VAL 169 160 ?   ?   ?   A . n 
A 1 170 THR 170 161 ?   ?   ?   A . n 
A 1 171 ARG 171 162 ?   ?   ?   A . n 
A 1 172 GLU 172 163 ?   ?   ?   A . n 
A 1 173 LEU 173 164 ?   ?   ?   A . n 
A 1 174 MET 174 165 ?   ?   ?   A . n 
A 1 175 ARG 175 166 ?   ?   ?   A . n 
A 1 176 GLU 176 167 ?   ?   ?   A . n 
A 1 177 LEU 177 168 ?   ?   ?   A . n 
A 1 178 ASN 178 169 ?   ?   ?   A . n 
A 1 179 GLY 179 170 ?   ?   ?   A . n 
A 1 180 GLY 180 171 ?   ?   ?   A . n 
# 
loop_
_pdbx_nonpoly_scheme.asym_id 
_pdbx_nonpoly_scheme.entity_id 
_pdbx_nonpoly_scheme.mon_id 
_pdbx_nonpoly_scheme.ndb_seq_num 
_pdbx_nonpoly_scheme.pdb_seq_num 
_pdbx_nonpoly_scheme.auth_seq_num 
_pdbx_nonpoly_scheme.pdb_mon_id 
_pdbx_nonpoly_scheme.auth_mon_id 
_pdbx_nonpoly_scheme.pdb_strand_id 
_pdbx_nonpoly_scheme.pdb_ins_code 
B 2 HOH 1   201 25  HOH HOH A . 
B 2 HOH 2   202 91  HOH HOH A . 
B 2 HOH 3   203 7   HOH HOH A . 
B 2 HOH 4   204 36  HOH HOH A . 
B 2 HOH 5   205 49  HOH HOH A . 
B 2 HOH 6   206 57  HOH HOH A . 
B 2 HOH 7   207 11  HOH HOH A . 
B 2 HOH 8   208 24  HOH HOH A . 
B 2 HOH 9   209 32  HOH HOH A . 
B 2 HOH 10  210 95  HOH HOH A . 
B 2 HOH 11  211 40  HOH HOH A . 
B 2 HOH 12  212 104 HOH HOH A . 
B 2 HOH 13  213 15  HOH HOH A . 
B 2 HOH 14  214 96  HOH HOH A . 
B 2 HOH 15  215 54  HOH HOH A . 
B 2 HOH 16  216 14  HOH HOH A . 
B 2 HOH 17  217 2   HOH HOH A . 
B 2 HOH 18  218 3   HOH HOH A . 
B 2 HOH 19  219 28  HOH HOH A . 
B 2 HOH 20  220 31  HOH HOH A . 
B 2 HOH 21  221 86  HOH HOH A . 
B 2 HOH 22  222 1   HOH HOH A . 
B 2 HOH 23  223 18  HOH HOH A . 
B 2 HOH 24  224 35  HOH HOH A . 
B 2 HOH 25  225 6   HOH HOH A . 
B 2 HOH 26  226 109 HOH HOH A . 
B 2 HOH 27  227 89  HOH HOH A . 
B 2 HOH 28  228 112 HOH HOH A . 
B 2 HOH 29  229 71  HOH HOH A . 
B 2 HOH 30  230 66  HOH HOH A . 
B 2 HOH 31  231 65  HOH HOH A . 
B 2 HOH 32  232 9   HOH HOH A . 
B 2 HOH 33  233 26  HOH HOH A . 
B 2 HOH 34  234 4   HOH HOH A . 
B 2 HOH 35  235 16  HOH HOH A . 
B 2 HOH 36  236 5   HOH HOH A . 
B 2 HOH 37  237 85  HOH HOH A . 
B 2 HOH 38  238 42  HOH HOH A . 
B 2 HOH 39  239 90  HOH HOH A . 
B 2 HOH 40  240 61  HOH HOH A . 
B 2 HOH 41  241 22  HOH HOH A . 
B 2 HOH 42  242 39  HOH HOH A . 
B 2 HOH 43  243 8   HOH HOH A . 
B 2 HOH 44  244 23  HOH HOH A . 
B 2 HOH 45  245 17  HOH HOH A . 
B 2 HOH 46  246 108 HOH HOH A . 
B 2 HOH 47  247 47  HOH HOH A . 
B 2 HOH 48  248 55  HOH HOH A . 
B 2 HOH 49  249 48  HOH HOH A . 
B 2 HOH 50  250 27  HOH HOH A . 
B 2 HOH 51  251 45  HOH HOH A . 
B 2 HOH 52  252 46  HOH HOH A . 
B 2 HOH 53  253 79  HOH HOH A . 
B 2 HOH 54  254 70  HOH HOH A . 
B 2 HOH 55  255 13  HOH HOH A . 
B 2 HOH 56  256 101 HOH HOH A . 
B 2 HOH 57  257 33  HOH HOH A . 
B 2 HOH 58  258 19  HOH HOH A . 
B 2 HOH 59  259 73  HOH HOH A . 
B 2 HOH 60  260 67  HOH HOH A . 
B 2 HOH 61  261 64  HOH HOH A . 
B 2 HOH 62  262 50  HOH HOH A . 
B 2 HOH 63  263 12  HOH HOH A . 
B 2 HOH 64  264 41  HOH HOH A . 
B 2 HOH 65  265 84  HOH HOH A . 
B 2 HOH 66  266 113 HOH HOH A . 
B 2 HOH 67  267 44  HOH HOH A . 
B 2 HOH 68  268 10  HOH HOH A . 
B 2 HOH 69  269 21  HOH HOH A . 
B 2 HOH 70  270 43  HOH HOH A . 
B 2 HOH 71  271 20  HOH HOH A . 
B 2 HOH 72  272 105 HOH HOH A . 
B 2 HOH 73  273 30  HOH HOH A . 
B 2 HOH 74  274 52  HOH HOH A . 
B 2 HOH 75  275 83  HOH HOH A . 
B 2 HOH 76  276 103 HOH HOH A . 
B 2 HOH 77  277 74  HOH HOH A . 
B 2 HOH 78  278 62  HOH HOH A . 
B 2 HOH 79  279 37  HOH HOH A . 
B 2 HOH 80  280 56  HOH HOH A . 
B 2 HOH 81  281 93  HOH HOH A . 
B 2 HOH 82  282 76  HOH HOH A . 
B 2 HOH 83  283 114 HOH HOH A . 
B 2 HOH 84  284 29  HOH HOH A . 
B 2 HOH 85  285 115 HOH HOH A . 
B 2 HOH 86  286 78  HOH HOH A . 
B 2 HOH 87  287 102 HOH HOH A . 
B 2 HOH 88  288 88  HOH HOH A . 
B 2 HOH 89  289 34  HOH HOH A . 
B 2 HOH 90  290 51  HOH HOH A . 
B 2 HOH 91  291 59  HOH HOH A . 
B 2 HOH 92  292 99  HOH HOH A . 
B 2 HOH 93  293 107 HOH HOH A . 
B 2 HOH 94  294 53  HOH HOH A . 
B 2 HOH 95  295 72  HOH HOH A . 
B 2 HOH 96  296 92  HOH HOH A . 
B 2 HOH 97  297 98  HOH HOH A . 
B 2 HOH 98  298 69  HOH HOH A . 
B 2 HOH 99  299 68  HOH HOH A . 
B 2 HOH 100 300 81  HOH HOH A . 
B 2 HOH 101 301 87  HOH HOH A . 
B 2 HOH 102 302 110 HOH HOH A . 
B 2 HOH 103 303 60  HOH HOH A . 
B 2 HOH 104 304 63  HOH HOH A . 
B 2 HOH 105 305 77  HOH HOH A . 
B 2 HOH 106 306 97  HOH HOH A . 
B 2 HOH 107 307 94  HOH HOH A . 
B 2 HOH 108 308 106 HOH HOH A . 
B 2 HOH 109 309 38  HOH HOH A . 
B 2 HOH 110 310 100 HOH HOH A . 
B 2 HOH 111 311 82  HOH HOH A . 
B 2 HOH 112 312 80  HOH HOH A . 
B 2 HOH 113 313 75  HOH HOH A . 
B 2 HOH 114 314 111 HOH HOH A . 
B 2 HOH 115 315 58  HOH HOH A . 
# 
_pdbx_struct_assembly.id                   1 
_pdbx_struct_assembly.details              author_and_software_defined_assembly 
_pdbx_struct_assembly.method_details       PISA 
_pdbx_struct_assembly.oligomeric_details   monomeric 
_pdbx_struct_assembly.oligomeric_count     1 
# 
_pdbx_struct_assembly_gen.assembly_id       1 
_pdbx_struct_assembly_gen.oper_expression   1 
_pdbx_struct_assembly_gen.asym_id_list      A,B 
# 
_pdbx_struct_oper_list.id                   1 
_pdbx_struct_oper_list.type                 'identity operation' 
_pdbx_struct_oper_list.name                 1_555 
_pdbx_struct_oper_list.symmetry_operation   x,y,z 
_pdbx_struct_oper_list.matrix[1][1]         1.0000000000 
_pdbx_struct_oper_list.matrix[1][2]         0.0000000000 
_pdbx_struct_oper_list.matrix[1][3]         0.0000000000 
_pdbx_struct_oper_list.vector[1]            0.0000000000 
_pdbx_struct_oper_list.matrix[2][1]         0.0000000000 
_pdbx_struct_oper_list.matrix[2][2]         1.0000000000 
_pdbx_struct_oper_list.matrix[2][3]         0.0000000000 
_pdbx_struct_oper_list.vector[2]            0.0000000000 
_pdbx_struct_oper_list.matrix[3][1]         0.0000000000 
_pdbx_struct_oper_list.matrix[3][2]         0.0000000000 
_pdbx_struct_oper_list.matrix[3][3]         1.0000000000 
_pdbx_struct_oper_list.vector[3]            0.0000000000 
# 
loop_
_pdbx_struct_special_symmetry.id 
_pdbx_struct_special_symmetry.PDB_model_num 
_pdbx_struct_special_symmetry.auth_asym_id 
_pdbx_struct_special_symmetry.auth_comp_id 
_pdbx_struct_special_symmetry.auth_seq_id 
_pdbx_struct_special_symmetry.PDB_ins_code 
_pdbx_struct_special_symmetry.label_asym_id 
_pdbx_struct_special_symmetry.label_comp_id 
_pdbx_struct_special_symmetry.label_seq_id 
1 1 A HOH 203 ? B HOH . 
2 1 A HOH 302 ? B HOH . 
# 
loop_
_pdbx_audit_revision_history.ordinal 
_pdbx_audit_revision_history.data_content_type 
_pdbx_audit_revision_history.major_revision 
_pdbx_audit_revision_history.minor_revision 
_pdbx_audit_revision_history.revision_date 
1 'Structure model' 1 0 2020-09-30 
2 'Structure model' 1 1 2021-01-20 
3 'Structure model' 1 2 2023-10-18 
# 
_pdbx_audit_revision_details.ordinal             1 
_pdbx_audit_revision_details.revision_ordinal    1 
_pdbx_audit_revision_details.data_content_type   'Structure model' 
_pdbx_audit_revision_details.provider            repository 
_pdbx_audit_revision_details.type                'Initial release' 
_pdbx_audit_revision_details.description         ? 
_pdbx_audit_revision_details.details             ? 
# 
loop_
_pdbx_audit_revision_group.ordinal 
_pdbx_audit_revision_group.revision_ordinal 
_pdbx_audit_revision_group.data_content_type 
_pdbx_audit_revision_group.group 
1 2 'Structure model' 'Database references'    
2 3 'Structure model' 'Data collection'        
3 3 'Structure model' 'Database references'    
4 3 'Structure model' 'Refinement description' 
# 
loop_
_pdbx_audit_revision_category.ordinal 
_pdbx_audit_revision_category.revision_ordinal 
_pdbx_audit_revision_category.data_content_type 
_pdbx_audit_revision_category.category 
1 2 'Structure model' citation                      
2 3 'Structure model' chem_comp_atom                
3 3 'Structure model' chem_comp_bond                
4 3 'Structure model' database_2                    
5 3 'Structure model' pdbx_initial_refinement_model 
# 
loop_
_pdbx_audit_revision_item.ordinal 
_pdbx_audit_revision_item.revision_ordinal 
_pdbx_audit_revision_item.data_content_type 
_pdbx_audit_revision_item.item 
1  2 'Structure model' '_citation.country'                   
2  2 'Structure model' '_citation.journal_abbrev'            
3  2 'Structure model' '_citation.journal_id_CSD'            
4  2 'Structure model' '_citation.journal_id_ISSN'           
5  2 'Structure model' '_citation.journal_volume'            
6  2 'Structure model' '_citation.page_first'                
7  2 'Structure model' '_citation.page_last'                 
8  2 'Structure model' '_citation.pdbx_database_id_DOI'      
9  2 'Structure model' '_citation.pdbx_database_id_PubMed'   
10 2 'Structure model' '_citation.title'                     
11 2 'Structure model' '_citation.year'                      
12 3 'Structure model' '_database_2.pdbx_DOI'                
13 3 'Structure model' '_database_2.pdbx_database_accession' 
# 
loop_
_space_group_symop.id 
_space_group_symop.operation_xyz 
1 x,y,z               
2 -y+1/2,x+1/2,z+3/4  
3 y+1/2,-x+1/2,z+1/4  
4 x+1/2,-y+1/2,-z+1/4 
5 -x+1/2,y+1/2,-z+3/4 
6 -x,-y,z+1/2         
7 y,x,-z              
8 -y,-x,-z+1/2        
# 
loop_
_software.citation_id 
_software.classification 
_software.compiler_name 
_software.compiler_version 
_software.contact_author 
_software.contact_author_email 
_software.date 
_software.description 
_software.dependencies 
_software.hardware 
_software.language 
_software.location 
_software.mods 
_software.name 
_software.os 
_software.os_version 
_software.type 
_software.version 
_software.pdbx_ordinal 
? 'data reduction' ? ? ? ? ? ? ? ? ? ? ? HKL-3000  ? ? ? .           1 
? refinement       ? ? ? ? ? ? ? ? ? ? ? PHENIX    ? ? ? 1.17.1_3660 2 
? 'model building' ? ? ? ? ? ? ? ? ? ? ? BUCCANEER ? ? ? .           3 
? phasing          ? ? ? ? ? ? ? ? ? ? ? PARROT    ? ? ? .           4 
? phasing          ? ? ? ? ? ? ? ? ? ? ? MOLREP    ? ? ? .           5 
? 'model building' ? ? ? ? ? ? ? ? ? ? ? Coot      ? ? ? .           6 
? 'data scaling'   ? ? ? ? ? ? ? ? ? ? ? HKL-3000  ? ? ? .           7 
# 
loop_
_pdbx_validate_close_contact.id 
_pdbx_validate_close_contact.PDB_model_num 
_pdbx_validate_close_contact.auth_atom_id_1 
_pdbx_validate_close_contact.auth_asym_id_1 
_pdbx_validate_close_contact.auth_comp_id_1 
_pdbx_validate_close_contact.auth_seq_id_1 
_pdbx_validate_close_contact.PDB_ins_code_1 
_pdbx_validate_close_contact.label_alt_id_1 
_pdbx_validate_close_contact.auth_atom_id_2 
_pdbx_validate_close_contact.auth_asym_id_2 
_pdbx_validate_close_contact.auth_comp_id_2 
_pdbx_validate_close_contact.auth_seq_id_2 
_pdbx_validate_close_contact.PDB_ins_code_2 
_pdbx_validate_close_contact.label_alt_id_2 
_pdbx_validate_close_contact.dist 
1 1 O A HOH 280 ? ? O A HOH 307 ? ? 2.14 
2 1 O A HOH 290 ? ? O A HOH 301 ? ? 2.17 
3 1 O A HOH 247 ? ? O A HOH 304 ? ? 2.17 
4 1 O A HOH 274 ? ? O A HOH 282 ? ? 2.18 
# 
loop_
_pdbx_validate_symm_contact.id 
_pdbx_validate_symm_contact.PDB_model_num 
_pdbx_validate_symm_contact.auth_atom_id_1 
_pdbx_validate_symm_contact.auth_asym_id_1 
_pdbx_validate_symm_contact.auth_comp_id_1 
_pdbx_validate_symm_contact.auth_seq_id_1 
_pdbx_validate_symm_contact.PDB_ins_code_1 
_pdbx_validate_symm_contact.label_alt_id_1 
_pdbx_validate_symm_contact.site_symmetry_1 
_pdbx_validate_symm_contact.auth_atom_id_2 
_pdbx_validate_symm_contact.auth_asym_id_2 
_pdbx_validate_symm_contact.auth_comp_id_2 
_pdbx_validate_symm_contact.auth_seq_id_2 
_pdbx_validate_symm_contact.PDB_ins_code_2 
_pdbx_validate_symm_contact.label_alt_id_2 
_pdbx_validate_symm_contact.site_symmetry_2 
_pdbx_validate_symm_contact.dist 
1 1 O A HOH 215 ? ? 1_555 O A HOH 241 ? ? 8_655 2.18 
2 1 O A HOH 239 ? ? 1_555 O A HOH 285 ? ? 5_455 2.19 
# 
loop_
_pdbx_validate_torsion.id 
_pdbx_validate_torsion.PDB_model_num 
_pdbx_validate_torsion.auth_comp_id 
_pdbx_validate_torsion.auth_asym_id 
_pdbx_validate_torsion.auth_seq_id 
_pdbx_validate_torsion.PDB_ins_code 
_pdbx_validate_torsion.label_alt_id 
_pdbx_validate_torsion.phi 
_pdbx_validate_torsion.psi 
1 1 SER A 91  ? ? -162.71 -163.24 
2 1 ARG A 115 ? ? -47.44  107.81  
# 
loop_
_pdbx_unobs_or_zero_occ_residues.id 
_pdbx_unobs_or_zero_occ_residues.PDB_model_num 
_pdbx_unobs_or_zero_occ_residues.polymer_flag 
_pdbx_unobs_or_zero_occ_residues.occupancy_flag 
_pdbx_unobs_or_zero_occ_residues.auth_asym_id 
_pdbx_unobs_or_zero_occ_residues.auth_comp_id 
_pdbx_unobs_or_zero_occ_residues.auth_seq_id 
_pdbx_unobs_or_zero_occ_residues.PDB_ins_code 
_pdbx_unobs_or_zero_occ_residues.label_asym_id 
_pdbx_unobs_or_zero_occ_residues.label_comp_id 
_pdbx_unobs_or_zero_occ_residues.label_seq_id 
1  1 Y 1 A MET -8  ? A MET 1   
2  1 Y 1 A GLU -7  ? A GLU 2   
3  1 Y 1 A SER -6  ? A SER 3   
4  1 Y 1 A LEU -5  ? A LEU 4   
5  1 Y 1 A VAL -4  ? A VAL 5   
6  1 Y 1 A PRO -3  ? A PRO 6   
7  1 Y 1 A GLY -2  ? A GLY 7   
8  1 Y 1 A PHE -1  ? A PHE 8   
9  1 Y 1 A ASN 0   ? A ASN 9   
10 1 Y 1 A GLU 1   ? A GLU 10  
11 1 Y 1 A LYS 2   ? A LYS 11  
12 1 Y 1 A THR 3   ? A THR 12  
13 1 Y 1 A HIS 4   ? A HIS 13  
14 1 Y 1 A ALA 67  ? A ALA 76  
15 1 Y 1 A ARG 68  ? A ARG 77  
16 1 Y 1 A THR 69  ? A THR 78  
17 1 Y 1 A ALA 70  ? A ALA 79  
18 1 Y 1 A PRO 71  ? A PRO 80  
19 1 Y 1 A HIS 72  ? A HIS 81  
20 1 Y 1 A ASN 117 ? A ASN 126 
21 1 Y 1 A GLY 118 ? A GLY 127 
22 1 Y 1 A ASN 119 ? A ASN 128 
23 1 Y 1 A LYS 120 ? A LYS 129 
24 1 Y 1 A GLY 121 ? A GLY 130 
25 1 Y 1 A ALA 122 ? A ALA 131 
26 1 Y 1 A GLY 123 ? A GLY 132 
27 1 Y 1 A GLY 124 ? A GLY 133 
28 1 Y 1 A HIS 125 ? A HIS 134 
29 1 Y 1 A SER 126 ? A SER 135 
30 1 Y 1 A TYR 127 ? A TYR 136 
31 1 Y 1 A GLY 128 ? A GLY 137 
32 1 Y 1 A ALA 129 ? A ALA 138 
33 1 Y 1 A ASP 130 ? A ASP 139 
34 1 Y 1 A LEU 131 ? A LEU 140 
35 1 Y 1 A LYS 132 ? A LYS 141 
36 1 Y 1 A SER 133 ? A SER 142 
37 1 Y 1 A PHE 134 ? A PHE 143 
38 1 Y 1 A ASP 135 ? A ASP 144 
39 1 Y 1 A LEU 136 ? A LEU 145 
40 1 Y 1 A GLY 137 ? A GLY 146 
41 1 Y 1 A ASP 138 ? A ASP 147 
42 1 Y 1 A GLU 139 ? A GLU 148 
43 1 Y 1 A LEU 140 ? A LEU 149 
44 1 Y 1 A GLY 141 ? A GLY 150 
45 1 Y 1 A THR 142 ? A THR 151 
46 1 Y 1 A ASP 143 ? A ASP 152 
47 1 Y 1 A PRO 144 ? A PRO 153 
48 1 Y 1 A TYR 145 ? A TYR 154 
49 1 Y 1 A GLU 146 ? A GLU 155 
50 1 Y 1 A ASP 147 ? A ASP 156 
51 1 Y 1 A PHE 148 ? A PHE 157 
52 1 Y 1 A GLN 149 ? A GLN 158 
53 1 Y 1 A GLU 150 ? A GLU 159 
54 1 Y 1 A ASN 151 ? A ASN 160 
55 1 Y 1 A TRP 152 ? A TRP 161 
56 1 Y 1 A ASN 153 ? A ASN 162 
57 1 Y 1 A THR 154 ? A THR 163 
58 1 Y 1 A LYS 155 ? A LYS 164 
59 1 Y 1 A HIS 156 ? A HIS 165 
60 1 Y 1 A SER 157 ? A SER 166 
61 1 Y 1 A SER 158 ? A SER 167 
62 1 Y 1 A GLY 159 ? A GLY 168 
63 1 Y 1 A VAL 160 ? A VAL 169 
64 1 Y 1 A THR 161 ? A THR 170 
65 1 Y 1 A ARG 162 ? A ARG 171 
66 1 Y 1 A GLU 163 ? A GLU 172 
67 1 Y 1 A LEU 164 ? A LEU 173 
68 1 Y 1 A MET 165 ? A MET 174 
69 1 Y 1 A ARG 166 ? A ARG 175 
70 1 Y 1 A GLU 167 ? A GLU 176 
71 1 Y 1 A LEU 168 ? A LEU 177 
72 1 Y 1 A ASN 169 ? A ASN 178 
73 1 Y 1 A GLY 170 ? A GLY 179 
74 1 Y 1 A GLY 171 ? A GLY 180 
# 
loop_
_chem_comp_atom.comp_id 
_chem_comp_atom.atom_id 
_chem_comp_atom.type_symbol 
_chem_comp_atom.pdbx_aromatic_flag 
_chem_comp_atom.pdbx_stereo_config 
_chem_comp_atom.pdbx_ordinal 
ALA N    N N N 1   
ALA CA   C N S 2   
ALA C    C N N 3   
ALA O    O N N 4   
ALA CB   C N N 5   
ALA OXT  O N N 6   
ALA H    H N N 7   
ALA H2   H N N 8   
ALA HA   H N N 9   
ALA HB1  H N N 10  
ALA HB2  H N N 11  
ALA HB3  H N N 12  
ALA HXT  H N N 13  
ARG N    N N N 14  
ARG CA   C N S 15  
ARG C    C N N 16  
ARG O    O N N 17  
ARG CB   C N N 18  
ARG CG   C N N 19  
ARG CD   C N N 20  
ARG NE   N N N 21  
ARG CZ   C N N 22  
ARG NH1  N N N 23  
ARG NH2  N N N 24  
ARG OXT  O N N 25  
ARG H    H N N 26  
ARG H2   H N N 27  
ARG HA   H N N 28  
ARG HB2  H N N 29  
ARG HB3  H N N 30  
ARG HG2  H N N 31  
ARG HG3  H N N 32  
ARG HD2  H N N 33  
ARG HD3  H N N 34  
ARG HE   H N N 35  
ARG HH11 H N N 36  
ARG HH12 H N N 37  
ARG HH21 H N N 38  
ARG HH22 H N N 39  
ARG HXT  H N N 40  
ASN N    N N N 41  
ASN CA   C N S 42  
ASN C    C N N 43  
ASN O    O N N 44  
ASN CB   C N N 45  
ASN CG   C N N 46  
ASN OD1  O N N 47  
ASN ND2  N N N 48  
ASN OXT  O N N 49  
ASN H    H N N 50  
ASN H2   H N N 51  
ASN HA   H N N 52  
ASN HB2  H N N 53  
ASN HB3  H N N 54  
ASN HD21 H N N 55  
ASN HD22 H N N 56  
ASN HXT  H N N 57  
ASP N    N N N 58  
ASP CA   C N S 59  
ASP C    C N N 60  
ASP O    O N N 61  
ASP CB   C N N 62  
ASP CG   C N N 63  
ASP OD1  O N N 64  
ASP OD2  O N N 65  
ASP OXT  O N N 66  
ASP H    H N N 67  
ASP H2   H N N 68  
ASP HA   H N N 69  
ASP HB2  H N N 70  
ASP HB3  H N N 71  
ASP HD2  H N N 72  
ASP HXT  H N N 73  
CYS N    N N N 74  
CYS CA   C N R 75  
CYS C    C N N 76  
CYS O    O N N 77  
CYS CB   C N N 78  
CYS SG   S N N 79  
CYS OXT  O N N 80  
CYS H    H N N 81  
CYS H2   H N N 82  
CYS HA   H N N 83  
CYS HB2  H N N 84  
CYS HB3  H N N 85  
CYS HG   H N N 86  
CYS HXT  H N N 87  
GLN N    N N N 88  
GLN CA   C N S 89  
GLN C    C N N 90  
GLN O    O N N 91  
GLN CB   C N N 92  
GLN CG   C N N 93  
GLN CD   C N N 94  
GLN OE1  O N N 95  
GLN NE2  N N N 96  
GLN OXT  O N N 97  
GLN H    H N N 98  
GLN H2   H N N 99  
GLN HA   H N N 100 
GLN HB2  H N N 101 
GLN HB3  H N N 102 
GLN HG2  H N N 103 
GLN HG3  H N N 104 
GLN HE21 H N N 105 
GLN HE22 H N N 106 
GLN HXT  H N N 107 
GLU N    N N N 108 
GLU CA   C N S 109 
GLU C    C N N 110 
GLU O    O N N 111 
GLU CB   C N N 112 
GLU CG   C N N 113 
GLU CD   C N N 114 
GLU OE1  O N N 115 
GLU OE2  O N N 116 
GLU OXT  O N N 117 
GLU H    H N N 118 
GLU H2   H N N 119 
GLU HA   H N N 120 
GLU HB2  H N N 121 
GLU HB3  H N N 122 
GLU HG2  H N N 123 
GLU HG3  H N N 124 
GLU HE2  H N N 125 
GLU HXT  H N N 126 
GLY N    N N N 127 
GLY CA   C N N 128 
GLY C    C N N 129 
GLY O    O N N 130 
GLY OXT  O N N 131 
GLY H    H N N 132 
GLY H2   H N N 133 
GLY HA2  H N N 134 
GLY HA3  H N N 135 
GLY HXT  H N N 136 
HIS N    N N N 137 
HIS CA   C N S 138 
HIS C    C N N 139 
HIS O    O N N 140 
HIS CB   C N N 141 
HIS CG   C Y N 142 
HIS ND1  N Y N 143 
HIS CD2  C Y N 144 
HIS CE1  C Y N 145 
HIS NE2  N Y N 146 
HIS OXT  O N N 147 
HIS H    H N N 148 
HIS H2   H N N 149 
HIS HA   H N N 150 
HIS HB2  H N N 151 
HIS HB3  H N N 152 
HIS HD1  H N N 153 
HIS HD2  H N N 154 
HIS HE1  H N N 155 
HIS HE2  H N N 156 
HIS HXT  H N N 157 
HOH O    O N N 158 
HOH H1   H N N 159 
HOH H2   H N N 160 
ILE N    N N N 161 
ILE CA   C N S 162 
ILE C    C N N 163 
ILE O    O N N 164 
ILE CB   C N S 165 
ILE CG1  C N N 166 
ILE CG2  C N N 167 
ILE CD1  C N N 168 
ILE OXT  O N N 169 
ILE H    H N N 170 
ILE H2   H N N 171 
ILE HA   H N N 172 
ILE HB   H N N 173 
ILE HG12 H N N 174 
ILE HG13 H N N 175 
ILE HG21 H N N 176 
ILE HG22 H N N 177 
ILE HG23 H N N 178 
ILE HD11 H N N 179 
ILE HD12 H N N 180 
ILE HD13 H N N 181 
ILE HXT  H N N 182 
LEU N    N N N 183 
LEU CA   C N S 184 
LEU C    C N N 185 
LEU O    O N N 186 
LEU CB   C N N 187 
LEU CG   C N N 188 
LEU CD1  C N N 189 
LEU CD2  C N N 190 
LEU OXT  O N N 191 
LEU H    H N N 192 
LEU H2   H N N 193 
LEU HA   H N N 194 
LEU HB2  H N N 195 
LEU HB3  H N N 196 
LEU HG   H N N 197 
LEU HD11 H N N 198 
LEU HD12 H N N 199 
LEU HD13 H N N 200 
LEU HD21 H N N 201 
LEU HD22 H N N 202 
LEU HD23 H N N 203 
LEU HXT  H N N 204 
LYS N    N N N 205 
LYS CA   C N S 206 
LYS C    C N N 207 
LYS O    O N N 208 
LYS CB   C N N 209 
LYS CG   C N N 210 
LYS CD   C N N 211 
LYS CE   C N N 212 
LYS NZ   N N N 213 
LYS OXT  O N N 214 
LYS H    H N N 215 
LYS H2   H N N 216 
LYS HA   H N N 217 
LYS HB2  H N N 218 
LYS HB3  H N N 219 
LYS HG2  H N N 220 
LYS HG3  H N N 221 
LYS HD2  H N N 222 
LYS HD3  H N N 223 
LYS HE2  H N N 224 
LYS HE3  H N N 225 
LYS HZ1  H N N 226 
LYS HZ2  H N N 227 
LYS HZ3  H N N 228 
LYS HXT  H N N 229 
MET N    N N N 230 
MET CA   C N S 231 
MET C    C N N 232 
MET O    O N N 233 
MET CB   C N N 234 
MET CG   C N N 235 
MET SD   S N N 236 
MET CE   C N N 237 
MET OXT  O N N 238 
MET H    H N N 239 
MET H2   H N N 240 
MET HA   H N N 241 
MET HB2  H N N 242 
MET HB3  H N N 243 
MET HG2  H N N 244 
MET HG3  H N N 245 
MET HE1  H N N 246 
MET HE2  H N N 247 
MET HE3  H N N 248 
MET HXT  H N N 249 
PHE N    N N N 250 
PHE CA   C N S 251 
PHE C    C N N 252 
PHE O    O N N 253 
PHE CB   C N N 254 
PHE CG   C Y N 255 
PHE CD1  C Y N 256 
PHE CD2  C Y N 257 
PHE CE1  C Y N 258 
PHE CE2  C Y N 259 
PHE CZ   C Y N 260 
PHE OXT  O N N 261 
PHE H    H N N 262 
PHE H2   H N N 263 
PHE HA   H N N 264 
PHE HB2  H N N 265 
PHE HB3  H N N 266 
PHE HD1  H N N 267 
PHE HD2  H N N 268 
PHE HE1  H N N 269 
PHE HE2  H N N 270 
PHE HZ   H N N 271 
PHE HXT  H N N 272 
PRO N    N N N 273 
PRO CA   C N S 274 
PRO C    C N N 275 
PRO O    O N N 276 
PRO CB   C N N 277 
PRO CG   C N N 278 
PRO CD   C N N 279 
PRO OXT  O N N 280 
PRO H    H N N 281 
PRO HA   H N N 282 
PRO HB2  H N N 283 
PRO HB3  H N N 284 
PRO HG2  H N N 285 
PRO HG3  H N N 286 
PRO HD2  H N N 287 
PRO HD3  H N N 288 
PRO HXT  H N N 289 
SER N    N N N 290 
SER CA   C N S 291 
SER C    C N N 292 
SER O    O N N 293 
SER CB   C N N 294 
SER OG   O N N 295 
SER OXT  O N N 296 
SER H    H N N 297 
SER H2   H N N 298 
SER HA   H N N 299 
SER HB2  H N N 300 
SER HB3  H N N 301 
SER HG   H N N 302 
SER HXT  H N N 303 
THR N    N N N 304 
THR CA   C N S 305 
THR C    C N N 306 
THR O    O N N 307 
THR CB   C N R 308 
THR OG1  O N N 309 
THR CG2  C N N 310 
THR OXT  O N N 311 
THR H    H N N 312 
THR H2   H N N 313 
THR HA   H N N 314 
THR HB   H N N 315 
THR HG1  H N N 316 
THR HG21 H N N 317 
THR HG22 H N N 318 
THR HG23 H N N 319 
THR HXT  H N N 320 
TRP N    N N N 321 
TRP CA   C N S 322 
TRP C    C N N 323 
TRP O    O N N 324 
TRP CB   C N N 325 
TRP CG   C Y N 326 
TRP CD1  C Y N 327 
TRP CD2  C Y N 328 
TRP NE1  N Y N 329 
TRP CE2  C Y N 330 
TRP CE3  C Y N 331 
TRP CZ2  C Y N 332 
TRP CZ3  C Y N 333 
TRP CH2  C Y N 334 
TRP OXT  O N N 335 
TRP H    H N N 336 
TRP H2   H N N 337 
TRP HA   H N N 338 
TRP HB2  H N N 339 
TRP HB3  H N N 340 
TRP HD1  H N N 341 
TRP HE1  H N N 342 
TRP HE3  H N N 343 
TRP HZ2  H N N 344 
TRP HZ3  H N N 345 
TRP HH2  H N N 346 
TRP HXT  H N N 347 
TYR N    N N N 348 
TYR CA   C N S 349 
TYR C    C N N 350 
TYR O    O N N 351 
TYR CB   C N N 352 
TYR CG   C Y N 353 
TYR CD1  C Y N 354 
TYR CD2  C Y N 355 
TYR CE1  C Y N 356 
TYR CE2  C Y N 357 
TYR CZ   C Y N 358 
TYR OH   O N N 359 
TYR OXT  O N N 360 
TYR H    H N N 361 
TYR H2   H N N 362 
TYR HA   H N N 363 
TYR HB2  H N N 364 
TYR HB3  H N N 365 
TYR HD1  H N N 366 
TYR HD2  H N N 367 
TYR HE1  H N N 368 
TYR HE2  H N N 369 
TYR HH   H N N 370 
TYR HXT  H N N 371 
VAL N    N N N 372 
VAL CA   C N S 373 
VAL C    C N N 374 
VAL O    O N N 375 
VAL CB   C N N 376 
VAL CG1  C N N 377 
VAL CG2  C N N 378 
VAL OXT  O N N 379 
VAL H    H N N 380 
VAL H2   H N N 381 
VAL HA   H N N 382 
VAL HB   H N N 383 
VAL HG11 H N N 384 
VAL HG12 H N N 385 
VAL HG13 H N N 386 
VAL HG21 H N N 387 
VAL HG22 H N N 388 
VAL HG23 H N N 389 
VAL HXT  H N N 390 
# 
loop_
_chem_comp_bond.comp_id 
_chem_comp_bond.atom_id_1 
_chem_comp_bond.atom_id_2 
_chem_comp_bond.value_order 
_chem_comp_bond.pdbx_aromatic_flag 
_chem_comp_bond.pdbx_stereo_config 
_chem_comp_bond.pdbx_ordinal 
ALA N   CA   sing N N 1   
ALA N   H    sing N N 2   
ALA N   H2   sing N N 3   
ALA CA  C    sing N N 4   
ALA CA  CB   sing N N 5   
ALA CA  HA   sing N N 6   
ALA C   O    doub N N 7   
ALA C   OXT  sing N N 8   
ALA CB  HB1  sing N N 9   
ALA CB  HB2  sing N N 10  
ALA CB  HB3  sing N N 11  
ALA OXT HXT  sing N N 12  
ARG N   CA   sing N N 13  
ARG N   H    sing N N 14  
ARG N   H2   sing N N 15  
ARG CA  C    sing N N 16  
ARG CA  CB   sing N N 17  
ARG CA  HA   sing N N 18  
ARG C   O    doub N N 19  
ARG C   OXT  sing N N 20  
ARG CB  CG   sing N N 21  
ARG CB  HB2  sing N N 22  
ARG CB  HB3  sing N N 23  
ARG CG  CD   sing N N 24  
ARG CG  HG2  sing N N 25  
ARG CG  HG3  sing N N 26  
ARG CD  NE   sing N N 27  
ARG CD  HD2  sing N N 28  
ARG CD  HD3  sing N N 29  
ARG NE  CZ   sing N N 30  
ARG NE  HE   sing N N 31  
ARG CZ  NH1  sing N N 32  
ARG CZ  NH2  doub N N 33  
ARG NH1 HH11 sing N N 34  
ARG NH1 HH12 sing N N 35  
ARG NH2 HH21 sing N N 36  
ARG NH2 HH22 sing N N 37  
ARG OXT HXT  sing N N 38  
ASN N   CA   sing N N 39  
ASN N   H    sing N N 40  
ASN N   H2   sing N N 41  
ASN CA  C    sing N N 42  
ASN CA  CB   sing N N 43  
ASN CA  HA   sing N N 44  
ASN C   O    doub N N 45  
ASN C   OXT  sing N N 46  
ASN CB  CG   sing N N 47  
ASN CB  HB2  sing N N 48  
ASN CB  HB3  sing N N 49  
ASN CG  OD1  doub N N 50  
ASN CG  ND2  sing N N 51  
ASN ND2 HD21 sing N N 52  
ASN ND2 HD22 sing N N 53  
ASN OXT HXT  sing N N 54  
ASP N   CA   sing N N 55  
ASP N   H    sing N N 56  
ASP N   H2   sing N N 57  
ASP CA  C    sing N N 58  
ASP CA  CB   sing N N 59  
ASP CA  HA   sing N N 60  
ASP C   O    doub N N 61  
ASP C   OXT  sing N N 62  
ASP CB  CG   sing N N 63  
ASP CB  HB2  sing N N 64  
ASP CB  HB3  sing N N 65  
ASP CG  OD1  doub N N 66  
ASP CG  OD2  sing N N 67  
ASP OD2 HD2  sing N N 68  
ASP OXT HXT  sing N N 69  
CYS N   CA   sing N N 70  
CYS N   H    sing N N 71  
CYS N   H2   sing N N 72  
CYS CA  C    sing N N 73  
CYS CA  CB   sing N N 74  
CYS CA  HA   sing N N 75  
CYS C   O    doub N N 76  
CYS C   OXT  sing N N 77  
CYS CB  SG   sing N N 78  
CYS CB  HB2  sing N N 79  
CYS CB  HB3  sing N N 80  
CYS SG  HG   sing N N 81  
CYS OXT HXT  sing N N 82  
GLN N   CA   sing N N 83  
GLN N   H    sing N N 84  
GLN N   H2   sing N N 85  
GLN CA  C    sing N N 86  
GLN CA  CB   sing N N 87  
GLN CA  HA   sing N N 88  
GLN C   O    doub N N 89  
GLN C   OXT  sing N N 90  
GLN CB  CG   sing N N 91  
GLN CB  HB2  sing N N 92  
GLN CB  HB3  sing N N 93  
GLN CG  CD   sing N N 94  
GLN CG  HG2  sing N N 95  
GLN CG  HG3  sing N N 96  
GLN CD  OE1  doub N N 97  
GLN CD  NE2  sing N N 98  
GLN NE2 HE21 sing N N 99  
GLN NE2 HE22 sing N N 100 
GLN OXT HXT  sing N N 101 
GLU N   CA   sing N N 102 
GLU N   H    sing N N 103 
GLU N   H2   sing N N 104 
GLU CA  C    sing N N 105 
GLU CA  CB   sing N N 106 
GLU CA  HA   sing N N 107 
GLU C   O    doub N N 108 
GLU C   OXT  sing N N 109 
GLU CB  CG   sing N N 110 
GLU CB  HB2  sing N N 111 
GLU CB  HB3  sing N N 112 
GLU CG  CD   sing N N 113 
GLU CG  HG2  sing N N 114 
GLU CG  HG3  sing N N 115 
GLU CD  OE1  doub N N 116 
GLU CD  OE2  sing N N 117 
GLU OE2 HE2  sing N N 118 
GLU OXT HXT  sing N N 119 
GLY N   CA   sing N N 120 
GLY N   H    sing N N 121 
GLY N   H2   sing N N 122 
GLY CA  C    sing N N 123 
GLY CA  HA2  sing N N 124 
GLY CA  HA3  sing N N 125 
GLY C   O    doub N N 126 
GLY C   OXT  sing N N 127 
GLY OXT HXT  sing N N 128 
HIS N   CA   sing N N 129 
HIS N   H    sing N N 130 
HIS N   H2   sing N N 131 
HIS CA  C    sing N N 132 
HIS CA  CB   sing N N 133 
HIS CA  HA   sing N N 134 
HIS C   O    doub N N 135 
HIS C   OXT  sing N N 136 
HIS CB  CG   sing N N 137 
HIS CB  HB2  sing N N 138 
HIS CB  HB3  sing N N 139 
HIS CG  ND1  sing Y N 140 
HIS CG  CD2  doub Y N 141 
HIS ND1 CE1  doub Y N 142 
HIS ND1 HD1  sing N N 143 
HIS CD2 NE2  sing Y N 144 
HIS CD2 HD2  sing N N 145 
HIS CE1 NE2  sing Y N 146 
HIS CE1 HE1  sing N N 147 
HIS NE2 HE2  sing N N 148 
HIS OXT HXT  sing N N 149 
HOH O   H1   sing N N 150 
HOH O   H2   sing N N 151 
ILE N   CA   sing N N 152 
ILE N   H    sing N N 153 
ILE N   H2   sing N N 154 
ILE CA  C    sing N N 155 
ILE CA  CB   sing N N 156 
ILE CA  HA   sing N N 157 
ILE C   O    doub N N 158 
ILE C   OXT  sing N N 159 
ILE CB  CG1  sing N N 160 
ILE CB  CG2  sing N N 161 
ILE CB  HB   sing N N 162 
ILE CG1 CD1  sing N N 163 
ILE CG1 HG12 sing N N 164 
ILE CG1 HG13 sing N N 165 
ILE CG2 HG21 sing N N 166 
ILE CG2 HG22 sing N N 167 
ILE CG2 HG23 sing N N 168 
ILE CD1 HD11 sing N N 169 
ILE CD1 HD12 sing N N 170 
ILE CD1 HD13 sing N N 171 
ILE OXT HXT  sing N N 172 
LEU N   CA   sing N N 173 
LEU N   H    sing N N 174 
LEU N   H2   sing N N 175 
LEU CA  C    sing N N 176 
LEU CA  CB   sing N N 177 
LEU CA  HA   sing N N 178 
LEU C   O    doub N N 179 
LEU C   OXT  sing N N 180 
LEU CB  CG   sing N N 181 
LEU CB  HB2  sing N N 182 
LEU CB  HB3  sing N N 183 
LEU CG  CD1  sing N N 184 
LEU CG  CD2  sing N N 185 
LEU CG  HG   sing N N 186 
LEU CD1 HD11 sing N N 187 
LEU CD1 HD12 sing N N 188 
LEU CD1 HD13 sing N N 189 
LEU CD2 HD21 sing N N 190 
LEU CD2 HD22 sing N N 191 
LEU CD2 HD23 sing N N 192 
LEU OXT HXT  sing N N 193 
LYS N   CA   sing N N 194 
LYS N   H    sing N N 195 
LYS N   H2   sing N N 196 
LYS CA  C    sing N N 197 
LYS CA  CB   sing N N 198 
LYS CA  HA   sing N N 199 
LYS C   O    doub N N 200 
LYS C   OXT  sing N N 201 
LYS CB  CG   sing N N 202 
LYS CB  HB2  sing N N 203 
LYS CB  HB3  sing N N 204 
LYS CG  CD   sing N N 205 
LYS CG  HG2  sing N N 206 
LYS CG  HG3  sing N N 207 
LYS CD  CE   sing N N 208 
LYS CD  HD2  sing N N 209 
LYS CD  HD3  sing N N 210 
LYS CE  NZ   sing N N 211 
LYS CE  HE2  sing N N 212 
LYS CE  HE3  sing N N 213 
LYS NZ  HZ1  sing N N 214 
LYS NZ  HZ2  sing N N 215 
LYS NZ  HZ3  sing N N 216 
LYS OXT HXT  sing N N 217 
MET N   CA   sing N N 218 
MET N   H    sing N N 219 
MET N   H2   sing N N 220 
MET CA  C    sing N N 221 
MET CA  CB   sing N N 222 
MET CA  HA   sing N N 223 
MET C   O    doub N N 224 
MET C   OXT  sing N N 225 
MET CB  CG   sing N N 226 
MET CB  HB2  sing N N 227 
MET CB  HB3  sing N N 228 
MET CG  SD   sing N N 229 
MET CG  HG2  sing N N 230 
MET CG  HG3  sing N N 231 
MET SD  CE   sing N N 232 
MET CE  HE1  sing N N 233 
MET CE  HE2  sing N N 234 
MET CE  HE3  sing N N 235 
MET OXT HXT  sing N N 236 
PHE N   CA   sing N N 237 
PHE N   H    sing N N 238 
PHE N   H2   sing N N 239 
PHE CA  C    sing N N 240 
PHE CA  CB   sing N N 241 
PHE CA  HA   sing N N 242 
PHE C   O    doub N N 243 
PHE C   OXT  sing N N 244 
PHE CB  CG   sing N N 245 
PHE CB  HB2  sing N N 246 
PHE CB  HB3  sing N N 247 
PHE CG  CD1  doub Y N 248 
PHE CG  CD2  sing Y N 249 
PHE CD1 CE1  sing Y N 250 
PHE CD1 HD1  sing N N 251 
PHE CD2 CE2  doub Y N 252 
PHE CD2 HD2  sing N N 253 
PHE CE1 CZ   doub Y N 254 
PHE CE1 HE1  sing N N 255 
PHE CE2 CZ   sing Y N 256 
PHE CE2 HE2  sing N N 257 
PHE CZ  HZ   sing N N 258 
PHE OXT HXT  sing N N 259 
PRO N   CA   sing N N 260 
PRO N   CD   sing N N 261 
PRO N   H    sing N N 262 
PRO CA  C    sing N N 263 
PRO CA  CB   sing N N 264 
PRO CA  HA   sing N N 265 
PRO C   O    doub N N 266 
PRO C   OXT  sing N N 267 
PRO CB  CG   sing N N 268 
PRO CB  HB2  sing N N 269 
PRO CB  HB3  sing N N 270 
PRO CG  CD   sing N N 271 
PRO CG  HG2  sing N N 272 
PRO CG  HG3  sing N N 273 
PRO CD  HD2  sing N N 274 
PRO CD  HD3  sing N N 275 
PRO OXT HXT  sing N N 276 
SER N   CA   sing N N 277 
SER N   H    sing N N 278 
SER N   H2   sing N N 279 
SER CA  C    sing N N 280 
SER CA  CB   sing N N 281 
SER CA  HA   sing N N 282 
SER C   O    doub N N 283 
SER C   OXT  sing N N 284 
SER CB  OG   sing N N 285 
SER CB  HB2  sing N N 286 
SER CB  HB3  sing N N 287 
SER OG  HG   sing N N 288 
SER OXT HXT  sing N N 289 
THR N   CA   sing N N 290 
THR N   H    sing N N 291 
THR N   H2   sing N N 292 
THR CA  C    sing N N 293 
THR CA  CB   sing N N 294 
THR CA  HA   sing N N 295 
THR C   O    doub N N 296 
THR C   OXT  sing N N 297 
THR CB  OG1  sing N N 298 
THR CB  CG2  sing N N 299 
THR CB  HB   sing N N 300 
THR OG1 HG1  sing N N 301 
THR CG2 HG21 sing N N 302 
THR CG2 HG22 sing N N 303 
THR CG2 HG23 sing N N 304 
THR OXT HXT  sing N N 305 
TRP N   CA   sing N N 306 
TRP N   H    sing N N 307 
TRP N   H2   sing N N 308 
TRP CA  C    sing N N 309 
TRP CA  CB   sing N N 310 
TRP CA  HA   sing N N 311 
TRP C   O    doub N N 312 
TRP C   OXT  sing N N 313 
TRP CB  CG   sing N N 314 
TRP CB  HB2  sing N N 315 
TRP CB  HB3  sing N N 316 
TRP CG  CD1  doub Y N 317 
TRP CG  CD2  sing Y N 318 
TRP CD1 NE1  sing Y N 319 
TRP CD1 HD1  sing N N 320 
TRP CD2 CE2  doub Y N 321 
TRP CD2 CE3  sing Y N 322 
TRP NE1 CE2  sing Y N 323 
TRP NE1 HE1  sing N N 324 
TRP CE2 CZ2  sing Y N 325 
TRP CE3 CZ3  doub Y N 326 
TRP CE3 HE3  sing N N 327 
TRP CZ2 CH2  doub Y N 328 
TRP CZ2 HZ2  sing N N 329 
TRP CZ3 CH2  sing Y N 330 
TRP CZ3 HZ3  sing N N 331 
TRP CH2 HH2  sing N N 332 
TRP OXT HXT  sing N N 333 
TYR N   CA   sing N N 334 
TYR N   H    sing N N 335 
TYR N   H2   sing N N 336 
TYR CA  C    sing N N 337 
TYR CA  CB   sing N N 338 
TYR CA  HA   sing N N 339 
TYR C   O    doub N N 340 
TYR C   OXT  sing N N 341 
TYR CB  CG   sing N N 342 
TYR CB  HB2  sing N N 343 
TYR CB  HB3  sing N N 344 
TYR CG  CD1  doub Y N 345 
TYR CG  CD2  sing Y N 346 
TYR CD1 CE1  sing Y N 347 
TYR CD1 HD1  sing N N 348 
TYR CD2 CE2  doub Y N 349 
TYR CD2 HD2  sing N N 350 
TYR CE1 CZ   doub Y N 351 
TYR CE1 HE1  sing N N 352 
TYR CE2 CZ   sing Y N 353 
TYR CE2 HE2  sing N N 354 
TYR CZ  OH   sing N N 355 
TYR OH  HH   sing N N 356 
TYR OXT HXT  sing N N 357 
VAL N   CA   sing N N 358 
VAL N   H    sing N N 359 
VAL N   H2   sing N N 360 
VAL CA  C    sing N N 361 
VAL CA  CB   sing N N 362 
VAL CA  HA   sing N N 363 
VAL C   O    doub N N 364 
VAL C   OXT  sing N N 365 
VAL CB  CG1  sing N N 366 
VAL CB  CG2  sing N N 367 
VAL CB  HB   sing N N 368 
VAL CG1 HG11 sing N N 369 
VAL CG1 HG12 sing N N 370 
VAL CG1 HG13 sing N N 371 
VAL CG2 HG21 sing N N 372 
VAL CG2 HG22 sing N N 373 
VAL CG2 HG23 sing N N 374 
VAL OXT HXT  sing N N 375 
# 
_pdbx_audit_support.funding_organization   
'National Institutes of Health/National Institute Of Allergy and Infectious Diseases (NIH/NIAID)' 
_pdbx_audit_support.country                'United States' 
_pdbx_audit_support.grant_number           ? 
_pdbx_audit_support.ordinal                1 
# 
_pdbx_entity_nonpoly.entity_id   2 
_pdbx_entity_nonpoly.name        water 
_pdbx_entity_nonpoly.comp_id     HOH 
# 
_pdbx_initial_refinement_model.id               1 
_pdbx_initial_refinement_model.entity_id_list   ? 
_pdbx_initial_refinement_model.type             'experimental model' 
_pdbx_initial_refinement_model.source_name      PDB 
_pdbx_initial_refinement_model.accession_code   2HSX 
_pdbx_initial_refinement_model.details          ? 
# 
_pdbx_struct_assembly_auth_evidence.id                     1 
_pdbx_struct_assembly_auth_evidence.assembly_id            1 
_pdbx_struct_assembly_auth_evidence.experimental_support   'gel filtration' 
_pdbx_struct_assembly_auth_evidence.details                ? 
# 
_space_group.name_H-M_alt     'P 43 21 2' 
_space_group.name_Hall        'P 4nw 2abw' 
_space_group.IT_number        96 
_space_group.crystal_system   tetragonal 
_space_group.id               1 
# 
